data_3T94
#
_entry.id   3T94
#
_cell.length_a   135.160
_cell.length_b   138.093
_cell.length_c   96.560
_cell.angle_alpha   90.00
_cell.angle_beta   92.21
_cell.angle_gamma   90.00
#
_symmetry.space_group_name_H-M   'C 1 2 1'
#
loop_
_entity.id
_entity.type
_entity.pdbx_description
1 polymer "5'-methylthioadenosine phosphorylase (MtaP)"
2 non-polymer "5'-DEOXY-5'-METHYLTHIOADENOSINE"
3 non-polymer 'SULFATE ION'
4 water water
#
_entity_poly.entity_id   1
_entity_poly.type   'polypeptide(L)'
_entity_poly.pdbx_seq_one_letter_code
;MIEQNEKASIGIIGGSGLYDPGIFSESKEIKVYTPYGQPSDFITIGKIGNKSVAFLPRHGRGHRIPPHKINYRANIWALK
ELGVRWVISVSAVGSLRMDYKLGDFVIPDQFIDMTKNREYSFFDGPVVAHVSMADPFCNSLRKLAIETAKELNIKTHESG
TYICIEGPRFSTRAESRTWREVYKADIIGMTLVPEVNLACEAQMCYATIAMVTDYDVFAEIPVTAEEVTRVMAENTEKAK
KLLYALIQKLPEKPEEGSCSCCNSLKTALV
;
_entity_poly.pdbx_strand_id   A,B,C,D,E,F
#
# COMPACT_ATOMS: atom_id res chain seq x y z
N MET A 1 -4.94 -48.12 -14.48
CA MET A 1 -4.36 -48.01 -15.81
C MET A 1 -4.52 -49.29 -16.61
N ILE A 2 -5.01 -50.34 -15.96
CA ILE A 2 -5.40 -51.53 -16.70
C ILE A 2 -6.79 -51.97 -16.27
N GLU A 3 -7.48 -52.63 -17.18
CA GLU A 3 -8.82 -53.13 -16.91
C GLU A 3 -8.72 -54.40 -16.08
N GLN A 4 -9.36 -54.40 -14.92
CA GLN A 4 -9.37 -55.59 -14.09
C GLN A 4 -10.57 -56.47 -14.44
N ASN A 5 -10.29 -57.64 -15.00
CA ASN A 5 -11.34 -58.55 -15.43
C ASN A 5 -11.88 -59.42 -14.28
N GLU A 6 -11.02 -59.71 -13.32
CA GLU A 6 -11.41 -60.51 -12.16
C GLU A 6 -12.38 -59.74 -11.29
N LYS A 7 -13.34 -60.44 -10.69
CA LYS A 7 -14.32 -59.79 -9.81
C LYS A 7 -14.58 -60.60 -8.55
N ALA A 8 -14.74 -59.90 -7.44
CA ALA A 8 -15.14 -60.49 -6.16
C ALA A 8 -15.97 -59.46 -5.40
N SER A 9 -17.00 -59.92 -4.69
CA SER A 9 -17.84 -59.02 -3.92
C SER A 9 -17.43 -58.97 -2.46
N ILE A 10 -16.67 -59.97 -2.03
CA ILE A 10 -16.22 -60.08 -0.65
C ILE A 10 -14.70 -60.18 -0.59
N GLY A 11 -14.11 -59.39 0.30
CA GLY A 11 -12.68 -59.43 0.53
C GLY A 11 -12.37 -59.83 1.96
N ILE A 12 -11.38 -60.69 2.12
CA ILE A 12 -10.91 -61.11 3.43
C ILE A 12 -9.49 -60.62 3.60
N ILE A 13 -9.22 -59.87 4.65
CA ILE A 13 -7.84 -59.49 4.94
C ILE A 13 -7.39 -60.28 6.16
N GLY A 14 -6.40 -61.14 5.97
CA GLY A 14 -5.94 -62.01 7.04
C GLY A 14 -4.75 -61.43 7.78
N GLY A 15 -4.77 -61.57 9.09
CA GLY A 15 -3.71 -61.06 9.93
C GLY A 15 -2.70 -62.12 10.34
N SER A 16 -2.11 -61.93 11.52
CA SER A 16 -1.11 -62.87 12.02
C SER A 16 -1.66 -64.29 12.10
N GLY A 17 -0.85 -65.24 11.64
CA GLY A 17 -1.20 -66.64 11.73
C GLY A 17 -2.29 -67.09 10.76
N LEU A 18 -2.69 -66.20 9.86
CA LEU A 18 -3.72 -66.55 8.88
C LEU A 18 -3.28 -66.29 7.45
N TYR A 19 -2.10 -66.77 7.10
CA TYR A 19 -1.63 -66.67 5.73
C TYR A 19 -2.49 -67.56 4.83
N ASP A 20 -2.88 -68.72 5.34
CA ASP A 20 -3.76 -69.63 4.63
C ASP A 20 -5.10 -69.66 5.33
N PRO A 21 -6.11 -69.02 4.72
CA PRO A 21 -7.44 -68.88 5.34
C PRO A 21 -8.20 -70.20 5.43
N GLY A 22 -7.81 -71.18 4.62
CA GLY A 22 -8.45 -72.48 4.64
C GLY A 22 -9.94 -72.44 4.36
N ILE A 23 -10.34 -71.58 3.43
CA ILE A 23 -11.76 -71.43 3.08
C ILE A 23 -12.02 -71.77 1.61
N PHE A 24 -10.97 -71.81 0.80
CA PHE A 24 -11.14 -72.00 -0.64
C PHE A 24 -11.18 -73.46 -1.04
N SER A 25 -11.99 -73.76 -2.05
CA SER A 25 -11.96 -75.09 -2.67
C SER A 25 -11.05 -75.05 -3.88
N GLU A 26 -11.41 -74.22 -4.86
CA GLU A 26 -10.53 -73.92 -5.99
C GLU A 26 -10.22 -72.43 -5.98
N SER A 27 -9.01 -72.05 -6.34
CA SER A 27 -8.60 -70.65 -6.30
C SER A 27 -7.34 -70.43 -7.13
N LYS A 28 -7.02 -69.17 -7.39
CA LYS A 28 -5.81 -68.81 -8.08
C LYS A 28 -5.27 -67.52 -7.51
N GLU A 29 -4.00 -67.26 -7.78
CA GLU A 29 -3.37 -66.03 -7.31
C GLU A 29 -3.23 -65.06 -8.46
N ILE A 30 -3.59 -63.80 -8.21
CA ILE A 30 -3.54 -62.77 -9.24
C ILE A 30 -2.77 -61.54 -8.77
N LYS A 31 -2.17 -60.86 -9.73
CA LYS A 31 -1.53 -59.57 -9.48
C LYS A 31 -2.55 -58.49 -9.83
N VAL A 32 -2.71 -57.53 -8.93
CA VAL A 32 -3.69 -56.47 -9.16
C VAL A 32 -2.98 -55.11 -9.22
N TYR A 33 -3.24 -54.37 -10.28
CA TYR A 33 -2.68 -53.03 -10.44
C TYR A 33 -3.16 -52.07 -9.35
N THR A 34 -2.24 -51.29 -8.78
CA THR A 34 -2.63 -50.11 -8.00
C THR A 34 -1.66 -48.97 -8.26
N PRO A 35 -2.14 -47.73 -8.14
CA PRO A 35 -1.28 -46.56 -8.33
C PRO A 35 -0.41 -46.30 -7.09
N TYR A 36 -0.53 -47.14 -6.08
CA TYR A 36 0.25 -47.05 -4.86
C TYR A 36 1.31 -48.14 -4.79
N GLY A 37 1.49 -48.88 -5.88
CA GLY A 37 2.48 -49.94 -5.87
C GLY A 37 1.93 -51.25 -5.32
N GLN A 38 2.79 -51.96 -4.58
CA GLN A 38 2.56 -53.37 -4.26
C GLN A 38 1.58 -53.61 -3.13
N PRO A 39 0.50 -54.36 -3.38
CA PRO A 39 -0.22 -54.97 -2.27
C PRO A 39 0.69 -55.94 -1.51
N SER A 40 0.27 -56.33 -0.31
CA SER A 40 1.09 -57.20 0.52
C SER A 40 1.49 -58.51 -0.12
N ASP A 41 0.66 -59.01 -1.04
CA ASP A 41 0.93 -60.29 -1.70
C ASP A 41 0.03 -60.32 -2.93
N PHE A 42 0.19 -61.38 -3.71
N PHE A 42 0.17 -61.38 -3.72
CA PHE A 42 -0.81 -61.74 -4.71
CA PHE A 42 -0.82 -61.61 -4.77
C PHE A 42 -2.15 -61.82 -4.00
C PHE A 42 -2.14 -61.92 -4.08
N ILE A 43 -3.23 -61.54 -4.72
CA ILE A 43 -4.56 -61.75 -4.17
C ILE A 43 -5.04 -63.14 -4.58
N THR A 44 -5.54 -63.90 -3.61
CA THR A 44 -6.12 -65.19 -3.89
C THR A 44 -7.60 -64.99 -4.18
N ILE A 45 -8.05 -65.48 -5.33
CA ILE A 45 -9.46 -65.34 -5.68
C ILE A 45 -10.08 -66.71 -6.00
N GLY A 46 -11.31 -66.91 -5.53
CA GLY A 46 -12.00 -68.18 -5.71
C GLY A 46 -13.45 -68.12 -5.25
N LYS A 47 -14.21 -69.16 -5.55
CA LYS A 47 -15.63 -69.19 -5.22
C LYS A 47 -15.89 -69.93 -3.91
N ILE A 48 -16.77 -69.37 -3.10
CA ILE A 48 -17.26 -70.07 -1.91
C ILE A 48 -18.77 -69.90 -1.86
N GLY A 49 -19.49 -71.02 -1.81
CA GLY A 49 -20.92 -70.96 -2.02
C GLY A 49 -21.15 -70.23 -3.32
N ASN A 50 -22.08 -69.28 -3.33
CA ASN A 50 -22.37 -68.53 -4.54
C ASN A 50 -21.55 -67.24 -4.64
N LYS A 51 -20.52 -67.15 -3.80
CA LYS A 51 -19.74 -65.91 -3.66
C LYS A 51 -18.34 -66.01 -4.28
N SER A 52 -17.97 -64.99 -5.05
CA SER A 52 -16.59 -64.85 -5.47
C SER A 52 -15.86 -64.06 -4.37
N VAL A 53 -14.82 -64.66 -3.81
CA VAL A 53 -14.12 -64.05 -2.67
C VAL A 53 -12.66 -63.79 -2.97
N ALA A 54 -12.16 -62.64 -2.55
CA ALA A 54 -10.75 -62.26 -2.66
C ALA A 54 -10.10 -62.28 -1.30
N PHE A 55 -8.90 -62.85 -1.21
CA PHE A 55 -8.17 -62.92 0.05
C PHE A 55 -6.79 -62.30 -0.07
N LEU A 56 -6.40 -61.56 0.97
CA LEU A 56 -5.12 -60.89 1.02
C LEU A 56 -4.54 -61.07 2.42
N PRO A 57 -3.33 -61.64 2.55
CA PRO A 57 -2.68 -61.66 3.87
C PRO A 57 -1.93 -60.34 4.09
N ARG A 58 -2.32 -59.55 5.07
CA ARG A 58 -1.75 -58.20 5.13
C ARG A 58 -0.24 -58.17 5.42
N HIS A 59 0.28 -59.20 6.07
CA HIS A 59 1.73 -59.26 6.31
C HIS A 59 2.53 -59.93 5.20
N GLY A 60 1.83 -60.43 4.18
CA GLY A 60 2.48 -61.06 3.05
C GLY A 60 2.99 -62.46 3.35
N ARG A 61 3.59 -63.06 2.32
CA ARG A 61 4.22 -64.38 2.41
C ARG A 61 5.25 -64.40 3.54
N GLY A 62 5.19 -65.44 4.37
CA GLY A 62 6.15 -65.60 5.44
C GLY A 62 6.11 -64.51 6.50
N HIS A 63 4.98 -63.80 6.60
CA HIS A 63 4.86 -62.66 7.53
C HIS A 63 6.05 -61.72 7.39
N ARG A 64 6.32 -61.31 6.16
CA ARG A 64 7.51 -60.52 5.87
C ARG A 64 7.32 -59.02 6.06
N ILE A 65 6.08 -58.56 6.21
CA ILE A 65 5.82 -57.11 6.29
C ILE A 65 5.27 -56.72 7.66
N PRO A 66 5.99 -55.85 8.39
CA PRO A 66 5.50 -55.41 9.70
C PRO A 66 4.41 -54.35 9.54
N PRO A 67 3.60 -54.12 10.58
CA PRO A 67 2.44 -53.23 10.47
C PRO A 67 2.78 -51.83 9.96
N HIS A 68 3.92 -51.29 10.39
CA HIS A 68 4.27 -49.92 9.98
C HIS A 68 4.67 -49.80 8.51
N LYS A 69 4.93 -50.92 7.85
CA LYS A 69 5.33 -50.90 6.44
C LYS A 69 4.28 -51.47 5.48
N ILE A 70 3.13 -51.86 6.01
CA ILE A 70 2.08 -52.40 5.14
C ILE A 70 1.59 -51.29 4.21
N ASN A 71 1.40 -51.63 2.94
CA ASN A 71 0.88 -50.70 1.95
C ASN A 71 -0.64 -50.74 1.99
N TYR A 72 -1.19 -50.09 3.00
CA TYR A 72 -2.63 -50.12 3.23
C TYR A 72 -3.39 -49.58 2.04
N ARG A 73 -2.88 -48.51 1.43
CA ARG A 73 -3.57 -47.93 0.28
C ARG A 73 -3.61 -48.92 -0.90
N ALA A 74 -2.49 -49.59 -1.18
CA ALA A 74 -2.47 -50.58 -2.25
C ALA A 74 -3.41 -51.75 -1.96
N ASN A 75 -3.43 -52.21 -0.71
CA ASN A 75 -4.32 -53.33 -0.38
C ASN A 75 -5.79 -52.99 -0.61
N ILE A 76 -6.23 -51.83 -0.12
CA ILE A 76 -7.62 -51.45 -0.25
C ILE A 76 -7.96 -51.08 -1.70
N TRP A 77 -7.04 -50.38 -2.38
CA TRP A 77 -7.25 -50.10 -3.80
C TRP A 77 -7.45 -51.38 -4.62
N ALA A 78 -6.61 -52.38 -4.37
CA ALA A 78 -6.69 -53.64 -5.09
C ALA A 78 -8.05 -54.29 -4.89
N LEU A 79 -8.53 -54.31 -3.66
CA LEU A 79 -9.86 -54.87 -3.39
C LEU A 79 -10.95 -54.07 -4.10
N LYS A 80 -10.84 -52.74 -4.11
CA LYS A 80 -11.81 -51.91 -4.81
C LYS A 80 -11.84 -52.22 -6.31
N GLU A 81 -10.67 -52.41 -6.90
CA GLU A 81 -10.58 -52.73 -8.33
C GLU A 81 -11.27 -54.04 -8.67
N LEU A 82 -11.30 -54.95 -7.71
CA LEU A 82 -11.99 -56.23 -7.89
C LEU A 82 -13.50 -56.14 -7.68
N GLY A 83 -13.99 -55.00 -7.21
CA GLY A 83 -15.42 -54.82 -6.98
C GLY A 83 -15.88 -55.24 -5.60
N VAL A 84 -14.94 -55.35 -4.67
CA VAL A 84 -15.26 -55.80 -3.33
C VAL A 84 -16.19 -54.80 -2.63
N ARG A 85 -17.25 -55.31 -2.00
CA ARG A 85 -18.20 -54.48 -1.26
C ARG A 85 -18.13 -54.74 0.24
N TRP A 86 -17.82 -55.98 0.62
CA TRP A 86 -17.69 -56.38 2.02
C TRP A 86 -16.24 -56.71 2.30
N VAL A 87 -15.69 -56.17 3.39
CA VAL A 87 -14.34 -56.50 3.82
C VAL A 87 -14.36 -57.05 5.24
N ILE A 88 -13.93 -58.30 5.39
CA ILE A 88 -13.81 -58.94 6.69
C ILE A 88 -12.34 -59.02 7.06
N SER A 89 -11.95 -58.30 8.11
CA SER A 89 -10.60 -58.39 8.65
C SER A 89 -10.55 -59.41 9.77
N VAL A 90 -9.54 -60.27 9.78
CA VAL A 90 -9.31 -61.18 10.91
C VAL A 90 -7.95 -60.83 11.50
N SER A 91 -7.95 -60.46 12.79
N SER A 91 -7.94 -60.42 12.77
CA SER A 91 -6.75 -59.87 13.42
CA SER A 91 -6.68 -60.01 13.35
C SER A 91 -6.47 -60.40 14.82
C SER A 91 -6.41 -60.63 14.71
N ALA A 92 -5.18 -60.50 15.15
CA ALA A 92 -4.74 -60.89 16.47
C ALA A 92 -4.65 -59.63 17.31
N VAL A 93 -5.21 -59.67 18.52
CA VAL A 93 -5.13 -58.51 19.41
C VAL A 93 -4.73 -58.90 20.82
N GLY A 94 -4.18 -57.94 21.55
CA GLY A 94 -4.01 -58.12 22.98
C GLY A 94 -5.27 -57.69 23.71
N SER A 95 -5.53 -58.31 24.85
CA SER A 95 -6.61 -57.88 25.71
C SER A 95 -6.07 -56.97 26.80
N LEU A 96 -6.75 -55.86 27.01
CA LEU A 96 -6.43 -54.93 28.10
C LEU A 96 -7.32 -55.15 29.32
N ARG A 97 -8.10 -56.22 29.31
CA ARG A 97 -9.01 -56.52 30.42
C ARG A 97 -9.07 -58.02 30.70
N MET A 98 -8.96 -58.41 31.98
CA MET A 98 -8.78 -59.82 32.30
C MET A 98 -10.03 -60.69 32.09
N ASP A 99 -11.17 -60.07 31.81
CA ASP A 99 -12.35 -60.85 31.36
C ASP A 99 -12.44 -61.09 29.84
N TYR A 100 -11.61 -60.43 29.03
CA TYR A 100 -11.46 -60.81 27.62
C TYR A 100 -10.29 -61.78 27.56
N LYS A 101 -10.60 -63.08 27.52
CA LYS A 101 -9.61 -64.13 27.74
C LYS A 101 -9.00 -64.69 26.45
N LEU A 102 -7.88 -65.39 26.58
CA LEU A 102 -7.18 -65.92 25.41
C LEU A 102 -8.10 -66.83 24.59
N GLY A 103 -8.14 -66.58 23.29
CA GLY A 103 -8.96 -67.40 22.41
C GLY A 103 -10.37 -66.86 22.21
N ASP A 104 -10.76 -65.91 23.04
CA ASP A 104 -12.06 -65.25 22.87
C ASP A 104 -11.98 -64.41 21.59
N PHE A 105 -13.07 -64.38 20.84
CA PHE A 105 -13.21 -63.39 19.77
C PHE A 105 -13.83 -62.11 20.30
N VAL A 106 -13.53 -61.02 19.62
CA VAL A 106 -14.10 -59.70 19.90
C VAL A 106 -14.49 -59.08 18.55
N ILE A 107 -15.71 -58.54 18.50
CA ILE A 107 -16.16 -57.79 17.33
C ILE A 107 -16.20 -56.32 17.73
N PRO A 108 -15.08 -55.61 17.58
CA PRO A 108 -15.06 -54.23 18.11
C PRO A 108 -16.05 -53.31 17.42
N ASP A 109 -16.52 -52.30 18.14
CA ASP A 109 -17.42 -51.31 17.56
C ASP A 109 -16.80 -49.90 17.53
N GLN A 110 -15.63 -49.74 18.15
CA GLN A 110 -14.98 -48.43 18.20
C GLN A 110 -13.47 -48.60 18.08
N PHE A 111 -12.78 -47.51 17.78
CA PHE A 111 -11.32 -47.53 17.85
C PHE A 111 -10.76 -46.19 18.31
N ILE A 112 -9.52 -46.23 18.76
CA ILE A 112 -8.74 -45.04 19.07
C ILE A 112 -7.41 -45.18 18.33
N ASP A 113 -7.07 -44.16 17.54
CA ASP A 113 -5.87 -44.20 16.69
C ASP A 113 -4.65 -43.57 17.38
N MET A 114 -3.71 -44.40 17.78
CA MET A 114 -2.44 -43.92 18.33
C MET A 114 -1.27 -44.20 17.39
N THR A 115 -1.56 -44.43 16.12
CA THR A 115 -0.48 -44.60 15.14
C THR A 115 0.25 -43.28 14.90
N LYS A 116 1.41 -43.38 14.27
N LYS A 116 1.39 -43.36 14.24
CA LYS A 116 2.35 -42.25 14.22
CA LYS A 116 2.16 -42.18 13.91
C LYS A 116 2.78 -41.85 12.79
C LYS A 116 2.66 -42.35 12.47
N ASN A 117 3.18 -42.83 11.98
N ASN A 117 2.63 -41.28 11.68
CA ASN A 117 3.68 -42.53 10.63
CA ASN A 117 3.35 -41.24 10.40
C ASN A 117 3.09 -43.39 9.52
C ASN A 117 2.99 -42.28 9.32
N ARG A 118 1.79 -43.26 9.33
N ARG A 118 1.76 -42.80 9.34
CA ARG A 118 1.06 -43.96 8.28
CA ARG A 118 1.30 -43.66 8.24
C ARG A 118 0.54 -42.92 7.27
C ARG A 118 0.57 -42.80 7.21
N GLU A 119 0.12 -43.42 6.12
CA GLU A 119 -0.62 -42.63 5.12
C GLU A 119 -2.10 -42.93 5.32
N TYR A 120 -2.86 -41.91 5.69
CA TYR A 120 -4.19 -42.14 6.23
C TYR A 120 -5.36 -42.06 5.26
N SER A 121 -5.11 -41.63 4.02
CA SER A 121 -6.23 -41.32 3.12
C SER A 121 -5.88 -41.55 1.65
N PHE A 122 -6.92 -41.78 0.85
CA PHE A 122 -6.81 -41.75 -0.60
C PHE A 122 -7.00 -40.34 -1.15
N PHE A 123 -7.39 -39.40 -0.29
CA PHE A 123 -7.78 -38.07 -0.77
C PHE A 123 -6.80 -36.99 -0.35
N ASP A 124 -5.81 -36.75 -1.20
CA ASP A 124 -4.76 -35.78 -0.89
C ASP A 124 -4.95 -34.45 -1.62
N GLY A 125 -6.08 -34.29 -2.30
CA GLY A 125 -6.34 -33.12 -3.13
C GLY A 125 -6.24 -33.46 -4.62
N PRO A 126 -7.02 -32.77 -5.47
CA PRO A 126 -7.84 -31.58 -5.21
C PRO A 126 -9.26 -31.89 -4.78
N VAL A 127 -9.64 -33.16 -4.77
CA VAL A 127 -10.95 -33.56 -4.26
C VAL A 127 -10.77 -33.91 -2.81
N VAL A 128 -11.24 -33.02 -1.94
CA VAL A 128 -11.06 -33.17 -0.50
C VAL A 128 -12.27 -33.89 0.09
N ALA A 129 -11.98 -34.92 0.87
CA ALA A 129 -13.01 -35.72 1.52
C ALA A 129 -12.66 -35.92 2.99
N HIS A 130 -13.68 -35.74 3.83
CA HIS A 130 -13.59 -35.94 5.27
C HIS A 130 -14.67 -36.93 5.68
N VAL A 131 -14.32 -38.21 5.70
CA VAL A 131 -15.32 -39.23 6.01
C VAL A 131 -15.73 -39.22 7.49
N SER A 132 -17.02 -39.41 7.73
N SER A 132 -17.01 -39.46 7.73
CA SER A 132 -17.58 -39.44 9.07
CA SER A 132 -17.51 -39.62 9.09
C SER A 132 -17.52 -40.86 9.63
C SER A 132 -17.13 -41.01 9.60
N MET A 133 -16.71 -41.05 10.67
N MET A 133 -16.57 -41.05 10.80
CA MET A 133 -16.49 -42.38 11.22
CA MET A 133 -16.18 -42.33 11.40
C MET A 133 -16.78 -42.49 12.72
C MET A 133 -16.73 -42.48 12.82
N ALA A 134 -17.80 -41.75 13.15
CA ALA A 134 -18.32 -41.83 14.50
C ALA A 134 -18.54 -43.28 14.93
N ASP A 135 -19.16 -44.05 14.04
CA ASP A 135 -19.29 -45.50 14.21
C ASP A 135 -18.49 -46.11 13.07
N PRO A 136 -17.21 -46.41 13.35
CA PRO A 136 -16.23 -46.64 12.27
C PRO A 136 -16.37 -47.94 11.50
N PHE A 137 -17.06 -48.94 12.07
CA PHE A 137 -17.25 -50.23 11.43
C PHE A 137 -18.63 -50.34 10.81
N CYS A 138 -18.76 -51.21 9.84
CA CYS A 138 -20.04 -51.43 9.20
C CYS A 138 -20.99 -52.21 10.11
N ASN A 139 -22.09 -51.57 10.49
CA ASN A 139 -23.04 -52.18 11.43
C ASN A 139 -23.63 -53.48 10.91
N SER A 140 -24.02 -53.50 9.65
CA SER A 140 -24.63 -54.69 9.08
C SER A 140 -23.69 -55.89 9.15
N LEU A 141 -22.41 -55.67 8.81
CA LEU A 141 -21.44 -56.76 8.84
C LEU A 141 -21.09 -57.18 10.27
N ARG A 142 -20.94 -56.22 11.19
CA ARG A 142 -20.76 -56.57 12.60
C ARG A 142 -21.90 -57.45 13.10
N LYS A 143 -23.14 -57.07 12.76
CA LYS A 143 -24.29 -57.81 13.25
C LYS A 143 -24.29 -59.24 12.71
N LEU A 144 -23.91 -59.39 11.44
CA LEU A 144 -23.84 -60.72 10.84
C LEU A 144 -22.73 -61.57 11.46
N ALA A 145 -21.59 -60.95 11.77
CA ALA A 145 -20.50 -61.66 12.46
C ALA A 145 -20.96 -62.15 13.83
N ILE A 146 -21.66 -61.28 14.55
CA ILE A 146 -22.17 -61.63 15.87
C ILE A 146 -23.19 -62.78 15.79
N GLU A 147 -24.09 -62.72 14.83
CA GLU A 147 -25.07 -63.77 14.63
C GLU A 147 -24.38 -65.09 14.31
N THR A 148 -23.36 -65.03 13.46
CA THR A 148 -22.63 -66.24 13.08
C THR A 148 -21.97 -66.89 14.29
N ALA A 149 -21.31 -66.08 15.12
CA ALA A 149 -20.67 -66.58 16.32
C ALA A 149 -21.69 -67.20 17.27
N LYS A 150 -22.85 -66.57 17.41
CA LYS A 150 -23.92 -67.13 18.25
C LYS A 150 -24.41 -68.49 17.70
N GLU A 151 -24.62 -68.54 16.39
CA GLU A 151 -25.09 -69.77 15.74
C GLU A 151 -24.09 -70.93 15.88
N LEU A 152 -22.80 -70.61 15.88
N LEU A 152 -22.80 -70.59 15.87
CA LEU A 152 -21.76 -71.64 16.01
CA LEU A 152 -21.74 -71.59 15.99
C LEU A 152 -21.33 -71.86 17.44
C LEU A 152 -21.34 -71.86 17.44
N ASN A 153 -21.93 -71.10 18.37
CA ASN A 153 -21.61 -71.24 19.79
C ASN A 153 -20.13 -70.98 20.06
N ILE A 154 -19.60 -69.94 19.41
CA ILE A 154 -18.21 -69.56 19.59
C ILE A 154 -18.15 -68.31 20.47
N LYS A 155 -17.40 -68.40 21.57
CA LYS A 155 -17.36 -67.34 22.56
C LYS A 155 -16.83 -66.03 21.96
N THR A 156 -17.67 -65.00 22.00
CA THR A 156 -17.40 -63.76 21.30
C THR A 156 -17.95 -62.58 22.07
N HIS A 157 -17.11 -61.56 22.28
CA HIS A 157 -17.57 -60.32 22.86
C HIS A 157 -18.10 -59.42 21.77
N GLU A 158 -19.27 -58.84 22.01
CA GLU A 158 -20.06 -58.22 20.96
C GLU A 158 -19.85 -56.71 20.83
N SER A 159 -18.81 -56.21 21.49
CA SER A 159 -18.45 -54.81 21.37
C SER A 159 -17.03 -54.66 21.89
N GLY A 160 -16.48 -53.46 21.77
CA GLY A 160 -15.14 -53.21 22.27
C GLY A 160 -14.43 -52.12 21.51
N THR A 161 -13.53 -51.44 22.22
CA THR A 161 -12.71 -50.39 21.65
C THR A 161 -11.29 -50.89 21.41
N TYR A 162 -10.90 -50.85 20.14
CA TYR A 162 -9.58 -51.27 19.69
C TYR A 162 -8.67 -50.04 19.66
N ILE A 163 -7.59 -50.09 20.43
CA ILE A 163 -6.60 -49.02 20.33
C ILE A 163 -5.48 -49.50 19.42
N CYS A 164 -5.22 -48.71 18.39
CA CYS A 164 -4.21 -49.07 17.41
C CYS A 164 -2.92 -48.29 17.66
N ILE A 165 -1.85 -49.02 17.92
CA ILE A 165 -0.55 -48.41 18.15
C ILE A 165 0.35 -48.58 16.94
N GLU A 166 1.44 -47.82 16.92
CA GLU A 166 2.32 -47.80 15.78
C GLU A 166 3.19 -49.05 15.67
N GLY A 167 3.75 -49.47 16.79
CA GLY A 167 4.71 -50.57 16.74
C GLY A 167 5.98 -50.18 16.03
N PRO A 168 6.83 -51.17 15.74
CA PRO A 168 6.59 -52.60 15.98
C PRO A 168 6.78 -53.04 17.43
N ARG A 169 7.42 -52.24 18.28
CA ARG A 169 7.53 -52.63 19.68
C ARG A 169 6.16 -52.72 20.34
N PHE A 170 6.04 -53.61 21.32
CA PHE A 170 4.87 -53.65 22.20
C PHE A 170 4.91 -52.50 23.23
N SER A 171 3.78 -52.27 23.88
CA SER A 171 3.63 -51.14 24.79
C SER A 171 4.42 -51.29 26.08
N THR A 172 4.84 -50.17 26.66
CA THR A 172 5.35 -50.19 28.02
C THR A 172 4.21 -50.39 29.01
N ARG A 173 4.53 -50.76 30.26
CA ARG A 173 3.51 -50.85 31.31
C ARG A 173 2.78 -49.52 31.50
N ALA A 174 3.51 -48.41 31.49
CA ALA A 174 2.87 -47.11 31.67
C ALA A 174 1.91 -46.81 30.52
N GLU A 175 2.30 -47.12 29.29
CA GLU A 175 1.42 -46.94 28.15
C GLU A 175 0.16 -47.81 28.30
N SER A 176 0.35 -49.07 28.64
CA SER A 176 -0.78 -49.97 28.75
C SER A 176 -1.77 -49.58 29.82
N ARG A 177 -1.26 -49.11 30.95
CA ARG A 177 -2.14 -48.62 32.01
C ARG A 177 -2.95 -47.45 31.45
N THR A 178 -2.28 -46.60 30.68
CA THR A 178 -2.94 -45.47 30.04
C THR A 178 -4.02 -45.92 29.05
N TRP A 179 -3.72 -46.89 28.20
CA TRP A 179 -4.71 -47.34 27.22
C TRP A 179 -5.98 -47.81 27.92
N ARG A 180 -5.82 -48.55 29.01
CA ARG A 180 -6.95 -49.14 29.70
C ARG A 180 -7.65 -48.12 30.59
N GLU A 181 -6.91 -47.54 31.54
CA GLU A 181 -7.54 -46.72 32.58
C GLU A 181 -7.97 -45.35 32.05
N VAL A 182 -7.19 -44.82 31.11
CA VAL A 182 -7.43 -43.47 30.57
C VAL A 182 -8.29 -43.45 29.28
N TYR A 183 -7.88 -44.20 28.27
CA TYR A 183 -8.59 -44.25 26.97
C TYR A 183 -9.76 -45.23 26.96
N LYS A 184 -9.86 -46.04 28.00
CA LYS A 184 -10.94 -47.03 28.11
C LYS A 184 -10.94 -48.04 26.96
N ALA A 185 -9.74 -48.38 26.47
CA ALA A 185 -9.63 -49.37 25.40
C ALA A 185 -9.79 -50.79 25.96
N ASP A 186 -10.28 -51.69 25.12
CA ASP A 186 -10.50 -53.08 25.49
C ASP A 186 -9.49 -54.03 24.89
N ILE A 187 -9.10 -53.77 23.64
CA ILE A 187 -8.15 -54.59 22.92
C ILE A 187 -7.16 -53.69 22.22
N ILE A 188 -6.00 -54.25 21.88
CA ILE A 188 -4.91 -53.50 21.28
C ILE A 188 -4.27 -54.24 20.11
N GLY A 189 -3.95 -53.50 19.05
CA GLY A 189 -3.32 -54.07 17.88
C GLY A 189 -2.56 -53.00 17.14
N MET A 190 -1.98 -53.37 16.00
CA MET A 190 -1.11 -52.46 15.25
C MET A 190 -1.56 -52.21 13.81
N THR A 191 -2.62 -52.87 13.36
CA THR A 191 -2.92 -52.91 11.94
C THR A 191 -4.28 -52.35 11.52
N LEU A 192 -5.16 -52.04 12.47
CA LEU A 192 -6.51 -51.59 12.12
C LEU A 192 -6.51 -50.28 11.33
N VAL A 193 -5.68 -49.33 11.76
CA VAL A 193 -5.61 -48.00 11.14
C VAL A 193 -4.33 -47.94 10.33
N PRO A 194 -4.39 -47.49 9.05
CA PRO A 194 -5.50 -46.83 8.35
C PRO A 194 -6.39 -47.76 7.51
N GLU A 195 -6.25 -49.08 7.67
CA GLU A 195 -7.05 -50.01 6.89
C GLU A 195 -8.55 -49.68 6.93
N VAL A 196 -9.08 -49.46 8.13
CA VAL A 196 -10.49 -49.20 8.30
C VAL A 196 -10.90 -47.85 7.66
N ASN A 197 -10.06 -46.81 7.80
CA ASN A 197 -10.34 -45.49 7.19
C ASN A 197 -10.44 -45.61 5.69
N LEU A 198 -9.46 -46.29 5.13
CA LEU A 198 -9.35 -46.39 3.69
C LEU A 198 -10.51 -47.20 3.13
N ALA A 199 -10.91 -48.25 3.84
CA ALA A 199 -12.07 -49.04 3.40
C ALA A 199 -13.32 -48.16 3.37
N CYS A 200 -13.46 -47.31 4.38
CA CYS A 200 -14.60 -46.40 4.42
C CYS A 200 -14.57 -45.41 3.25
N GLU A 201 -13.39 -44.83 2.99
CA GLU A 201 -13.23 -43.92 1.84
C GLU A 201 -13.56 -44.61 0.51
N ALA A 202 -13.25 -45.90 0.44
CA ALA A 202 -13.54 -46.72 -0.75
C ALA A 202 -15.00 -47.19 -0.80
N GLN A 203 -15.80 -46.76 0.16
CA GLN A 203 -17.22 -47.10 0.23
C GLN A 203 -17.45 -48.59 0.38
N MET A 204 -16.60 -49.22 1.17
N MET A 204 -16.53 -49.25 1.06
CA MET A 204 -16.76 -50.62 1.51
CA MET A 204 -16.67 -50.68 1.32
C MET A 204 -17.42 -50.77 2.88
C MET A 204 -17.06 -50.89 2.76
N CYS A 205 -17.97 -51.96 3.12
N CYS A 205 -17.96 -51.85 2.99
CA CYS A 205 -18.55 -52.34 4.40
CA CYS A 205 -18.40 -52.18 4.34
C CYS A 205 -17.53 -53.20 5.15
C CYS A 205 -17.38 -53.08 5.00
N TYR A 206 -16.80 -52.58 6.09
CA TYR A 206 -15.66 -53.20 6.75
C TYR A 206 -15.93 -53.54 8.22
N ALA A 207 -15.56 -54.74 8.63
CA ALA A 207 -15.64 -55.10 10.05
C ALA A 207 -14.46 -55.99 10.43
N THR A 208 -14.08 -55.92 11.70
CA THR A 208 -12.98 -56.72 12.24
C THR A 208 -13.50 -57.84 13.14
N ILE A 209 -12.99 -59.05 12.90
CA ILE A 209 -13.10 -60.16 13.82
C ILE A 209 -11.74 -60.29 14.49
N ALA A 210 -11.67 -59.89 15.75
CA ALA A 210 -10.42 -59.94 16.49
C ALA A 210 -10.36 -61.18 17.37
N MET A 211 -9.18 -61.78 17.47
N MET A 211 -9.15 -61.75 17.48
CA MET A 211 -9.02 -62.84 18.43
CA MET A 211 -8.90 -62.88 18.36
C MET A 211 -7.96 -62.45 19.45
C MET A 211 -7.92 -62.47 19.45
N VAL A 212 -8.30 -62.67 20.71
CA VAL A 212 -7.40 -62.34 21.81
C VAL A 212 -6.28 -63.38 21.86
N THR A 213 -5.06 -62.91 21.64
CA THR A 213 -3.89 -63.78 21.61
C THR A 213 -2.96 -63.58 22.79
N ASP A 214 -3.25 -62.59 23.64
CA ASP A 214 -2.38 -62.28 24.77
C ASP A 214 -3.05 -61.27 25.66
N TYR A 215 -2.49 -61.09 26.87
CA TYR A 215 -3.00 -60.11 27.84
C TYR A 215 -2.12 -58.87 27.92
N ASP A 216 -1.45 -58.55 26.81
CA ASP A 216 -0.54 -57.41 26.77
C ASP A 216 0.46 -57.48 27.94
N VAL A 217 0.55 -56.41 28.73
CA VAL A 217 1.48 -56.42 29.87
C VAL A 217 0.91 -57.00 31.16
N PHE A 218 -0.36 -57.45 31.13
CA PHE A 218 -1.09 -57.66 32.37
C PHE A 218 -1.03 -59.07 32.98
N ALA A 219 -0.52 -60.04 32.23
CA ALA A 219 -0.29 -61.36 32.77
C ALA A 219 1.06 -61.41 33.49
N GLU A 220 1.38 -62.53 34.13
CA GLU A 220 2.64 -62.63 34.85
C GLU A 220 3.83 -62.43 33.91
N ILE A 221 3.73 -62.98 32.71
CA ILE A 221 4.74 -62.77 31.68
C ILE A 221 4.15 -61.89 30.58
N PRO A 222 4.76 -60.72 30.31
CA PRO A 222 4.17 -59.83 29.29
C PRO A 222 4.20 -60.43 27.89
N VAL A 223 3.33 -59.92 27.02
CA VAL A 223 3.21 -60.39 25.65
C VAL A 223 4.55 -60.46 24.92
N THR A 224 4.70 -61.51 24.11
CA THR A 224 5.80 -61.63 23.16
C THR A 224 5.25 -62.06 21.81
N ALA A 225 6.01 -61.84 20.74
CA ALA A 225 5.58 -62.27 19.41
C ALA A 225 5.35 -63.78 19.36
N GLU A 226 6.21 -64.52 20.05
CA GLU A 226 6.09 -65.98 20.12
C GLU A 226 4.74 -66.38 20.68
N GLU A 227 4.29 -65.67 21.72
CA GLU A 227 3.00 -65.98 22.34
C GLU A 227 1.85 -65.69 21.37
N VAL A 228 1.91 -64.55 20.70
CA VAL A 228 0.85 -64.20 19.75
C VAL A 228 0.69 -65.29 18.70
N THR A 229 1.80 -65.72 18.12
N THR A 229 1.82 -65.70 18.12
CA THR A 229 1.73 -66.74 17.06
CA THR A 229 1.84 -66.74 17.09
C THR A 229 1.26 -68.09 17.60
C THR A 229 1.23 -68.04 17.63
N ARG A 230 1.69 -68.45 18.80
CA ARG A 230 1.26 -69.71 19.41
C ARG A 230 -0.25 -69.74 19.67
N VAL A 231 -0.77 -68.68 20.28
CA VAL A 231 -2.18 -68.66 20.64
C VAL A 231 -3.08 -68.59 19.40
N MET A 232 -2.65 -67.83 18.39
N MET A 232 -2.67 -67.80 18.41
CA MET A 232 -3.39 -67.77 17.14
CA MET A 232 -3.37 -67.80 17.12
C MET A 232 -3.41 -69.13 16.43
C MET A 232 -3.46 -69.20 16.57
N ALA A 233 -2.32 -69.89 16.52
CA ALA A 233 -2.26 -71.23 15.95
C ALA A 233 -3.24 -72.15 16.65
N GLU A 234 -3.42 -71.97 17.96
CA GLU A 234 -4.31 -72.82 18.75
C GLU A 234 -5.78 -72.61 18.39
N ASN A 235 -6.08 -71.51 17.74
CA ASN A 235 -7.46 -71.12 17.49
C ASN A 235 -7.82 -70.88 16.02
N THR A 236 -6.93 -71.26 15.09
CA THR A 236 -7.19 -71.03 13.67
C THR A 236 -8.41 -71.78 13.15
N GLU A 237 -8.56 -73.03 13.59
CA GLU A 237 -9.69 -73.85 13.15
C GLU A 237 -11.00 -73.16 13.48
N LYS A 238 -11.10 -72.64 14.70
CA LYS A 238 -12.27 -71.92 15.15
C LYS A 238 -12.49 -70.67 14.27
N ALA A 239 -11.41 -69.94 13.99
CA ALA A 239 -11.53 -68.74 13.17
C ALA A 239 -11.99 -69.08 11.75
N LYS A 240 -11.49 -70.19 11.20
CA LYS A 240 -11.87 -70.61 9.86
C LYS A 240 -13.35 -70.99 9.75
N LYS A 241 -13.88 -71.66 10.79
CA LYS A 241 -15.30 -72.01 10.82
C LYS A 241 -16.15 -70.76 10.84
N LEU A 242 -15.78 -69.80 11.68
CA LEU A 242 -16.49 -68.54 11.77
C LEU A 242 -16.49 -67.85 10.41
N LEU A 243 -15.30 -67.76 9.82
CA LEU A 243 -15.14 -67.10 8.54
C LEU A 243 -15.95 -67.76 7.42
N TYR A 244 -15.85 -69.08 7.33
CA TYR A 244 -16.56 -69.81 6.30
C TYR A 244 -18.07 -69.60 6.40
N ALA A 245 -18.60 -69.68 7.63
CA ALA A 245 -20.02 -69.47 7.84
C ALA A 245 -20.46 -68.05 7.50
N LEU A 246 -19.70 -67.06 7.96
CA LEU A 246 -20.06 -65.66 7.74
C LEU A 246 -20.11 -65.32 6.26
N ILE A 247 -19.11 -65.76 5.51
CA ILE A 247 -19.04 -65.50 4.09
C ILE A 247 -20.31 -65.96 3.36
N GLN A 248 -20.84 -67.11 3.75
CA GLN A 248 -22.02 -67.60 3.06
C GLN A 248 -23.30 -66.88 3.47
N LYS A 249 -23.27 -66.27 4.65
CA LYS A 249 -24.43 -65.59 5.21
C LYS A 249 -24.63 -64.21 4.59
N LEU A 250 -23.58 -63.63 4.03
CA LEU A 250 -23.64 -62.26 3.53
C LEU A 250 -24.60 -62.09 2.35
N PRO A 251 -25.48 -61.07 2.42
CA PRO A 251 -26.29 -60.73 1.26
C PRO A 251 -25.42 -60.19 0.11
N GLU A 252 -26.01 -60.08 -1.07
CA GLU A 252 -25.27 -59.68 -2.27
C GLU A 252 -24.57 -58.33 -2.09
N LYS A 253 -25.34 -57.33 -1.62
CA LYS A 253 -24.79 -56.00 -1.40
C LYS A 253 -25.21 -55.51 -0.02
N PRO A 254 -24.32 -54.74 0.64
CA PRO A 254 -24.69 -54.18 1.94
C PRO A 254 -25.78 -53.12 1.81
N GLU A 255 -26.75 -53.15 2.71
CA GLU A 255 -27.82 -52.16 2.71
C GLU A 255 -27.28 -50.81 3.15
N GLU A 256 -27.55 -49.77 2.36
CA GLU A 256 -27.10 -48.42 2.68
C GLU A 256 -27.55 -47.99 4.09
N GLY A 257 -28.68 -48.51 4.53
CA GLY A 257 -29.24 -48.15 5.83
C GLY A 257 -28.46 -48.73 7.00
N SER A 258 -27.68 -49.77 6.76
CA SER A 258 -26.90 -50.41 7.82
C SER A 258 -25.40 -50.36 7.52
N CYS A 259 -25.01 -49.52 6.56
CA CYS A 259 -23.60 -49.32 6.24
C CYS A 259 -23.35 -47.84 6.01
N SER A 260 -22.78 -47.17 7.00
CA SER A 260 -22.62 -45.72 6.97
C SER A 260 -21.64 -45.24 5.92
N CYS A 261 -20.72 -46.10 5.50
CA CYS A 261 -19.73 -45.72 4.50
C CYS A 261 -20.23 -45.99 3.09
N CYS A 262 -21.21 -46.88 2.97
CA CYS A 262 -21.80 -47.20 1.67
C CYS A 262 -22.52 -45.99 1.10
N ASN A 263 -22.07 -45.54 -0.08
CA ASN A 263 -22.71 -44.44 -0.79
C ASN A 263 -22.84 -43.15 0.04
N SER A 264 -21.95 -42.97 1.00
CA SER A 264 -22.02 -41.79 1.87
C SER A 264 -20.94 -40.76 1.56
N LEU A 265 -20.12 -41.04 0.54
CA LEU A 265 -19.05 -40.12 0.16
C LEU A 265 -19.60 -38.74 -0.17
N LYS A 266 -20.83 -38.69 -0.68
CA LYS A 266 -21.43 -37.43 -1.10
C LYS A 266 -21.34 -36.32 -0.04
N THR A 267 -21.69 -36.65 1.20
CA THR A 267 -21.68 -35.65 2.27
C THR A 267 -20.29 -35.45 2.88
N ALA A 268 -19.33 -36.29 2.48
CA ALA A 268 -17.96 -36.18 2.96
C ALA A 268 -17.13 -35.26 2.08
N LEU A 269 -17.62 -34.99 0.87
CA LEU A 269 -16.88 -34.18 -0.09
C LEU A 269 -17.11 -32.72 0.18
N VAL A 270 -16.03 -31.96 0.26
CA VAL A 270 -16.16 -30.54 0.56
C VAL A 270 -16.74 -29.81 -0.65
N MET B 1 29.50 -52.67 5.85
CA MET B 1 30.22 -52.88 4.60
C MET B 1 31.71 -52.69 4.79
N ILE B 2 32.12 -52.27 5.99
CA ILE B 2 33.53 -52.30 6.31
C ILE B 2 33.73 -52.93 7.69
N GLU B 3 34.90 -53.51 7.91
CA GLU B 3 35.19 -54.14 9.18
C GLU B 3 35.55 -53.08 10.22
N GLN B 4 34.81 -53.08 11.32
CA GLN B 4 35.09 -52.15 12.42
C GLN B 4 36.17 -52.73 13.34
N ASN B 5 37.37 -52.15 13.30
N ASN B 5 37.36 -52.12 13.30
CA ASN B 5 38.48 -52.62 14.12
CA ASN B 5 38.50 -52.57 14.10
C ASN B 5 38.40 -52.15 15.57
C ASN B 5 38.46 -52.10 15.54
N GLU B 6 37.86 -50.94 15.77
CA GLU B 6 37.72 -50.41 17.12
C GLU B 6 36.67 -51.19 17.89
N LYS B 7 36.87 -51.35 19.19
CA LYS B 7 35.89 -52.02 20.03
C LYS B 7 35.69 -51.29 21.36
N ALA B 8 34.44 -51.24 21.81
CA ALA B 8 34.09 -50.71 23.13
C ALA B 8 32.91 -51.51 23.67
N SER B 9 32.91 -51.78 24.97
CA SER B 9 31.82 -52.54 25.58
C SER B 9 30.74 -51.65 26.17
N ILE B 10 31.09 -50.39 26.41
CA ILE B 10 30.19 -49.44 27.04
C ILE B 10 30.06 -48.21 26.15
N GLY B 11 28.84 -47.76 25.95
CA GLY B 11 28.55 -46.58 25.16
C GLY B 11 27.85 -45.55 26.01
N ILE B 12 28.27 -44.29 25.87
N ILE B 12 28.23 -44.29 25.84
CA ILE B 12 27.59 -43.19 26.52
CA ILE B 12 27.61 -43.19 26.55
C ILE B 12 26.99 -42.30 25.47
C ILE B 12 27.02 -42.22 25.54
N ILE B 13 25.72 -41.95 25.64
CA ILE B 13 25.09 -41.01 24.76
C ILE B 13 24.80 -39.77 25.57
N GLY B 14 25.47 -38.68 25.24
CA GLY B 14 25.35 -37.42 25.96
C GLY B 14 24.28 -36.52 25.39
N GLY B 15 23.51 -35.92 26.28
CA GLY B 15 22.44 -35.02 25.90
C GLY B 15 22.83 -33.56 25.99
N SER B 16 21.84 -32.70 26.22
CA SER B 16 22.10 -31.27 26.35
C SER B 16 23.14 -30.94 27.41
N GLY B 17 24.09 -30.07 27.04
CA GLY B 17 25.10 -29.61 27.97
C GLY B 17 26.21 -30.59 28.24
N LEU B 18 26.18 -31.73 27.54
CA LEU B 18 27.17 -32.78 27.78
C LEU B 18 27.95 -33.16 26.51
N TYR B 19 28.33 -32.16 25.72
CA TYR B 19 29.14 -32.43 24.54
C TYR B 19 30.48 -33.01 24.94
N ASP B 20 31.07 -32.46 25.99
CA ASP B 20 32.30 -33.02 26.55
C ASP B 20 31.96 -33.71 27.86
N PRO B 21 32.03 -35.05 27.87
CA PRO B 21 31.66 -35.85 29.05
C PRO B 21 32.64 -35.69 30.20
N GLY B 22 33.87 -35.28 29.90
CA GLY B 22 34.89 -35.10 30.92
C GLY B 22 35.18 -36.35 31.72
N ILE B 23 35.26 -37.48 31.04
CA ILE B 23 35.56 -38.74 31.70
C ILE B 23 36.82 -39.40 31.14
N PHE B 24 37.23 -39.00 29.94
CA PHE B 24 38.35 -39.65 29.25
C PHE B 24 39.71 -39.13 29.70
N SER B 25 40.69 -40.04 29.78
CA SER B 25 42.08 -39.65 29.96
C SER B 25 42.74 -39.50 28.59
N GLU B 26 42.84 -40.61 27.86
CA GLU B 26 43.30 -40.59 26.47
C GLU B 26 42.12 -41.01 25.60
N SER B 27 41.97 -40.37 24.44
CA SER B 27 40.87 -40.71 23.55
C SER B 27 41.16 -40.23 22.14
N LYS B 28 40.38 -40.76 21.19
CA LYS B 28 40.44 -40.29 19.81
C LYS B 28 39.04 -40.30 19.23
N GLU B 29 38.88 -39.61 18.10
CA GLU B 29 37.60 -39.53 17.42
C GLU B 29 37.64 -40.38 16.17
N ILE B 30 36.63 -41.20 15.99
CA ILE B 30 36.55 -42.08 14.84
C ILE B 30 35.24 -41.92 14.07
N LYS B 31 35.30 -42.22 12.77
CA LYS B 31 34.12 -42.29 11.91
C LYS B 31 33.67 -43.73 11.85
N VAL B 32 32.39 -43.97 12.10
CA VAL B 32 31.87 -45.35 12.08
C VAL B 32 30.82 -45.52 10.97
N TYR B 33 31.04 -46.54 10.14
CA TYR B 33 30.11 -46.85 9.05
C TYR B 33 28.72 -47.23 9.59
N THR B 34 27.68 -46.68 9.00
CA THR B 34 26.33 -47.23 9.19
C THR B 34 25.55 -47.20 7.87
N PRO B 35 24.62 -48.15 7.71
CA PRO B 35 23.77 -48.14 6.50
C PRO B 35 22.66 -47.09 6.59
N TYR B 36 22.64 -46.31 7.66
CA TYR B 36 21.65 -45.26 7.85
C TYR B 36 22.29 -43.89 7.73
N GLY B 37 23.56 -43.86 7.29
CA GLY B 37 24.25 -42.60 7.12
C GLY B 37 24.89 -42.10 8.40
N GLN B 38 24.80 -40.79 8.62
CA GLN B 38 25.63 -40.10 9.62
C GLN B 38 25.14 -40.24 11.05
N PRO B 39 25.97 -40.80 11.93
CA PRO B 39 25.72 -40.56 13.36
C PRO B 39 25.85 -39.06 13.69
N SER B 40 25.40 -38.68 14.88
CA SER B 40 25.39 -37.26 15.25
C SER B 40 26.75 -36.59 15.20
N ASP B 41 27.82 -37.36 15.43
CA ASP B 41 29.18 -36.80 15.42
C ASP B 41 30.12 -37.98 15.24
N PHE B 42 31.41 -37.71 15.10
N PHE B 42 31.41 -37.68 15.18
CA PHE B 42 32.37 -38.80 15.22
CA PHE B 42 32.45 -38.67 15.39
C PHE B 42 32.25 -39.33 16.64
C PHE B 42 32.19 -39.37 16.73
N ILE B 43 32.46 -40.64 16.81
N ILE B 43 32.66 -40.62 16.85
CA ILE B 43 32.45 -41.24 18.13
CA ILE B 43 32.53 -41.36 18.10
C ILE B 43 33.81 -41.01 18.79
C ILE B 43 33.84 -41.26 18.87
N THR B 44 33.79 -40.71 20.09
CA THR B 44 34.99 -40.60 20.89
C THR B 44 35.20 -41.94 21.56
N ILE B 45 36.37 -42.54 21.35
CA ILE B 45 36.70 -43.82 21.99
C ILE B 45 37.97 -43.73 22.82
N GLY B 46 37.95 -44.35 23.99
CA GLY B 46 39.08 -44.32 24.89
C GLY B 46 38.90 -45.26 26.08
N LYS B 47 39.96 -45.47 26.86
CA LYS B 47 39.91 -46.41 27.97
C LYS B 47 39.66 -45.70 29.29
N ILE B 48 38.73 -46.23 30.08
CA ILE B 48 38.51 -45.76 31.45
C ILE B 48 38.50 -46.94 32.39
N GLY B 49 39.35 -46.92 33.41
CA GLY B 49 39.59 -48.10 34.20
C GLY B 49 39.99 -49.21 33.26
N ASN B 50 39.38 -50.38 33.40
CA ASN B 50 39.66 -51.50 32.51
C ASN B 50 38.68 -51.57 31.34
N LYS B 51 37.92 -50.50 31.14
CA LYS B 51 36.86 -50.48 30.14
C LYS B 51 37.19 -49.64 28.92
N SER B 52 36.91 -50.17 27.74
CA SER B 52 36.92 -49.36 26.53
C SER B 52 35.54 -48.74 26.39
N VAL B 53 35.49 -47.42 26.29
CA VAL B 53 34.22 -46.70 26.25
C VAL B 53 34.09 -45.86 24.99
N ALA B 54 32.89 -45.88 24.39
CA ALA B 54 32.53 -45.04 23.26
C ALA B 54 31.56 -43.97 23.71
N PHE B 55 31.79 -42.74 23.26
CA PHE B 55 30.90 -41.62 23.59
C PHE B 55 30.39 -40.94 22.34
N LEU B 56 29.12 -40.54 22.38
CA LEU B 56 28.48 -39.88 21.28
C LEU B 56 27.56 -38.79 21.84
N PRO B 57 27.76 -37.54 21.42
CA PRO B 57 26.81 -36.49 21.82
C PRO B 57 25.62 -36.48 20.86
N ARG B 58 24.42 -36.78 21.35
CA ARG B 58 23.32 -36.97 20.39
C ARG B 58 22.95 -35.73 19.56
N HIS B 59 23.21 -34.54 20.09
CA HIS B 59 22.92 -33.32 19.33
C HIS B 59 24.10 -32.85 18.47
N GLY B 60 25.21 -33.58 18.53
CA GLY B 60 26.38 -33.22 17.74
C GLY B 60 27.13 -32.00 18.22
N ARG B 61 28.22 -31.70 17.51
CA ARG B 61 29.02 -30.51 17.77
C ARG B 61 28.16 -29.27 17.80
N GLY B 62 28.33 -28.44 18.82
CA GLY B 62 27.64 -27.17 18.88
C GLY B 62 26.14 -27.31 19.07
N HIS B 63 25.69 -28.48 19.53
CA HIS B 63 24.26 -28.74 19.66
C HIS B 63 23.54 -28.38 18.35
N ARG B 64 24.04 -28.89 17.25
CA ARG B 64 23.53 -28.52 15.94
C ARG B 64 22.31 -29.34 15.47
N ILE B 65 22.00 -30.43 16.17
CA ILE B 65 20.93 -31.33 15.72
C ILE B 65 19.78 -31.35 16.73
N PRO B 66 18.57 -30.94 16.30
CA PRO B 66 17.42 -30.96 17.21
C PRO B 66 16.86 -32.38 17.32
N PRO B 67 16.09 -32.66 18.38
CA PRO B 67 15.61 -34.02 18.64
C PRO B 67 14.92 -34.68 17.46
N HIS B 68 14.11 -33.93 16.72
CA HIS B 68 13.35 -34.53 15.63
C HIS B 68 14.22 -34.91 14.42
N LYS B 69 15.45 -34.42 14.37
CA LYS B 69 16.35 -34.70 13.24
C LYS B 69 17.52 -35.63 13.60
N ILE B 70 17.59 -36.07 14.85
CA ILE B 70 18.67 -36.96 15.25
C ILE B 70 18.53 -38.29 14.50
N ASN B 71 19.66 -38.81 14.01
CA ASN B 71 19.70 -40.06 13.29
C ASN B 71 19.88 -41.16 14.31
N TYR B 72 18.77 -41.48 14.99
CA TYR B 72 18.83 -42.46 16.08
C TYR B 72 19.29 -43.83 15.58
N ARG B 73 18.86 -44.21 14.39
CA ARG B 73 19.27 -45.52 13.86
C ARG B 73 20.79 -45.57 13.60
N ALA B 74 21.34 -44.51 13.01
CA ALA B 74 22.79 -44.46 12.78
C ALA B 74 23.54 -44.47 14.11
N ASN B 75 23.06 -43.73 15.11
CA ASN B 75 23.78 -43.70 16.39
C ASN B 75 23.84 -45.06 17.06
N ILE B 76 22.69 -45.73 17.13
CA ILE B 76 22.67 -47.05 17.76
C ILE B 76 23.42 -48.10 16.92
N TRP B 77 23.26 -48.05 15.60
CA TRP B 77 24.00 -48.97 14.73
C TRP B 77 25.49 -48.81 14.95
N ALA B 78 25.95 -47.56 15.02
CA ALA B 78 27.38 -47.31 15.21
C ALA B 78 27.89 -47.94 16.50
N LEU B 79 27.14 -47.76 17.59
CA LEU B 79 27.55 -48.35 18.86
C LEU B 79 27.55 -49.88 18.75
N LYS B 80 26.56 -50.45 18.07
CA LYS B 80 26.52 -51.90 17.87
C LYS B 80 27.76 -52.41 17.12
N GLU B 81 28.15 -51.70 16.07
N GLU B 81 28.18 -51.69 16.08
CA GLU B 81 29.34 -52.06 15.29
CA GLU B 81 29.34 -52.10 15.30
C GLU B 81 30.54 -52.16 16.22
C GLU B 81 30.63 -52.05 16.11
N LEU B 82 30.63 -51.24 17.17
CA LEU B 82 31.76 -51.18 18.08
C LEU B 82 31.72 -52.28 19.15
N GLY B 83 30.62 -53.04 19.20
CA GLY B 83 30.48 -54.11 20.17
C GLY B 83 29.93 -53.67 21.51
N VAL B 84 29.27 -52.50 21.54
CA VAL B 84 28.77 -51.98 22.79
C VAL B 84 27.63 -52.86 23.35
N ARG B 85 27.72 -53.16 24.63
CA ARG B 85 26.71 -53.98 25.31
C ARG B 85 25.89 -53.19 26.32
N TRP B 86 26.49 -52.15 26.88
CA TRP B 86 25.83 -51.28 27.86
C TRP B 86 25.72 -49.88 27.27
N VAL B 87 24.54 -49.27 27.33
CA VAL B 87 24.38 -47.90 26.88
C VAL B 87 23.81 -47.05 28.02
N ILE B 88 24.59 -46.07 28.42
CA ILE B 88 24.17 -45.09 29.41
C ILE B 88 23.82 -43.78 28.72
N SER B 89 22.57 -43.37 28.83
CA SER B 89 22.12 -42.09 28.32
C SER B 89 22.08 -41.08 29.44
N VAL B 90 22.57 -39.87 29.18
CA VAL B 90 22.47 -38.78 30.14
C VAL B 90 21.65 -37.70 29.45
N SER B 91 20.55 -37.30 30.09
N SER B 91 20.54 -37.31 30.05
CA SER B 91 19.54 -36.45 29.44
CA SER B 91 19.70 -36.32 29.41
C SER B 91 18.94 -35.38 30.36
C SER B 91 19.20 -35.27 30.37
N ALA B 92 18.66 -34.21 29.77
CA ALA B 92 18.01 -33.12 30.48
C ALA B 92 16.51 -33.33 30.35
N VAL B 93 15.80 -33.24 31.47
CA VAL B 93 14.36 -33.36 31.47
C VAL B 93 13.67 -32.27 32.26
N GLY B 94 12.40 -32.02 31.93
CA GLY B 94 11.56 -31.24 32.82
C GLY B 94 10.89 -32.10 33.87
N SER B 95 10.68 -31.55 35.06
CA SER B 95 9.83 -32.20 36.05
C SER B 95 8.39 -31.75 35.89
N LEU B 96 7.47 -32.72 35.86
CA LEU B 96 6.05 -32.41 35.84
C LEU B 96 5.44 -32.38 37.24
N ARG B 97 6.27 -32.65 38.26
CA ARG B 97 5.82 -32.74 39.65
C ARG B 97 6.66 -31.84 40.55
N MET B 98 5.98 -31.16 41.46
N MET B 98 6.03 -31.29 41.58
CA MET B 98 6.58 -30.03 42.16
CA MET B 98 6.69 -30.33 42.47
C MET B 98 7.26 -30.43 43.46
C MET B 98 7.84 -30.91 43.31
N ASP B 99 7.27 -31.72 43.76
N ASP B 99 7.86 -32.22 43.55
CA ASP B 99 8.02 -32.23 44.90
CA ASP B 99 8.88 -32.81 44.41
C ASP B 99 9.48 -32.57 44.55
C ASP B 99 10.13 -33.35 43.70
N TYR B 100 9.80 -32.55 43.26
N TYR B 100 10.09 -33.44 42.37
CA TYR B 100 11.19 -32.68 42.83
CA TYR B 100 11.30 -33.69 41.61
C TYR B 100 11.87 -31.31 42.82
C TYR B 100 11.92 -32.31 41.30
N LYS B 101 13.19 -31.29 42.87
N LYS B 101 12.93 -31.94 42.07
CA LYS B 101 13.94 -30.04 42.85
CA LYS B 101 13.41 -30.55 42.04
C LYS B 101 14.89 -29.97 41.65
C LYS B 101 14.58 -30.33 41.09
N LEU B 102 15.12 -28.76 41.13
N LEU B 102 14.88 -29.05 40.84
CA LEU B 102 16.03 -28.61 40.01
CA LEU B 102 15.98 -28.69 39.97
C LEU B 102 17.39 -29.18 40.41
C LEU B 102 17.29 -29.32 40.44
N GLY B 103 17.98 -29.96 39.51
CA GLY B 103 19.25 -30.61 39.79
C GLY B 103 19.15 -32.03 40.34
N ASP B 104 17.94 -32.46 40.68
CA ASP B 104 17.73 -33.85 41.08
C ASP B 104 18.01 -34.73 39.86
N PHE B 105 18.57 -35.91 40.10
CA PHE B 105 18.60 -36.93 39.08
C PHE B 105 17.37 -37.83 39.21
N VAL B 106 16.99 -38.44 38.10
CA VAL B 106 15.90 -39.41 38.06
C VAL B 106 16.36 -40.56 37.20
N ILE B 107 16.18 -41.78 37.70
CA ILE B 107 16.45 -42.98 36.92
C ILE B 107 15.10 -43.57 36.52
N PRO B 108 14.56 -43.13 35.36
CA PRO B 108 13.20 -43.59 35.07
C PRO B 108 13.11 -45.09 34.84
N ASP B 109 11.93 -45.64 35.14
CA ASP B 109 11.66 -47.06 34.88
C ASP B 109 10.59 -47.28 33.80
N GLN B 110 9.92 -46.22 33.36
CA GLN B 110 8.87 -46.35 32.36
C GLN B 110 8.89 -45.18 31.39
N PHE B 111 8.22 -45.33 30.26
CA PHE B 111 8.02 -44.18 29.39
C PHE B 111 6.65 -44.22 28.70
N ILE B 112 6.25 -43.07 28.20
CA ILE B 112 5.06 -42.95 27.35
C ILE B 112 5.49 -42.18 26.12
N ASP B 113 5.28 -42.76 24.95
CA ASP B 113 5.76 -42.21 23.69
C ASP B 113 4.72 -41.31 23.04
N MET B 114 4.95 -40.00 23.02
CA MET B 114 4.09 -39.04 22.32
C MET B 114 4.79 -38.38 21.14
N THR B 115 5.84 -39.03 20.64
CA THR B 115 6.52 -38.55 19.46
C THR B 115 5.66 -38.76 18.21
N LYS B 116 5.99 -38.05 17.13
N LYS B 116 6.09 -38.15 17.12
CA LYS B 116 5.08 -37.96 15.99
CA LYS B 116 5.36 -38.19 15.87
C LYS B 116 5.71 -38.37 14.65
C LYS B 116 6.36 -38.38 14.75
N ASN B 117 6.91 -37.89 14.36
N ASN B 117 6.05 -39.24 13.78
CA ASN B 117 7.54 -38.21 13.07
CA ASN B 117 6.80 -39.30 12.53
C ASN B 117 8.97 -38.71 13.17
C ASN B 117 8.30 -39.55 12.60
N ARG B 118 9.11 -39.93 13.68
N ARG B 118 8.78 -40.25 13.62
CA ARG B 118 10.41 -40.57 13.82
CA ARG B 118 10.19 -40.64 13.64
C ARG B 118 10.42 -41.92 13.08
C ARG B 118 10.36 -42.08 13.20
N GLU B 119 11.60 -42.51 12.96
CA GLU B 119 11.80 -43.86 12.47
C GLU B 119 12.03 -44.74 13.70
N TYR B 120 11.11 -45.68 13.96
CA TYR B 120 11.07 -46.36 15.25
C TYR B 120 11.81 -47.69 15.36
N SER B 121 12.26 -48.25 14.24
CA SER B 121 12.76 -49.61 14.25
C SER B 121 13.87 -49.85 13.24
N PHE B 122 14.69 -50.87 13.53
CA PHE B 122 15.65 -51.44 12.58
C PHE B 122 15.00 -52.51 11.69
N PHE B 123 13.78 -52.92 12.02
CA PHE B 123 13.17 -54.08 11.39
C PHE B 123 11.98 -53.69 10.52
N ASP B 124 12.25 -53.45 9.26
CA ASP B 124 11.21 -53.01 8.32
C ASP B 124 10.77 -54.14 7.39
N GLY B 125 11.27 -55.35 7.64
CA GLY B 125 10.96 -56.49 6.79
C GLY B 125 12.18 -56.86 5.95
N PRO B 126 12.34 -58.14 5.62
CA PRO B 126 11.38 -59.24 5.78
C PRO B 126 11.48 -59.96 7.11
N VAL B 127 12.44 -59.60 7.94
CA VAL B 127 12.56 -60.19 9.27
C VAL B 127 11.80 -59.28 10.22
N VAL B 128 10.62 -59.73 10.62
CA VAL B 128 9.75 -58.92 11.45
C VAL B 128 10.03 -59.22 12.92
N ALA B 129 10.27 -58.16 13.68
CA ALA B 129 10.48 -58.28 15.13
C ALA B 129 9.61 -57.29 15.89
N HIS B 130 9.02 -57.79 16.97
CA HIS B 130 8.20 -57.00 17.87
C HIS B 130 8.77 -57.13 19.28
N VAL B 131 9.66 -56.22 19.66
N VAL B 131 9.64 -56.21 19.66
CA VAL B 131 10.32 -56.34 20.97
CA VAL B 131 10.27 -56.31 20.97
C VAL B 131 9.40 -55.95 22.13
C VAL B 131 9.25 -56.11 22.09
N SER B 132 9.46 -56.76 23.17
N SER B 132 9.45 -56.81 23.20
CA SER B 132 8.74 -56.48 24.39
CA SER B 132 8.62 -56.65 24.38
C SER B 132 9.40 -55.29 25.07
C SER B 132 9.31 -55.66 25.31
N MET B 133 8.58 -54.30 25.43
N MET B 133 8.68 -54.51 25.51
CA MET B 133 9.08 -53.15 26.16
CA MET B 133 9.29 -53.45 26.30
C MET B 133 8.24 -52.88 27.41
C MET B 133 8.42 -52.99 27.46
N ALA B 134 7.60 -53.90 27.97
CA ALA B 134 6.81 -53.69 29.19
C ALA B 134 7.64 -52.99 30.25
N ASP B 135 8.87 -53.48 30.44
CA ASP B 135 9.86 -52.80 31.26
C ASP B 135 10.97 -52.34 30.34
N PRO B 136 10.88 -51.09 29.86
CA PRO B 136 11.65 -50.69 28.69
C PRO B 136 13.14 -50.45 28.92
N PHE B 137 13.56 -50.25 30.16
CA PHE B 137 14.97 -50.04 30.47
C PHE B 137 15.60 -51.30 31.02
N CYS B 138 16.92 -51.37 30.93
CA CYS B 138 17.66 -52.51 31.45
C CYS B 138 17.70 -52.47 32.99
N ASN B 139 17.10 -53.47 33.62
CA ASN B 139 17.02 -53.50 35.09
C ASN B 139 18.40 -53.51 35.74
N SER B 140 19.31 -54.32 35.22
CA SER B 140 20.62 -54.42 35.85
C SER B 140 21.36 -53.07 35.82
N LEU B 141 21.28 -52.36 34.69
CA LEU B 141 21.96 -51.09 34.59
C LEU B 141 21.28 -50.02 35.46
N ARG B 142 19.95 -50.01 35.48
CA ARG B 142 19.23 -49.09 36.38
C ARG B 142 19.66 -49.29 37.83
N LYS B 143 19.71 -50.56 38.24
CA LYS B 143 20.10 -50.88 39.61
C LYS B 143 21.51 -50.41 39.92
N LEU B 144 22.43 -50.59 38.97
CA LEU B 144 23.80 -50.17 39.19
C LEU B 144 23.90 -48.64 39.26
N ALA B 145 23.12 -47.94 38.44
CA ALA B 145 23.07 -46.48 38.49
C ALA B 145 22.54 -46.00 39.85
N ILE B 146 21.50 -46.66 40.33
CA ILE B 146 20.93 -46.30 41.62
C ILE B 146 21.94 -46.54 42.76
N GLU B 147 22.63 -47.67 42.72
CA GLU B 147 23.65 -47.97 43.74
C GLU B 147 24.76 -46.92 43.70
N THR B 148 25.16 -46.53 42.50
CA THR B 148 26.23 -45.54 42.35
C THR B 148 25.83 -44.20 42.98
N ALA B 149 24.60 -43.76 42.69
CA ALA B 149 24.10 -42.52 43.25
C ALA B 149 24.05 -42.58 44.77
N LYS B 150 23.61 -43.72 45.30
CA LYS B 150 23.57 -43.89 46.75
C LYS B 150 24.97 -43.83 47.36
N GLU B 151 25.92 -44.48 46.71
CA GLU B 151 27.29 -44.53 47.20
C GLU B 151 27.95 -43.14 47.21
N LEU B 152 27.59 -42.32 46.22
N LEU B 152 27.59 -42.32 46.23
CA LEU B 152 28.14 -40.98 46.07
CA LEU B 152 28.15 -40.98 46.09
C LEU B 152 27.35 -39.95 46.87
C LEU B 152 27.26 -39.91 46.72
N ASN B 153 26.20 -40.35 47.40
CA ASN B 153 25.31 -39.43 48.11
C ASN B 153 24.78 -38.32 47.20
N ILE B 154 24.42 -38.71 45.98
CA ILE B 154 23.83 -37.78 45.01
C ILE B 154 22.33 -38.00 44.96
N LYS B 155 21.56 -36.94 45.25
CA LYS B 155 20.10 -37.04 45.32
C LYS B 155 19.50 -37.50 43.99
N THR B 156 18.79 -38.61 44.05
CA THR B 156 18.34 -39.32 42.88
C THR B 156 17.03 -40.05 43.14
N HIS B 157 16.04 -39.81 42.29
CA HIS B 157 14.78 -40.54 42.39
C HIS B 157 14.91 -41.85 41.63
N GLU B 158 14.46 -42.93 42.25
CA GLU B 158 14.79 -44.28 41.79
C GLU B 158 13.72 -44.89 40.89
N SER B 159 12.82 -44.06 40.38
CA SER B 159 11.79 -44.52 39.46
C SER B 159 11.17 -43.29 38.82
N GLY B 160 10.36 -43.51 37.80
CA GLY B 160 9.64 -42.42 37.18
C GLY B 160 9.26 -42.72 35.75
N THR B 161 8.20 -42.08 35.30
CA THR B 161 7.73 -42.24 33.94
C THR B 161 8.09 -41.01 33.12
N TYR B 162 8.83 -41.25 32.04
CA TYR B 162 9.29 -40.21 31.12
C TYR B 162 8.31 -40.13 29.97
N ILE B 163 7.70 -38.96 29.78
CA ILE B 163 6.89 -38.74 28.59
C ILE B 163 7.74 -38.07 27.53
N CYS B 164 7.84 -38.73 26.37
CA CYS B 164 8.65 -38.20 25.29
C CYS B 164 7.77 -37.51 24.26
N ILE B 165 8.03 -36.24 24.04
CA ILE B 165 7.27 -35.43 23.10
C ILE B 165 8.09 -35.17 21.84
N GLU B 166 7.42 -34.71 20.79
CA GLU B 166 8.05 -34.56 19.50
C GLU B 166 8.96 -33.34 19.44
N GLY B 167 8.49 -32.22 19.95
CA GLY B 167 9.24 -30.97 19.82
C GLY B 167 9.27 -30.50 18.37
N PRO B 168 10.10 -29.49 18.10
CA PRO B 168 11.00 -28.85 19.06
C PRO B 168 10.33 -27.88 20.03
N ARG B 169 9.11 -27.45 19.77
CA ARG B 169 8.43 -26.61 20.75
C ARG B 169 8.22 -27.34 22.07
N PHE B 170 8.22 -26.58 23.16
CA PHE B 170 7.80 -27.11 24.44
C PHE B 170 6.26 -27.22 24.49
N SER B 171 5.78 -27.92 25.51
CA SER B 171 4.34 -28.18 25.66
C SER B 171 3.48 -26.96 25.99
N THR B 172 2.23 -27.01 25.56
CA THR B 172 1.26 -26.05 26.07
C THR B 172 0.84 -26.42 27.50
N ARG B 173 0.23 -25.48 28.19
CA ARG B 173 -0.32 -25.79 29.51
C ARG B 173 -1.37 -26.91 29.46
N ALA B 174 -2.25 -26.89 28.46
CA ALA B 174 -3.26 -27.93 28.36
C ALA B 174 -2.62 -29.31 28.14
N GLU B 175 -1.57 -29.35 27.32
CA GLU B 175 -0.84 -30.59 27.13
C GLU B 175 -0.19 -31.04 28.42
N SER B 176 0.50 -30.14 29.10
CA SER B 176 1.18 -30.54 30.33
C SER B 176 0.23 -30.99 31.44
N ARG B 177 -0.96 -30.39 31.52
CA ARG B 177 -1.96 -30.85 32.48
C ARG B 177 -2.32 -32.30 32.17
N THR B 178 -2.46 -32.59 30.88
CA THR B 178 -2.73 -33.96 30.46
C THR B 178 -1.58 -34.89 30.87
N TRP B 179 -0.35 -34.49 30.56
CA TRP B 179 0.80 -35.35 30.86
C TRP B 179 0.85 -35.70 32.34
N ARG B 180 0.61 -34.70 33.19
CA ARG B 180 0.76 -34.91 34.62
C ARG B 180 -0.51 -35.43 35.27
N GLU B 181 -1.63 -34.77 35.05
CA GLU B 181 -2.84 -35.08 35.82
C GLU B 181 -3.52 -36.35 35.33
N VAL B 182 -3.38 -36.63 34.04
CA VAL B 182 -4.09 -37.76 33.44
C VAL B 182 -3.17 -38.94 33.20
N TYR B 183 -2.06 -38.73 32.49
CA TYR B 183 -1.09 -39.79 32.24
C TYR B 183 -0.25 -40.16 33.46
N LYS B 184 -0.16 -39.25 34.43
CA LYS B 184 0.61 -39.47 35.64
C LYS B 184 2.11 -39.59 35.35
N ALA B 185 2.57 -38.92 34.31
CA ALA B 185 4.01 -38.89 34.00
C ALA B 185 4.74 -38.01 35.04
N ASP B 186 6.03 -38.28 35.20
CA ASP B 186 6.88 -37.60 36.17
C ASP B 186 7.85 -36.61 35.56
N ILE B 187 8.45 -37.00 34.43
CA ILE B 187 9.45 -36.17 33.74
C ILE B 187 9.17 -36.14 32.25
N ILE B 188 9.71 -35.15 31.57
CA ILE B 188 9.40 -34.94 30.16
C ILE B 188 10.64 -34.54 29.37
N GLY B 189 10.78 -35.12 28.19
CA GLY B 189 11.90 -34.76 27.31
C GLY B 189 11.54 -35.07 25.88
N MET B 190 12.51 -34.92 24.97
CA MET B 190 12.27 -35.07 23.54
C MET B 190 13.08 -36.13 22.83
N THR B 191 14.01 -36.79 23.53
CA THR B 191 15.03 -37.60 22.88
C THR B 191 15.03 -39.07 23.24
N LEU B 192 14.22 -39.50 24.20
CA LEU B 192 14.31 -40.89 24.66
C LEU B 192 13.89 -41.89 23.58
N VAL B 193 12.82 -41.56 22.88
CA VAL B 193 12.26 -42.43 21.86
C VAL B 193 12.63 -41.83 20.50
N PRO B 194 13.15 -42.63 19.56
CA PRO B 194 13.25 -44.10 19.54
C PRO B 194 14.59 -44.67 20.02
N GLU B 195 15.43 -43.85 20.64
CA GLU B 195 16.74 -44.31 21.09
C GLU B 195 16.63 -45.59 21.93
N VAL B 196 15.73 -45.59 22.92
CA VAL B 196 15.55 -46.73 23.80
C VAL B 196 15.05 -47.98 23.04
N ASN B 197 14.13 -47.79 22.10
CA ASN B 197 13.57 -48.89 21.28
C ASN B 197 14.68 -49.58 20.50
N LEU B 198 15.47 -48.73 19.86
CA LEU B 198 16.49 -49.19 18.95
C LEU B 198 17.59 -49.92 19.71
N ALA B 199 17.92 -49.38 20.89
CA ALA B 199 18.91 -50.06 21.73
C ALA B 199 18.42 -51.46 22.11
N CYS B 200 17.13 -51.57 22.43
CA CYS B 200 16.57 -52.87 22.76
C CYS B 200 16.63 -53.83 21.57
N GLU B 201 16.25 -53.34 20.39
CA GLU B 201 16.31 -54.17 19.19
C GLU B 201 17.74 -54.63 18.91
N ALA B 202 18.70 -53.78 19.26
CA ALA B 202 20.12 -54.09 19.07
C ALA B 202 20.68 -54.97 20.19
N GLN B 203 19.81 -55.38 21.10
CA GLN B 203 20.17 -56.30 22.18
C GLN B 203 21.20 -55.67 23.12
N MET B 204 21.02 -54.38 23.35
N MET B 204 21.11 -54.36 23.27
CA MET B 204 21.82 -53.66 24.32
CA MET B 204 21.98 -53.65 24.19
C MET B 204 21.09 -53.49 25.64
C MET B 204 21.18 -53.30 25.45
N CYS B 205 21.87 -53.20 26.68
N CYS B 205 21.87 -53.31 26.59
CA CYS B 205 21.37 -52.92 28.02
CA CYS B 205 21.27 -52.94 27.87
C CYS B 205 21.38 -51.41 28.20
C CYS B 205 21.37 -51.43 28.05
N TYR B 206 20.22 -50.78 28.02
CA TYR B 206 20.11 -49.31 27.98
C TYR B 206 19.42 -48.77 29.22
N ALA B 207 19.95 -47.67 29.76
CA ALA B 207 19.29 -46.96 30.86
C ALA B 207 19.58 -45.47 30.76
N THR B 208 18.65 -44.67 31.27
CA THR B 208 18.73 -43.22 31.28
C THR B 208 19.00 -42.67 32.68
N ILE B 209 20.00 -41.78 32.75
CA ILE B 209 20.20 -40.93 33.91
C ILE B 209 19.69 -39.56 33.50
N ALA B 210 18.55 -39.17 34.04
CA ALA B 210 17.93 -37.91 33.69
C ALA B 210 18.23 -36.87 34.77
N MET B 211 18.47 -35.64 34.37
N MET B 211 18.39 -35.62 34.33
CA MET B 211 18.58 -34.59 35.36
CA MET B 211 18.66 -34.49 35.20
C MET B 211 17.52 -33.55 35.11
C MET B 211 17.52 -33.50 35.08
N VAL B 212 16.87 -33.16 36.21
CA VAL B 212 15.78 -32.20 36.18
C VAL B 212 16.35 -30.80 35.96
N THR B 213 16.00 -30.19 34.84
CA THR B 213 16.55 -28.90 34.48
C THR B 213 15.52 -27.80 34.50
N ASP B 214 14.25 -28.15 34.72
CA ASP B 214 13.17 -27.17 34.72
C ASP B 214 11.91 -27.83 35.25
N TYR B 215 10.89 -27.01 35.50
CA TYR B 215 9.57 -27.48 35.95
C TYR B 215 8.52 -27.37 34.85
N ASP B 216 8.97 -27.46 33.60
CA ASP B 216 8.05 -27.39 32.47
C ASP B 216 7.21 -26.10 32.54
N VAL B 217 5.88 -26.21 32.44
CA VAL B 217 5.03 -25.03 32.50
C VAL B 217 4.65 -24.61 33.92
N PHE B 218 5.10 -25.36 34.92
CA PHE B 218 4.51 -25.26 36.26
C PHE B 218 5.11 -24.25 37.25
N ALA B 219 6.31 -23.74 36.98
CA ALA B 219 6.83 -22.64 37.79
C ALA B 219 6.29 -21.29 37.31
N GLU B 220 6.57 -20.23 38.07
CA GLU B 220 6.06 -18.91 37.73
C GLU B 220 6.44 -18.53 36.30
N ILE B 221 7.68 -18.83 35.93
CA ILE B 221 8.16 -18.62 34.58
C ILE B 221 8.33 -19.96 33.88
N PRO B 222 7.60 -20.19 32.77
CA PRO B 222 7.68 -21.49 32.11
C PRO B 222 9.06 -21.79 31.52
N VAL B 223 9.34 -23.07 31.33
CA VAL B 223 10.60 -23.54 30.75
C VAL B 223 10.99 -22.77 29.49
N THR B 224 12.28 -22.48 29.38
CA THR B 224 12.88 -21.97 28.15
C THR B 224 14.17 -22.75 27.88
N ALA B 225 14.65 -22.70 26.64
CA ALA B 225 15.87 -23.43 26.31
C ALA B 225 17.03 -22.85 27.11
N GLU B 226 17.00 -21.55 27.34
CA GLU B 226 18.03 -20.90 28.15
C GLU B 226 18.12 -21.50 29.55
N GLU B 227 16.98 -21.73 30.18
CA GLU B 227 16.95 -22.33 31.52
C GLU B 227 17.51 -23.74 31.52
N VAL B 228 17.14 -24.53 30.51
CA VAL B 228 17.61 -25.89 30.44
C VAL B 228 19.14 -25.93 30.40
N THR B 229 19.73 -25.11 29.55
N THR B 229 19.70 -25.10 29.52
CA THR B 229 21.19 -25.12 29.43
CA THR B 229 21.15 -25.00 29.36
C THR B 229 21.88 -24.55 30.68
C THR B 229 21.79 -24.61 30.69
N ARG B 230 21.28 -23.54 31.29
CA ARG B 230 21.83 -22.99 32.53
C ARG B 230 21.83 -24.02 33.66
N VAL B 231 20.71 -24.70 33.86
CA VAL B 231 20.61 -25.65 34.97
C VAL B 231 21.48 -26.88 34.74
N MET B 232 21.54 -27.36 33.50
N MET B 232 21.53 -27.37 33.50
CA MET B 232 22.44 -28.47 33.19
CA MET B 232 22.46 -28.45 33.16
C MET B 232 23.90 -28.10 33.47
C MET B 232 23.87 -28.06 33.56
N ALA B 233 24.28 -26.86 33.16
CA ALA B 233 25.65 -26.41 33.40
C ALA B 233 25.98 -26.40 34.89
N GLU B 234 24.99 -26.05 35.71
CA GLU B 234 25.18 -26.00 37.16
C GLU B 234 25.42 -27.37 37.77
N ASN B 235 25.05 -28.42 37.04
CA ASN B 235 25.07 -29.76 37.59
C ASN B 235 25.94 -30.77 36.83
N THR B 236 26.72 -30.29 35.87
CA THR B 236 27.54 -31.19 35.06
C THR B 236 28.60 -31.92 35.88
N GLU B 237 29.20 -31.23 36.85
CA GLU B 237 30.25 -31.87 37.65
C GLU B 237 29.71 -33.09 38.38
N LYS B 238 28.51 -32.94 38.95
CA LYS B 238 27.83 -34.03 39.63
C LYS B 238 27.55 -35.18 38.66
N ALA B 239 27.05 -34.84 37.48
CA ALA B 239 26.76 -35.84 36.45
C ALA B 239 28.02 -36.61 36.04
N LYS B 240 29.13 -35.90 35.91
CA LYS B 240 30.40 -36.52 35.52
C LYS B 240 30.90 -37.49 36.59
N LYS B 241 30.73 -37.13 37.85
CA LYS B 241 31.13 -38.01 38.97
C LYS B 241 30.31 -39.29 38.96
N LEU B 242 29.01 -39.15 38.76
CA LEU B 242 28.12 -40.30 38.70
C LEU B 242 28.50 -41.21 37.53
N LEU B 243 28.69 -40.59 36.38
CA LEU B 243 29.05 -41.32 35.18
C LEU B 243 30.38 -42.07 35.33
N TYR B 244 31.39 -41.38 35.84
CA TYR B 244 32.69 -41.98 35.99
C TYR B 244 32.66 -43.20 36.91
N ALA B 245 31.95 -43.07 38.03
CA ALA B 245 31.82 -44.16 38.98
C ALA B 245 31.04 -45.34 38.42
N LEU B 246 29.93 -45.05 37.73
CA LEU B 246 29.09 -46.11 37.18
C LEU B 246 29.85 -46.94 36.15
N ILE B 247 30.56 -46.26 35.27
CA ILE B 247 31.33 -46.94 34.23
C ILE B 247 32.31 -47.94 34.84
N GLN B 248 33.01 -47.52 35.90
CA GLN B 248 33.95 -48.41 36.59
C GLN B 248 33.27 -49.63 37.19
N LYS B 249 32.02 -49.47 37.61
CA LYS B 249 31.27 -50.47 38.37
C LYS B 249 30.69 -51.59 37.50
N LEU B 250 30.45 -51.31 36.22
CA LEU B 250 29.80 -52.27 35.34
C LEU B 250 30.59 -53.58 35.21
N PRO B 251 29.88 -54.71 35.29
CA PRO B 251 30.50 -55.99 34.92
C PRO B 251 30.76 -56.05 33.41
N GLU B 252 31.55 -57.03 32.98
CA GLU B 252 31.93 -57.11 31.57
C GLU B 252 30.72 -57.26 30.64
N LYS B 253 29.80 -58.12 31.03
CA LYS B 253 28.61 -58.37 30.23
C LYS B 253 27.36 -58.36 31.11
N PRO B 254 26.30 -57.69 30.65
CA PRO B 254 25.05 -57.71 31.43
C PRO B 254 24.50 -59.12 31.52
N GLU B 255 23.79 -59.44 32.59
CA GLU B 255 23.19 -60.75 32.74
C GLU B 255 21.91 -60.87 31.92
N GLU B 256 21.63 -62.06 31.42
CA GLU B 256 20.41 -62.30 30.64
C GLU B 256 19.18 -62.26 31.54
N GLY B 257 19.37 -62.53 32.83
CA GLY B 257 18.28 -62.53 33.79
C GLY B 257 17.94 -61.15 34.32
N SER B 258 18.84 -60.19 34.12
CA SER B 258 18.63 -58.82 34.58
C SER B 258 18.62 -57.84 33.39
N CYS B 259 18.60 -58.39 32.19
CA CYS B 259 18.50 -57.59 30.98
C CYS B 259 17.48 -58.24 30.05
N SER B 260 16.30 -57.63 29.94
CA SER B 260 15.20 -58.22 29.18
C SER B 260 15.48 -58.19 27.68
N CYS B 261 16.31 -57.24 27.24
CA CYS B 261 16.59 -57.08 25.81
C CYS B 261 17.79 -57.91 25.36
N CYS B 262 18.65 -58.26 26.31
CA CYS B 262 19.85 -59.07 26.01
C CYS B 262 19.48 -60.46 25.54
N ASN B 263 19.89 -60.80 24.32
CA ASN B 263 19.65 -62.13 23.77
C ASN B 263 18.17 -62.55 23.81
N SER B 264 17.27 -61.58 23.70
CA SER B 264 15.85 -61.86 23.79
C SER B 264 15.13 -61.71 22.45
N LEU B 265 15.89 -61.40 21.39
CA LEU B 265 15.29 -61.25 20.08
C LEU B 265 14.51 -62.50 19.68
N LYS B 266 14.96 -63.66 20.14
CA LYS B 266 14.34 -64.93 19.77
C LYS B 266 12.81 -64.90 19.83
N THR B 267 12.27 -64.52 20.98
CA THR B 267 10.82 -64.52 21.16
C THR B 267 10.12 -63.31 20.54
N ALA B 268 10.90 -62.34 20.05
CA ALA B 268 10.35 -61.15 19.39
C ALA B 268 10.22 -61.35 17.88
N LEU B 269 10.91 -62.35 17.34
CA LEU B 269 10.93 -62.58 15.91
C LEU B 269 9.72 -63.40 15.52
N VAL B 270 8.95 -62.93 14.55
CA VAL B 270 7.74 -63.65 14.19
C VAL B 270 8.13 -64.97 13.52
N MET C 1 15.63 -15.91 -1.76
CA MET C 1 16.41 -15.74 -2.98
C MET C 1 15.84 -14.63 -3.84
N ILE C 2 14.71 -14.11 -3.40
CA ILE C 2 13.97 -13.06 -4.09
C ILE C 2 13.78 -11.88 -3.16
N GLU C 3 13.99 -10.68 -3.66
CA GLU C 3 13.69 -9.48 -2.87
C GLU C 3 12.18 -9.24 -2.90
N GLN C 4 11.52 -9.37 -1.76
CA GLN C 4 10.09 -9.15 -1.71
C GLN C 4 9.79 -7.67 -1.51
N ASN C 5 9.25 -7.04 -2.55
CA ASN C 5 8.98 -5.60 -2.54
C ASN C 5 7.65 -5.23 -1.89
N GLU C 6 6.67 -6.12 -1.99
CA GLU C 6 5.37 -5.91 -1.35
C GLU C 6 5.51 -6.04 0.16
N LYS C 7 4.72 -5.26 0.89
CA LYS C 7 4.75 -5.28 2.35
C LYS C 7 3.34 -5.28 2.93
N ALA C 8 3.13 -6.07 3.97
CA ALA C 8 1.89 -6.05 4.75
C ALA C 8 2.25 -6.30 6.21
N SER C 9 1.58 -5.61 7.13
CA SER C 9 1.85 -5.83 8.55
C SER C 9 0.89 -6.82 9.19
N ILE C 10 -0.22 -7.07 8.52
CA ILE C 10 -1.25 -7.95 9.05
C ILE C 10 -1.51 -9.06 8.03
N GLY C 11 -1.55 -10.30 8.50
CA GLY C 11 -1.87 -11.43 7.65
C GLY C 11 -3.12 -12.12 8.14
N ILE C 12 -3.98 -12.52 7.20
N ILE C 12 -4.01 -12.47 7.21
CA ILE C 12 -5.22 -13.20 7.52
CA ILE C 12 -5.20 -13.24 7.52
C ILE C 12 -5.21 -14.57 6.84
C ILE C 12 -5.09 -14.59 6.85
N ILE C 13 -5.28 -15.65 7.62
CA ILE C 13 -5.33 -16.98 7.05
C ILE C 13 -6.77 -17.49 7.14
N GLY C 14 -7.39 -17.66 5.98
CA GLY C 14 -8.79 -18.09 5.95
C GLY C 14 -8.95 -19.59 5.84
N GLY C 15 -9.91 -20.11 6.61
CA GLY C 15 -10.20 -21.52 6.63
C GLY C 15 -11.37 -21.90 5.76
N SER C 16 -12.05 -22.98 6.15
CA SER C 16 -13.20 -23.47 5.39
C SER C 16 -14.24 -22.38 5.21
N GLY C 17 -14.73 -22.24 3.98
CA GLY C 17 -15.80 -21.31 3.68
C GLY C 17 -15.39 -19.85 3.61
N LEU C 18 -14.09 -19.59 3.73
CA LEU C 18 -13.62 -18.21 3.71
C LEU C 18 -12.58 -17.97 2.63
N TYR C 19 -12.84 -18.48 1.42
CA TYR C 19 -11.93 -18.24 0.32
C TYR C 19 -11.94 -16.75 -0.02
N ASP C 20 -13.11 -16.14 0.07
CA ASP C 20 -13.22 -14.70 -0.13
C ASP C 20 -13.57 -14.03 1.18
N PRO C 21 -12.61 -13.32 1.78
CA PRO C 21 -12.73 -12.70 3.10
C PRO C 21 -13.69 -11.52 3.13
N GLY C 22 -14.01 -10.97 1.95
CA GLY C 22 -14.93 -9.86 1.84
C GLY C 22 -14.53 -8.62 2.61
N ILE C 23 -13.23 -8.38 2.73
CA ILE C 23 -12.73 -7.25 3.50
C ILE C 23 -12.01 -6.19 2.64
N PHE C 24 -11.57 -6.56 1.44
CA PHE C 24 -10.77 -5.66 0.61
C PHE C 24 -11.63 -4.72 -0.23
N SER C 25 -11.11 -3.52 -0.47
CA SER C 25 -11.70 -2.62 -1.44
C SER C 25 -10.97 -2.78 -2.77
N GLU C 26 -9.68 -2.45 -2.78
CA GLU C 26 -8.83 -2.70 -3.93
C GLU C 26 -7.74 -3.67 -3.51
N SER C 27 -7.41 -4.61 -4.38
CA SER C 27 -6.42 -5.63 -4.01
C SER C 27 -5.81 -6.26 -5.26
N LYS C 28 -4.74 -7.02 -5.06
CA LYS C 28 -4.16 -7.78 -6.15
C LYS C 28 -3.62 -9.10 -5.64
N GLU C 29 -3.39 -10.03 -6.54
CA GLU C 29 -2.81 -11.31 -6.17
C GLU C 29 -1.35 -11.40 -6.55
N ILE C 30 -0.55 -11.92 -5.63
CA ILE C 30 0.89 -11.99 -5.86
C ILE C 30 1.44 -13.39 -5.54
N LYS C 31 2.49 -13.76 -6.28
CA LYS C 31 3.25 -14.98 -5.99
C LYS C 31 4.39 -14.62 -5.04
N VAL C 32 4.53 -15.38 -3.97
CA VAL C 32 5.58 -15.11 -3.00
C VAL C 32 6.58 -16.28 -2.93
N TYR C 33 7.85 -15.96 -3.11
CA TYR C 33 8.91 -16.96 -3.02
C TYR C 33 9.00 -17.58 -1.62
N THR C 34 9.12 -18.90 -1.55
CA THR C 34 9.54 -19.56 -0.31
C THR C 34 10.48 -20.70 -0.63
N PRO C 35 11.39 -21.01 0.30
CA PRO C 35 12.28 -22.17 0.11
C PRO C 35 11.58 -23.50 0.40
N TYR C 36 10.29 -23.45 0.71
CA TYR C 36 9.51 -24.65 0.98
C TYR C 36 8.52 -24.90 -0.15
N GLY C 37 8.65 -24.14 -1.24
CA GLY C 37 7.78 -24.32 -2.38
C GLY C 37 6.49 -23.53 -2.23
N GLN C 38 5.38 -24.14 -2.65
CA GLN C 38 4.13 -23.43 -2.90
C GLN C 38 3.31 -23.12 -1.65
N PRO C 39 3.03 -21.83 -1.40
CA PRO C 39 1.92 -21.53 -0.49
C PRO C 39 0.60 -22.06 -1.05
N SER C 40 -0.44 -22.10 -0.22
CA SER C 40 -1.73 -22.66 -0.64
C SER C 40 -2.33 -21.97 -1.86
N ASP C 41 -2.02 -20.69 -2.04
CA ASP C 41 -2.56 -19.95 -3.17
C ASP C 41 -1.70 -18.71 -3.34
N PHE C 42 -1.95 -17.94 -4.39
N PHE C 42 -2.03 -17.94 -4.38
CA PHE C 42 -1.35 -16.61 -4.44
CA PHE C 42 -1.60 -16.55 -4.47
C PHE C 42 -1.92 -15.84 -3.25
C PHE C 42 -1.97 -15.84 -3.17
N ILE C 43 -1.11 -14.96 -2.70
N ILE C 43 -1.19 -14.82 -2.82
CA ILE C 43 -1.55 -14.10 -1.61
CA ILE C 43 -1.47 -14.01 -1.64
C ILE C 43 -2.29 -12.90 -2.18
C ILE C 43 -2.19 -12.73 -2.06
N THR C 44 -3.38 -12.51 -1.53
CA THR C 44 -4.11 -11.30 -1.88
C THR C 44 -3.61 -10.19 -0.98
N ILE C 45 -3.19 -9.08 -1.58
CA ILE C 45 -2.70 -7.94 -0.81
C ILE C 45 -3.45 -6.66 -1.14
N GLY C 46 -3.78 -5.89 -0.11
CA GLY C 46 -4.53 -4.64 -0.29
C GLY C 46 -4.64 -3.84 0.99
N LYS C 47 -5.16 -2.61 0.90
CA LYS C 47 -5.22 -1.73 2.05
C LYS C 47 -6.57 -1.82 2.75
N ILE C 48 -6.56 -1.90 4.08
CA ILE C 48 -7.78 -1.76 4.87
C ILE C 48 -7.53 -0.69 5.92
N GLY C 49 -8.31 0.37 5.89
CA GLY C 49 -8.01 1.53 6.72
C GLY C 49 -6.59 1.96 6.42
N ASN C 50 -5.79 2.16 7.46
CA ASN C 50 -4.40 2.55 7.27
C ASN C 50 -3.45 1.36 7.21
N LYS C 51 -4.02 0.17 7.04
CA LYS C 51 -3.25 -1.06 7.12
C LYS C 51 -3.04 -1.75 5.76
N SER C 52 -1.83 -2.21 5.51
CA SER C 52 -1.61 -3.11 4.39
C SER C 52 -1.82 -4.53 4.90
N VAL C 53 -2.75 -5.25 4.28
CA VAL C 53 -3.13 -6.58 4.72
C VAL C 53 -2.90 -7.64 3.64
N ALA C 54 -2.38 -8.79 4.06
CA ALA C 54 -2.19 -9.95 3.20
C ALA C 54 -3.18 -11.03 3.60
N PHE C 55 -3.80 -11.68 2.62
CA PHE C 55 -4.75 -12.77 2.86
C PHE C 55 -4.33 -14.01 2.12
N LEU C 56 -4.53 -15.16 2.77
CA LEU C 56 -4.18 -16.44 2.22
C LEU C 56 -5.23 -17.46 2.63
N PRO C 57 -5.89 -18.12 1.66
CA PRO C 57 -6.84 -19.18 2.02
C PRO C 57 -6.09 -20.49 2.19
N ARG C 58 -6.06 -21.04 3.41
CA ARG C 58 -5.17 -22.18 3.64
C ARG C 58 -5.50 -23.43 2.80
N HIS C 59 -6.76 -23.61 2.41
CA HIS C 59 -7.12 -24.75 1.56
C HIS C 59 -7.00 -24.47 0.08
N GLY C 60 -6.64 -23.24 -0.27
CA GLY C 60 -6.46 -22.84 -1.66
C GLY C 60 -7.77 -22.68 -2.43
N ARG C 61 -7.62 -22.34 -3.70
CA ARG C 61 -8.73 -22.19 -4.63
C ARG C 61 -9.57 -23.44 -4.64
N GLY C 62 -10.88 -23.29 -4.51
CA GLY C 62 -11.79 -24.42 -4.60
C GLY C 62 -11.63 -25.41 -3.46
N HIS C 63 -11.05 -24.99 -2.35
CA HIS C 63 -10.80 -25.89 -1.22
C HIS C 63 -10.13 -27.18 -1.71
N ARG C 64 -9.05 -27.02 -2.46
CA ARG C 64 -8.41 -28.15 -3.09
C ARG C 64 -7.38 -28.85 -2.21
N ILE C 65 -6.98 -28.25 -1.09
CA ILE C 65 -5.91 -28.82 -0.26
C ILE C 65 -6.43 -29.24 1.10
N PRO C 66 -6.32 -30.53 1.42
CA PRO C 66 -6.80 -30.99 2.74
C PRO C 66 -5.78 -30.66 3.83
N PRO C 67 -6.21 -30.66 5.11
CA PRO C 67 -5.35 -30.21 6.21
C PRO C 67 -3.99 -30.92 6.25
N HIS C 68 -3.96 -32.20 5.95
CA HIS C 68 -2.71 -32.95 6.06
C HIS C 68 -1.71 -32.64 4.95
N LYS C 69 -2.16 -31.97 3.89
CA LYS C 69 -1.27 -31.61 2.77
C LYS C 69 -0.96 -30.11 2.68
N ILE C 70 -1.47 -29.32 3.61
CA ILE C 70 -1.21 -27.89 3.56
C ILE C 70 0.29 -27.65 3.79
N ASN C 71 0.85 -26.76 2.99
CA ASN C 71 2.25 -26.38 3.12
C ASN C 71 2.37 -25.29 4.16
N TYR C 72 2.25 -25.68 5.43
CA TYR C 72 2.25 -24.70 6.52
C TYR C 72 3.53 -23.86 6.54
N ARG C 73 4.67 -24.50 6.30
CA ARG C 73 5.91 -23.73 6.30
C ARG C 73 5.95 -22.68 5.18
N ALA C 74 5.52 -23.05 3.99
CA ALA C 74 5.47 -22.08 2.90
C ALA C 74 4.51 -20.93 3.22
N ASN C 75 3.36 -21.25 3.80
CA ASN C 75 2.38 -20.20 4.08
C ASN C 75 2.94 -19.19 5.07
N ILE C 76 3.53 -19.69 6.16
CA ILE C 76 4.06 -18.77 7.17
C ILE C 76 5.31 -18.05 6.67
N TRP C 77 6.17 -18.75 5.95
CA TRP C 77 7.35 -18.10 5.36
C TRP C 77 6.93 -16.95 4.45
N ALA C 78 5.93 -17.19 3.61
CA ALA C 78 5.45 -16.15 2.70
C ALA C 78 4.98 -14.89 3.46
N LEU C 79 4.24 -15.09 4.53
CA LEU C 79 3.77 -13.95 5.32
C LEU C 79 4.95 -13.22 5.96
N LYS C 80 5.91 -13.98 6.47
CA LYS C 80 7.12 -13.37 7.04
C LYS C 80 7.86 -12.53 6.00
N GLU C 81 7.99 -13.03 4.78
CA GLU C 81 8.66 -12.28 3.72
C GLU C 81 7.99 -10.95 3.44
N LEU C 82 6.67 -10.90 3.63
CA LEU C 82 5.90 -9.69 3.43
C LEU C 82 6.00 -8.72 4.60
N GLY C 83 6.61 -9.15 5.70
CA GLY C 83 6.76 -8.29 6.86
C GLY C 83 5.60 -8.37 7.84
N VAL C 84 4.80 -9.43 7.74
CA VAL C 84 3.63 -9.60 8.60
C VAL C 84 4.04 -9.74 10.07
N ARG C 85 3.38 -8.97 10.93
CA ARG C 85 3.60 -9.02 12.38
C ARG C 85 2.43 -9.64 13.15
N TRP C 86 1.21 -9.44 12.64
CA TRP C 86 -0.01 -9.97 13.24
C TRP C 86 -0.60 -10.99 12.29
N VAL C 87 -0.96 -12.17 12.81
CA VAL C 87 -1.63 -13.17 11.98
C VAL C 87 -2.96 -13.55 12.63
N ILE C 88 -4.05 -13.28 11.91
CA ILE C 88 -5.38 -13.67 12.35
C ILE C 88 -5.83 -14.88 11.54
N SER C 89 -6.03 -16.01 12.21
CA SER C 89 -6.59 -17.20 11.59
C SER C 89 -8.09 -17.22 11.80
N VAL C 90 -8.84 -17.52 10.75
CA VAL C 90 -10.27 -17.77 10.90
C VAL C 90 -10.50 -19.23 10.52
N SER C 91 -11.13 -19.97 11.43
N SER C 91 -11.06 -20.00 11.43
CA SER C 91 -11.26 -21.40 11.25
CA SER C 91 -11.22 -21.44 11.19
C SER C 91 -12.66 -21.92 11.55
C SER C 91 -12.51 -22.06 11.73
N ALA C 92 -12.96 -23.09 11.01
CA ALA C 92 -14.17 -23.83 11.35
C ALA C 92 -13.79 -24.91 12.34
N VAL C 93 -14.55 -25.03 13.42
CA VAL C 93 -14.30 -26.06 14.43
C VAL C 93 -15.56 -26.81 14.83
N GLY C 94 -15.36 -28.03 15.32
CA GLY C 94 -16.42 -28.74 15.99
C GLY C 94 -16.44 -28.38 17.46
N SER C 95 -17.64 -28.40 18.06
CA SER C 95 -17.78 -28.21 19.49
C SER C 95 -17.86 -29.56 20.18
N LEU C 96 -17.14 -29.69 21.29
CA LEU C 96 -17.21 -30.87 22.13
C LEU C 96 -18.01 -30.63 23.40
N ARG C 97 -18.66 -29.46 23.51
CA ARG C 97 -19.42 -29.09 24.69
C ARG C 97 -20.71 -28.40 24.28
N MET C 98 -21.83 -28.80 24.88
N MET C 98 -21.79 -28.76 24.97
CA MET C 98 -23.11 -28.30 24.38
CA MET C 98 -23.14 -28.28 24.66
C MET C 98 -23.37 -26.84 24.73
C MET C 98 -23.28 -26.76 24.58
N ASP C 99 -22.43 -26.20 25.43
N ASP C 99 -22.60 -26.03 25.46
CA ASP C 99 -22.49 -24.77 25.66
CA ASP C 99 -22.76 -24.58 25.54
C ASP C 99 -22.00 -24.00 24.43
C ASP C 99 -21.92 -23.80 24.52
N TYR C 100 -20.94 -24.51 23.81
N TYR C 100 -21.12 -24.50 23.72
CA TYR C 100 -20.44 -23.93 22.56
CA TYR C 100 -20.47 -23.87 22.57
C TYR C 100 -21.40 -24.34 21.44
C TYR C 100 -21.26 -24.25 21.34
N LYS C 101 -22.24 -23.40 21.01
CA LYS C 101 -23.28 -23.73 20.03
C LYS C 101 -22.94 -23.33 18.60
N LEU C 102 -23.67 -23.92 17.65
CA LEU C 102 -23.47 -23.60 16.24
C LEU C 102 -23.52 -22.10 16.02
N GLY C 103 -22.52 -21.59 15.32
CA GLY C 103 -22.47 -20.18 14.99
C GLY C 103 -21.80 -19.33 16.05
N ASP C 104 -21.56 -19.90 17.23
CA ASP C 104 -20.79 -19.19 18.25
C ASP C 104 -19.35 -19.06 17.78
N PHE C 105 -18.74 -17.92 18.07
CA PHE C 105 -17.30 -17.82 17.93
C PHE C 105 -16.59 -18.22 19.21
N VAL C 106 -15.34 -18.66 19.05
CA VAL C 106 -14.49 -19.01 20.17
C VAL C 106 -13.11 -18.45 19.91
N ILE C 107 -12.53 -17.82 20.91
CA ILE C 107 -11.16 -17.35 20.83
C ILE C 107 -10.34 -18.25 21.75
N PRO C 108 -9.84 -19.36 21.20
CA PRO C 108 -9.17 -20.32 22.11
C PRO C 108 -7.92 -19.75 22.76
N ASP C 109 -7.59 -20.26 23.95
CA ASP C 109 -6.36 -19.88 24.64
C ASP C 109 -5.35 -21.02 24.80
N GLN C 110 -5.75 -22.25 24.45
CA GLN C 110 -4.85 -23.39 24.61
C GLN C 110 -5.07 -24.35 23.45
N PHE C 111 -4.13 -25.27 23.25
CA PHE C 111 -4.35 -26.36 22.32
C PHE C 111 -3.70 -27.65 22.79
N ILE C 112 -4.16 -28.74 22.19
CA ILE C 112 -3.57 -30.05 22.38
C ILE C 112 -3.33 -30.62 20.98
N ASP C 113 -2.09 -31.01 20.71
CA ASP C 113 -1.69 -31.46 19.38
C ASP C 113 -1.80 -32.98 19.23
N MET C 114 -2.79 -33.45 18.46
CA MET C 114 -2.93 -34.86 18.16
C MET C 114 -2.63 -35.16 16.70
N THR C 115 -1.94 -34.25 16.02
CA THR C 115 -1.56 -34.49 14.63
C THR C 115 -0.47 -35.56 14.56
N LYS C 116 -0.26 -36.11 13.36
N LYS C 116 -0.20 -36.03 13.35
CA LYS C 116 0.54 -37.33 13.21
CA LYS C 116 0.81 -37.05 13.14
C LYS C 116 1.70 -37.19 12.22
C LYS C 116 1.59 -36.70 11.88
N ASN C 117 1.43 -36.68 11.03
N ASN C 117 2.91 -36.90 11.90
CA ASN C 117 2.46 -36.68 9.99
CA ASN C 117 3.71 -36.80 10.68
C ASN C 117 2.68 -35.34 9.28
C ASN C 117 3.64 -35.50 9.87
N ARG C 118 3.11 -34.34 10.03
N ARG C 118 3.39 -34.38 10.55
CA ARG C 118 3.43 -33.06 9.44
CA ARG C 118 3.43 -33.07 9.90
C ARG C 118 4.82 -32.60 9.82
C ARG C 118 4.84 -32.47 10.07
N GLU C 119 5.18 -31.42 9.32
CA GLU C 119 6.48 -30.80 9.55
C GLU C 119 6.28 -29.66 10.54
N TYR C 120 6.87 -29.79 11.72
CA TYR C 120 6.51 -28.95 12.86
C TYR C 120 7.33 -27.68 13.06
N SER C 121 8.43 -27.52 12.33
CA SER C 121 9.35 -26.43 12.65
C SER C 121 10.08 -25.90 11.43
N PHE C 122 10.53 -24.65 11.53
CA PHE C 122 11.51 -24.06 10.60
C PHE C 122 12.94 -24.38 10.98
N PHE C 123 13.15 -24.90 12.18
CA PHE C 123 14.51 -25.08 12.70
C PHE C 123 14.92 -26.56 12.76
N ASP C 124 15.54 -27.02 11.69
CA ASP C 124 15.95 -28.41 11.59
C ASP C 124 17.46 -28.60 11.83
N GLY C 125 18.14 -27.54 12.23
CA GLY C 125 19.58 -27.55 12.41
C GLY C 125 20.26 -26.79 11.28
N PRO C 126 21.41 -26.16 11.55
CA PRO C 126 22.26 -26.26 12.76
C PRO C 126 21.91 -25.27 13.84
N VAL C 127 20.95 -24.38 13.58
CA VAL C 127 20.49 -23.44 14.60
C VAL C 127 19.26 -24.05 15.24
N VAL C 128 19.43 -24.54 16.47
CA VAL C 128 18.36 -25.26 17.14
C VAL C 128 17.56 -24.28 18.01
N ALA C 129 16.24 -24.35 17.88
CA ALA C 129 15.34 -23.49 18.65
C ALA C 129 14.21 -24.31 19.23
N HIS C 130 13.91 -24.03 20.49
CA HIS C 130 12.82 -24.68 21.19
C HIS C 130 11.92 -23.61 21.76
N VAL C 131 10.90 -23.21 20.99
N VAL C 131 10.89 -23.24 21.00
CA VAL C 131 10.03 -22.11 21.42
CA VAL C 131 10.01 -22.16 21.44
C VAL C 131 9.08 -22.52 22.53
C VAL C 131 9.14 -22.58 22.63
N SER C 132 8.97 -21.64 23.52
N SER C 132 8.83 -21.63 23.49
CA SER C 132 8.00 -21.81 24.60
CA SER C 132 7.99 -21.87 24.66
C SER C 132 6.61 -21.51 24.06
C SER C 132 6.53 -21.59 24.35
N MET C 133 5.64 -22.33 24.43
N MET C 133 5.72 -22.65 24.28
CA MET C 133 4.28 -22.09 23.99
CA MET C 133 4.31 -22.50 23.91
C MET C 133 3.28 -22.49 25.05
C MET C 133 3.32 -22.74 25.06
N ALA C 134 3.71 -22.42 26.29
CA ALA C 134 2.85 -22.64 27.44
C ALA C 134 1.51 -21.93 27.23
N ASP C 135 1.58 -20.69 26.78
CA ASP C 135 0.40 -19.93 26.37
C ASP C 135 0.58 -19.67 24.88
N PRO C 136 0.03 -20.58 24.05
CA PRO C 136 0.49 -20.65 22.66
C PRO C 136 0.01 -19.54 21.73
N PHE C 137 -1.06 -18.83 22.09
CA PHE C 137 -1.56 -17.74 21.27
C PHE C 137 -1.09 -16.39 21.79
N CYS C 138 -1.07 -15.41 20.91
CA CYS C 138 -0.67 -14.06 21.30
C CYS C 138 -1.75 -13.39 22.15
N ASN C 139 -1.41 -13.08 23.40
CA ASN C 139 -2.34 -12.49 24.35
C ASN C 139 -2.93 -11.17 23.84
N SER C 140 -2.09 -10.30 23.30
CA SER C 140 -2.58 -8.99 22.90
C SER C 140 -3.62 -9.12 21.77
N LEU C 141 -3.39 -10.02 20.83
CA LEU C 141 -4.31 -10.18 19.72
C LEU C 141 -5.61 -10.86 20.19
N ARG C 142 -5.49 -11.87 21.05
CA ARG C 142 -6.67 -12.50 21.65
C ARG C 142 -7.53 -11.45 22.33
N LYS C 143 -6.91 -10.59 23.14
CA LYS C 143 -7.64 -9.57 23.87
C LYS C 143 -8.35 -8.59 22.93
N LEU C 144 -7.69 -8.21 21.83
CA LEU C 144 -8.28 -7.30 20.86
C LEU C 144 -9.44 -7.97 20.13
N ALA C 145 -9.31 -9.26 19.83
CA ALA C 145 -10.41 -10.01 19.22
C ALA C 145 -11.62 -10.05 20.14
N ILE C 146 -11.39 -10.34 21.41
CA ILE C 146 -12.46 -10.39 22.40
C ILE C 146 -13.14 -9.03 22.54
N GLU C 147 -12.35 -7.96 22.58
CA GLU C 147 -12.92 -6.63 22.67
C GLU C 147 -13.77 -6.31 21.45
N THR C 148 -13.30 -6.70 20.28
CA THR C 148 -14.04 -6.44 19.04
C THR C 148 -15.39 -7.16 19.08
N ALA C 149 -15.37 -8.44 19.46
CA ALA C 149 -16.62 -9.20 19.55
C ALA C 149 -17.61 -8.55 20.52
N LYS C 150 -17.10 -8.10 21.66
CA LYS C 150 -17.93 -7.41 22.65
C LYS C 150 -18.53 -6.11 22.09
N GLU C 151 -17.72 -5.34 21.36
CA GLU C 151 -18.15 -4.08 20.80
C GLU C 151 -19.23 -4.29 19.73
N LEU C 152 -19.11 -5.39 18.99
N LEU C 152 -19.12 -5.38 18.98
CA LEU C 152 -20.06 -5.71 17.92
CA LEU C 152 -20.08 -5.68 17.92
C LEU C 152 -21.27 -6.46 18.44
C LEU C 152 -21.22 -6.57 18.40
N ASN C 153 -21.21 -6.92 19.68
CA ASN C 153 -22.27 -7.73 20.27
C ASN C 153 -22.42 -9.07 19.54
N ILE C 154 -21.29 -9.68 19.23
CA ILE C 154 -21.27 -10.97 18.56
C ILE C 154 -20.91 -12.05 19.58
N LYS C 155 -21.77 -13.06 19.70
CA LYS C 155 -21.61 -14.07 20.74
C LYS C 155 -20.32 -14.85 20.56
N THR C 156 -19.47 -14.78 21.59
CA THR C 156 -18.11 -15.26 21.50
C THR C 156 -17.62 -15.77 22.85
N HIS C 157 -17.13 -17.00 22.86
CA HIS C 157 -16.53 -17.55 24.06
C HIS C 157 -15.07 -17.12 24.13
N GLU C 158 -14.68 -16.64 25.31
CA GLU C 158 -13.40 -15.94 25.48
C GLU C 158 -12.25 -16.84 25.92
N SER C 159 -12.45 -18.15 25.82
CA SER C 159 -11.38 -19.09 26.11
C SER C 159 -11.77 -20.44 25.53
N GLY C 160 -10.84 -21.38 25.57
CA GLY C 160 -11.12 -22.70 25.06
C GLY C 160 -9.88 -23.43 24.62
N THR C 161 -9.91 -24.75 24.79
CA THR C 161 -8.83 -25.60 24.34
C THR C 161 -9.21 -26.25 23.03
N TYR C 162 -8.40 -26.00 22.01
CA TYR C 162 -8.55 -26.59 20.68
C TYR C 162 -7.73 -27.86 20.58
N ILE C 163 -8.38 -28.98 20.31
CA ILE C 163 -7.65 -30.22 20.02
C ILE C 163 -7.51 -30.35 18.50
N CYS C 164 -6.26 -30.50 18.05
CA CYS C 164 -5.99 -30.58 16.62
C CYS C 164 -5.72 -32.02 16.23
N ILE C 165 -6.55 -32.56 15.35
CA ILE C 165 -6.37 -33.94 14.91
C ILE C 165 -5.84 -33.96 13.48
N GLU C 166 -5.35 -35.14 13.09
CA GLU C 166 -4.66 -35.27 11.82
C GLU C 166 -5.62 -35.22 10.63
N GLY C 167 -6.74 -35.93 10.74
CA GLY C 167 -7.64 -36.04 9.61
C GLY C 167 -7.05 -36.88 8.50
N PRO C 168 -7.70 -36.89 7.34
CA PRO C 168 -8.90 -36.10 7.06
C PRO C 168 -10.19 -36.68 7.63
N ARG C 169 -10.20 -37.94 8.05
CA ARG C 169 -11.42 -38.46 8.68
C ARG C 169 -11.75 -37.71 9.96
N PHE C 170 -13.04 -37.64 10.26
CA PHE C 170 -13.48 -37.13 11.54
C PHE C 170 -13.27 -38.21 12.63
N SER C 171 -13.35 -37.79 13.88
CA SER C 171 -13.13 -38.67 15.04
C SER C 171 -14.17 -39.78 15.23
N THR C 172 -13.75 -40.90 15.80
CA THR C 172 -14.70 -41.90 16.28
C THR C 172 -15.36 -41.43 17.59
N ARG C 173 -16.45 -42.06 17.98
CA ARG C 173 -17.06 -41.75 19.27
C ARG C 173 -16.09 -41.97 20.42
N ALA C 174 -15.32 -43.06 20.37
CA ALA C 174 -14.39 -43.34 21.45
C ALA C 174 -13.30 -42.25 21.53
N GLU C 175 -12.82 -41.81 20.38
CA GLU C 175 -11.88 -40.70 20.35
C GLU C 175 -12.49 -39.43 20.91
N SER C 176 -13.69 -39.09 20.47
CA SER C 176 -14.29 -37.83 20.92
C SER C 176 -14.59 -37.84 22.42
N ARG C 177 -14.96 -38.98 22.98
CA ARG C 177 -15.14 -39.11 24.43
C ARG C 177 -13.82 -38.82 25.12
N THR C 178 -12.74 -39.31 24.52
CA THR C 178 -11.40 -39.07 25.05
C THR C 178 -11.06 -37.58 25.01
N TRP C 179 -11.30 -36.94 23.86
CA TRP C 179 -10.97 -35.53 23.73
C TRP C 179 -11.65 -34.71 24.81
N ARG C 180 -12.92 -35.01 25.06
CA ARG C 180 -13.75 -34.22 25.96
C ARG C 180 -13.48 -34.60 27.41
N GLU C 181 -13.79 -35.84 27.76
N GLU C 181 -13.27 -35.89 27.65
CA GLU C 181 -13.99 -36.17 29.17
CA GLU C 181 -12.92 -36.42 28.99
C GLU C 181 -12.66 -36.30 29.89
C GLU C 181 -11.43 -36.52 29.37
N VAL C 182 -11.61 -36.64 29.14
N VAL C 182 -10.57 -36.87 28.42
CA VAL C 182 -10.30 -36.85 29.72
CA VAL C 182 -9.15 -37.06 28.73
C VAL C 182 -9.40 -35.64 29.52
C VAL C 182 -8.34 -35.77 28.60
N TYR C 183 -9.26 -35.22 28.27
N TYR C 183 -8.52 -35.08 27.48
CA TYR C 183 -8.42 -34.07 27.93
CA TYR C 183 -7.74 -33.89 27.20
C TYR C 183 -9.08 -32.74 28.31
C TYR C 183 -8.42 -32.58 27.61
N LYS C 184 -10.41 -32.74 28.36
N LYS C 184 -9.66 -32.67 28.08
CA LYS C 184 -11.15 -31.51 28.58
CA LYS C 184 -10.42 -31.50 28.51
C LYS C 184 -11.02 -30.50 27.44
C LYS C 184 -10.54 -30.48 27.40
N ALA C 185 -10.79 -30.97 26.20
CA ALA C 185 -10.83 -30.11 25.02
C ALA C 185 -12.23 -29.53 24.86
N ASP C 186 -12.31 -28.36 24.25
CA ASP C 186 -13.58 -27.65 24.05
C ASP C 186 -14.00 -27.61 22.59
N ILE C 187 -13.03 -27.47 21.68
CA ILE C 187 -13.29 -27.41 20.25
C ILE C 187 -12.26 -28.27 19.53
N ILE C 188 -12.59 -28.62 18.29
CA ILE C 188 -11.77 -29.56 17.54
C ILE C 188 -11.64 -29.15 16.08
N GLY C 189 -10.43 -29.29 15.54
CA GLY C 189 -10.17 -28.98 14.16
C GLY C 189 -8.94 -29.71 13.67
N MET C 190 -8.53 -29.41 12.45
CA MET C 190 -7.46 -30.15 11.80
C MET C 190 -6.29 -29.29 11.33
N THR C 191 -6.39 -27.97 11.49
CA THR C 191 -5.45 -27.07 10.82
C THR C 191 -4.62 -26.16 11.72
N LEU C 192 -4.88 -26.15 13.01
CA LEU C 192 -4.18 -25.19 13.89
C LEU C 192 -2.69 -25.48 13.97
N VAL C 193 -2.33 -26.76 14.09
CA VAL C 193 -0.95 -27.19 14.24
C VAL C 193 -0.52 -27.81 12.90
N PRO C 194 0.65 -27.41 12.36
CA PRO C 194 1.72 -26.59 12.97
C PRO C 194 1.66 -25.11 12.65
N GLU C 195 0.57 -24.62 12.09
CA GLU C 195 0.47 -23.21 11.75
C GLU C 195 0.86 -22.30 12.93
N VAL C 196 0.29 -22.57 14.11
CA VAL C 196 0.55 -21.75 15.29
C VAL C 196 2.01 -21.83 15.74
N ASN C 197 2.61 -23.03 15.69
CA ASN C 197 4.03 -23.23 16.06
C ASN C 197 4.92 -22.39 15.18
N LEU C 198 4.66 -22.47 13.88
CA LEU C 198 5.52 -21.85 12.89
C LEU C 198 5.41 -20.34 12.98
N ALA C 199 4.20 -19.85 13.22
CA ALA C 199 4.01 -18.41 13.41
C ALA C 199 4.82 -17.93 14.64
N CYS C 200 4.82 -18.72 15.70
CA CYS C 200 5.60 -18.34 16.89
C CYS C 200 7.10 -18.31 16.56
N GLU C 201 7.59 -19.34 15.88
CA GLU C 201 8.99 -19.39 15.47
C GLU C 201 9.37 -18.20 14.58
N ALA C 202 8.42 -17.76 13.77
CA ALA C 202 8.63 -16.60 12.90
C ALA C 202 8.45 -15.26 13.62
N GLN C 203 8.27 -15.31 14.94
CA GLN C 203 8.11 -14.13 15.79
C GLN C 203 6.90 -13.29 15.39
N MET C 204 5.83 -13.97 15.03
N MET C 204 5.87 -13.95 14.91
CA MET C 204 4.55 -13.32 14.76
CA MET C 204 4.65 -13.25 14.55
C MET C 204 3.63 -13.39 15.97
C MET C 204 3.59 -13.53 15.61
N CYS C 205 2.63 -12.50 15.98
N CYS C 205 2.79 -12.51 15.90
CA CYS C 205 1.57 -12.46 16.98
CA CYS C 205 1.74 -12.62 16.90
C CYS C 205 0.35 -13.13 16.36
C CYS C 205 0.50 -13.22 16.23
N TYR C 206 0.14 -14.40 16.69
CA TYR C 206 -0.89 -15.23 16.06
C TYR C 206 -2.06 -15.51 17.01
N ALA C 207 -3.28 -15.41 16.49
CA ALA C 207 -4.46 -15.82 17.25
C ALA C 207 -5.51 -16.39 16.31
N THR C 208 -6.35 -17.27 16.85
CA THR C 208 -7.42 -17.90 16.11
C THR C 208 -8.79 -17.36 16.51
N ILE C 209 -9.58 -17.00 15.50
CA ILE C 209 -11.01 -16.81 15.66
C ILE C 209 -11.67 -18.05 15.08
N ALA C 210 -12.21 -18.89 15.96
CA ALA C 210 -12.85 -20.12 15.53
C ALA C 210 -14.37 -19.93 15.51
N MET C 211 -15.03 -20.53 14.54
N MET C 211 -15.01 -20.60 14.56
CA MET C 211 -16.47 -20.57 14.58
CA MET C 211 -16.48 -20.61 14.42
C MET C 211 -16.95 -22.01 14.64
C MET C 211 -16.99 -22.04 14.59
N VAL C 212 -17.90 -22.25 15.54
CA VAL C 212 -18.45 -23.59 15.74
C VAL C 212 -19.37 -23.92 14.58
N THR C 213 -19.03 -24.96 13.84
CA THR C 213 -19.79 -25.35 12.65
C THR C 213 -20.53 -26.67 12.83
N ASP C 214 -20.27 -27.36 13.94
CA ASP C 214 -20.89 -28.65 14.16
C ASP C 214 -20.66 -29.09 15.60
N TYR C 215 -21.38 -30.13 16.04
CA TYR C 215 -21.23 -30.68 17.39
C TYR C 215 -20.44 -31.99 17.40
N ASP C 216 -19.52 -32.13 16.45
CA ASP C 216 -18.73 -33.36 16.34
C ASP C 216 -19.63 -34.60 16.36
N VAL C 217 -19.33 -35.57 17.22
CA VAL C 217 -20.15 -36.80 17.29
C VAL C 217 -21.38 -36.70 18.20
N PHE C 218 -21.58 -35.54 18.81
CA PHE C 218 -22.49 -35.43 19.96
C PHE C 218 -23.96 -35.06 19.68
N ALA C 219 -24.25 -34.63 18.46
CA ALA C 219 -25.64 -34.40 18.08
C ALA C 219 -26.24 -35.70 17.55
N GLU C 220 -27.56 -35.73 17.37
CA GLU C 220 -28.23 -36.93 16.88
C GLU C 220 -27.58 -37.43 15.59
N ILE C 221 -27.18 -36.50 14.74
CA ILE C 221 -26.49 -36.83 13.50
C ILE C 221 -25.06 -36.31 13.56
N PRO C 222 -24.07 -37.22 13.53
CA PRO C 222 -22.67 -36.79 13.64
C PRO C 222 -22.24 -35.84 12.52
N VAL C 223 -21.20 -35.07 12.83
CA VAL C 223 -20.63 -34.11 11.88
C VAL C 223 -20.36 -34.72 10.51
N THR C 224 -20.67 -33.96 9.47
CA THR C 224 -20.25 -34.28 8.11
C THR C 224 -19.65 -33.03 7.47
N ALA C 225 -18.87 -33.21 6.41
CA ALA C 225 -18.28 -32.07 5.73
C ALA C 225 -19.36 -31.13 5.19
N GLU C 226 -20.46 -31.70 4.73
CA GLU C 226 -21.55 -30.89 4.20
C GLU C 226 -22.09 -29.95 5.27
N GLU C 227 -22.22 -30.46 6.50
CA GLU C 227 -22.70 -29.62 7.59
C GLU C 227 -21.75 -28.48 7.88
N VAL C 228 -20.46 -28.78 7.93
CA VAL C 228 -19.45 -27.76 8.20
C VAL C 228 -19.56 -26.62 7.20
N THR C 229 -19.60 -26.98 5.92
N THR C 229 -19.61 -26.96 5.91
CA THR C 229 -19.70 -26.00 4.84
CA THR C 229 -19.68 -25.94 4.87
C THR C 229 -20.96 -25.15 4.98
C THR C 229 -20.97 -25.13 4.95
N ARG C 230 -22.10 -25.81 5.18
CA ARG C 230 -23.38 -25.14 5.31
C ARG C 230 -23.38 -24.14 6.46
N VAL C 231 -22.92 -24.57 7.64
CA VAL C 231 -22.97 -23.71 8.81
C VAL C 231 -22.03 -22.52 8.67
N MET C 232 -20.83 -22.75 8.14
N MET C 232 -20.82 -22.76 8.16
CA MET C 232 -19.91 -21.65 7.91
CA MET C 232 -19.91 -21.66 7.88
C MET C 232 -20.51 -20.62 6.95
C MET C 232 -20.60 -20.62 7.00
N ALA C 233 -21.22 -21.10 5.93
CA ALA C 233 -21.86 -20.20 4.97
C ALA C 233 -22.93 -19.33 5.62
N GLU C 234 -23.64 -19.89 6.59
CA GLU C 234 -24.69 -19.16 7.28
C GLU C 234 -24.13 -18.03 8.15
N ASN C 235 -22.83 -18.07 8.40
CA ASN C 235 -22.23 -17.15 9.36
C ASN C 235 -21.08 -16.30 8.83
N THR C 236 -20.85 -16.34 7.52
CA THR C 236 -19.74 -15.61 6.92
C THR C 236 -19.84 -14.10 7.14
N GLU C 237 -21.06 -13.57 7.05
CA GLU C 237 -21.29 -12.14 7.22
C GLU C 237 -20.80 -11.66 8.58
N LYS C 238 -21.17 -12.40 9.63
CA LYS C 238 -20.72 -12.10 10.98
C LYS C 238 -19.19 -12.17 11.08
N ALA C 239 -18.61 -13.22 10.53
CA ALA C 239 -17.16 -13.39 10.55
C ALA C 239 -16.48 -12.21 9.86
N LYS C 240 -17.04 -11.76 8.75
CA LYS C 240 -16.44 -10.67 8.00
C LYS C 240 -16.51 -9.35 8.77
N LYS C 241 -17.61 -9.13 9.48
CA LYS C 241 -17.75 -7.92 10.30
C LYS C 241 -16.71 -7.91 11.41
N LEU C 242 -16.53 -9.05 12.06
CA LEU C 242 -15.58 -9.18 13.14
C LEU C 242 -14.17 -8.92 12.62
N LEU C 243 -13.84 -9.56 11.50
CA LEU C 243 -12.54 -9.41 10.87
C LEU C 243 -12.24 -7.96 10.47
N TYR C 244 -13.19 -7.33 9.78
CA TYR C 244 -13.00 -5.96 9.32
C TYR C 244 -12.75 -5.00 10.50
N ALA C 245 -13.51 -5.18 11.57
CA ALA C 245 -13.35 -4.33 12.74
C ALA C 245 -12.02 -4.58 13.45
N LEU C 246 -11.66 -5.84 13.63
CA LEU C 246 -10.43 -6.18 14.34
C LEU C 246 -9.21 -5.63 13.62
N ILE C 247 -9.19 -5.78 12.30
CA ILE C 247 -8.06 -5.34 11.53
C ILE C 247 -7.76 -3.85 11.76
N GLN C 248 -8.81 -3.04 11.81
CA GLN C 248 -8.60 -1.62 12.00
C GLN C 248 -8.22 -1.24 13.43
N LYS C 249 -8.54 -2.11 14.37
CA LYS C 249 -8.28 -1.89 15.78
C LYS C 249 -6.80 -2.10 16.12
N LEU C 250 -6.11 -2.92 15.34
CA LEU C 250 -4.74 -3.33 15.69
C LEU C 250 -3.75 -2.16 15.74
N PRO C 251 -2.92 -2.12 16.79
CA PRO C 251 -1.77 -1.20 16.85
C PRO C 251 -0.78 -1.53 15.74
N GLU C 252 0.14 -0.61 15.47
CA GLU C 252 1.14 -0.82 14.42
C GLU C 252 1.96 -2.10 14.65
N LYS C 253 2.47 -2.25 15.87
CA LYS C 253 3.28 -3.42 16.21
C LYS C 253 2.81 -4.00 17.53
N PRO C 254 2.87 -5.33 17.67
CA PRO C 254 2.48 -6.00 18.93
C PRO C 254 3.37 -5.56 20.08
N GLU C 255 2.79 -5.40 21.26
CA GLU C 255 3.58 -5.06 22.45
C GLU C 255 4.41 -6.26 22.89
N GLU C 256 5.64 -5.99 23.31
CA GLU C 256 6.54 -7.06 23.74
C GLU C 256 6.02 -7.78 24.98
N GLY C 257 5.47 -7.02 25.92
CA GLY C 257 4.95 -7.58 27.15
C GLY C 257 3.62 -8.31 26.96
N SER C 258 3.04 -8.21 25.78
CA SER C 258 1.75 -8.82 25.50
C SER C 258 1.81 -9.82 24.34
N CYS C 259 3.02 -10.10 23.87
CA CYS C 259 3.24 -11.12 22.85
C CYS C 259 4.43 -11.98 23.23
N SER C 260 4.15 -13.21 23.67
CA SER C 260 5.19 -14.09 24.17
C SER C 260 6.17 -14.52 23.09
N CYS C 261 5.72 -14.52 21.84
CA CYS C 261 6.56 -14.97 20.73
C CYS C 261 7.35 -13.84 20.08
N CYS C 262 6.91 -12.61 20.30
CA CYS C 262 7.59 -11.45 19.75
C CYS C 262 8.94 -11.23 20.42
N ASN C 263 10.01 -11.32 19.63
CA ASN C 263 11.37 -11.07 20.11
C ASN C 263 11.83 -12.02 21.21
N SER C 264 11.14 -13.15 21.36
CA SER C 264 11.46 -14.10 22.42
C SER C 264 12.35 -15.25 21.93
N LEU C 265 12.67 -15.24 20.64
CA LEU C 265 13.51 -16.28 20.06
C LEU C 265 14.84 -16.41 20.81
N LYS C 266 15.31 -15.31 21.39
CA LYS C 266 16.62 -15.30 22.05
C LYS C 266 16.74 -16.42 23.11
N THR C 267 15.72 -16.57 23.95
CA THR C 267 15.78 -17.58 25.00
C THR C 267 15.42 -18.99 24.52
N ALA C 268 14.93 -19.07 23.28
CA ALA C 268 14.57 -20.35 22.68
C ALA C 268 15.74 -20.98 21.93
N LEU C 269 16.75 -20.18 21.60
CA LEU C 269 17.89 -20.66 20.82
C LEU C 269 18.89 -21.33 21.75
N VAL C 270 19.23 -22.58 21.45
CA VAL C 270 20.16 -23.28 22.32
C VAL C 270 21.54 -22.64 22.22
N MET D 1 -8.68 30.00 -47.25
CA MET D 1 -8.11 30.01 -48.59
C MET D 1 -8.26 28.66 -49.25
N ILE D 2 -8.81 27.73 -48.49
CA ILE D 2 -9.01 26.36 -48.91
C ILE D 2 -10.49 26.02 -48.75
N GLU D 3 -11.05 25.31 -49.73
CA GLU D 3 -12.41 24.82 -49.59
C GLU D 3 -12.40 23.54 -48.76
N GLN D 4 -13.03 23.59 -47.58
CA GLN D 4 -13.09 22.42 -46.72
C GLN D 4 -14.31 21.57 -47.08
N ASN D 5 -14.07 20.42 -47.69
N ASN D 5 -14.07 20.44 -47.73
CA ASN D 5 -15.15 19.53 -48.12
CA ASN D 5 -15.14 19.54 -48.12
C ASN D 5 -15.49 18.42 -47.15
C ASN D 5 -15.65 18.72 -46.95
N GLU D 6 -14.75 18.35 -46.04
CA GLU D 6 -15.09 17.48 -44.92
C GLU D 6 -16.07 18.23 -44.03
N LYS D 7 -17.00 17.51 -43.42
CA LYS D 7 -17.99 18.14 -42.55
C LYS D 7 -18.27 17.32 -41.30
N ALA D 8 -18.38 18.02 -40.18
CA ALA D 8 -18.81 17.43 -38.91
C ALA D 8 -19.65 18.45 -38.14
N SER D 9 -20.69 17.99 -37.46
CA SER D 9 -21.54 18.90 -36.69
C SER D 9 -21.13 18.95 -35.22
N ILE D 10 -20.37 17.96 -34.79
CA ILE D 10 -19.94 17.85 -33.40
C ILE D 10 -18.42 17.76 -33.33
N GLY D 11 -17.82 18.53 -32.44
CA GLY D 11 -16.38 18.52 -32.23
C GLY D 11 -16.06 18.13 -30.80
N ILE D 12 -15.06 17.27 -30.64
N ILE D 12 -15.07 17.26 -30.65
CA ILE D 12 -14.61 16.86 -29.31
CA ILE D 12 -14.58 16.90 -29.34
C ILE D 12 -13.16 17.28 -29.12
C ILE D 12 -13.17 17.40 -29.21
N ILE D 13 -12.89 18.09 -28.11
CA ILE D 13 -11.52 18.48 -27.81
C ILE D 13 -11.06 17.68 -26.61
N GLY D 14 -10.07 16.82 -26.82
CA GLY D 14 -9.60 15.95 -25.75
C GLY D 14 -8.42 16.54 -24.99
N GLY D 15 -8.44 16.36 -23.68
CA GLY D 15 -7.37 16.86 -22.82
C GLY D 15 -6.37 15.79 -22.41
N SER D 16 -5.76 15.98 -21.25
CA SER D 16 -4.76 15.05 -20.75
C SER D 16 -5.31 13.64 -20.67
N GLY D 17 -4.53 12.68 -21.14
CA GLY D 17 -4.91 11.28 -21.06
C GLY D 17 -5.98 10.85 -22.05
N LEU D 18 -6.38 11.76 -22.92
CA LEU D 18 -7.44 11.44 -23.89
C LEU D 18 -6.98 11.68 -25.32
N TYR D 19 -5.79 11.19 -25.65
CA TYR D 19 -5.30 11.29 -27.01
C TYR D 19 -6.17 10.46 -27.96
N ASP D 20 -6.58 9.28 -27.50
CA ASP D 20 -7.48 8.44 -28.28
C ASP D 20 -8.82 8.37 -27.55
N PRO D 21 -9.86 8.96 -28.14
CA PRO D 21 -11.19 9.06 -27.53
C PRO D 21 -11.89 7.71 -27.40
N GLY D 22 -11.53 6.76 -28.25
CA GLY D 22 -12.12 5.44 -28.21
C GLY D 22 -13.62 5.45 -28.46
N ILE D 23 -14.06 6.30 -29.37
CA ILE D 23 -15.47 6.43 -29.69
C ILE D 23 -15.76 6.13 -31.16
N PHE D 24 -14.70 6.14 -31.99
CA PHE D 24 -14.87 5.95 -33.42
C PHE D 24 -14.92 4.49 -33.85
N SER D 25 -15.72 4.19 -34.85
CA SER D 25 -15.75 2.87 -35.45
C SER D 25 -14.89 2.87 -36.72
N GLU D 26 -15.10 3.87 -37.56
CA GLU D 26 -14.23 4.11 -38.71
C GLU D 26 -13.91 5.59 -38.70
N SER D 27 -12.69 5.95 -39.09
CA SER D 27 -12.28 7.34 -39.07
C SER D 27 -11.03 7.57 -39.90
N LYS D 28 -10.73 8.82 -40.18
CA LYS D 28 -9.50 9.17 -40.87
C LYS D 28 -8.96 10.48 -40.31
N GLU D 29 -7.68 10.74 -40.55
CA GLU D 29 -7.05 11.95 -40.07
C GLU D 29 -6.90 12.92 -41.20
N ILE D 30 -7.25 14.18 -40.94
CA ILE D 30 -7.19 15.20 -41.97
C ILE D 30 -6.43 16.44 -41.50
N LYS D 31 -5.84 17.13 -42.46
CA LYS D 31 -5.20 18.41 -42.23
C LYS D 31 -6.21 19.49 -42.55
N VAL D 32 -6.40 20.43 -41.63
CA VAL D 32 -7.37 21.50 -41.83
C VAL D 32 -6.68 22.87 -41.91
N TYR D 33 -6.93 23.58 -43.00
CA TYR D 33 -6.38 24.93 -43.16
C TYR D 33 -6.88 25.91 -42.08
N THR D 34 -5.97 26.68 -41.50
CA THR D 34 -6.36 27.85 -40.73
C THR D 34 -5.41 29.01 -41.00
N PRO D 35 -5.91 30.25 -40.89
CA PRO D 35 -5.03 31.43 -41.05
C PRO D 35 -4.17 31.69 -39.82
N TYR D 36 -4.27 30.82 -38.81
CA TYR D 36 -3.49 30.94 -37.59
C TYR D 36 -2.43 29.86 -37.52
N GLY D 37 -2.25 29.12 -38.61
CA GLY D 37 -1.27 28.06 -38.64
C GLY D 37 -1.79 26.74 -38.10
N GLN D 38 -0.94 26.03 -37.36
CA GLN D 38 -1.16 24.62 -37.03
C GLN D 38 -2.14 24.38 -35.88
N PRO D 39 -3.22 23.63 -36.14
CA PRO D 39 -3.93 23.03 -35.00
C PRO D 39 -3.02 22.06 -34.25
N SER D 40 -3.43 21.66 -33.05
CA SER D 40 -2.60 20.79 -32.21
C SER D 40 -2.20 19.48 -32.87
N ASP D 41 -3.04 18.98 -33.77
CA ASP D 41 -2.78 17.71 -34.45
C ASP D 41 -3.66 17.68 -35.68
N PHE D 42 -3.51 16.61 -36.45
N PHE D 42 -3.51 16.65 -36.50
CA PHE D 42 -4.51 16.21 -37.44
CA PHE D 42 -4.48 16.42 -37.55
C PHE D 42 -5.86 16.14 -36.73
C PHE D 42 -5.80 16.09 -36.86
N ILE D 43 -6.94 16.45 -37.44
N ILE D 43 -6.91 16.52 -37.46
CA ILE D 43 -8.28 16.27 -36.90
CA ILE D 43 -8.21 16.22 -36.90
C ILE D 43 -8.84 14.91 -37.31
C ILE D 43 -8.65 14.81 -37.29
N THR D 44 -9.24 14.10 -36.35
CA THR D 44 -9.81 12.79 -36.63
C THR D 44 -11.29 12.97 -36.93
N ILE D 45 -11.74 12.51 -38.09
CA ILE D 45 -13.14 12.64 -38.43
C ILE D 45 -13.74 11.28 -38.77
N GLY D 46 -14.96 11.05 -38.29
CA GLY D 46 -15.62 9.77 -38.48
C GLY D 46 -17.08 9.82 -38.01
N LYS D 47 -17.82 8.74 -38.28
CA LYS D 47 -19.23 8.71 -37.93
C LYS D 47 -19.49 7.98 -36.61
N ILE D 48 -20.47 8.48 -35.87
CA ILE D 48 -20.99 7.79 -34.70
C ILE D 48 -22.50 7.98 -34.67
N GLY D 49 -23.24 6.88 -34.56
CA GLY D 49 -24.67 6.96 -34.77
C GLY D 49 -24.87 7.67 -36.09
N ASN D 50 -25.79 8.64 -36.11
CA ASN D 50 -26.05 9.39 -37.33
C ASN D 50 -25.26 10.70 -37.41
N LYS D 51 -24.22 10.79 -36.58
CA LYS D 51 -23.45 12.03 -36.45
C LYS D 51 -22.05 11.93 -37.06
N SER D 52 -21.67 12.95 -37.81
CA SER D 52 -20.27 13.12 -38.19
C SER D 52 -19.58 13.88 -37.07
N VAL D 53 -18.51 13.30 -36.53
CA VAL D 53 -17.82 13.91 -35.39
C VAL D 53 -16.35 14.18 -35.72
N ALA D 54 -15.84 15.32 -35.28
CA ALA D 54 -14.43 15.68 -35.42
C ALA D 54 -13.80 15.66 -34.04
N PHE D 55 -12.58 15.12 -33.96
CA PHE D 55 -11.86 15.05 -32.69
C PHE D 55 -10.47 15.67 -32.82
N LEU D 56 -10.07 16.39 -31.78
CA LEU D 56 -8.78 17.05 -31.75
C LEU D 56 -8.21 16.90 -30.34
N PRO D 57 -7.00 16.33 -30.21
CA PRO D 57 -6.37 16.31 -28.88
C PRO D 57 -5.61 17.63 -28.67
N ARG D 58 -6.00 18.44 -27.69
CA ARG D 58 -5.42 19.79 -27.61
C ARG D 58 -3.91 19.82 -27.34
N HIS D 59 -3.38 18.78 -26.70
CA HIS D 59 -1.95 18.72 -26.44
C HIS D 59 -1.16 18.04 -27.55
N GLY D 60 -1.88 17.58 -28.56
CA GLY D 60 -1.26 16.90 -29.70
C GLY D 60 -0.71 15.52 -29.39
N ARG D 61 -0.12 14.91 -30.41
CA ARG D 61 0.49 13.58 -30.29
C ARG D 61 1.54 13.57 -29.18
N GLY D 62 1.48 12.54 -28.34
CA GLY D 62 2.47 12.36 -27.30
C GLY D 62 2.43 13.47 -26.26
N HIS D 63 1.31 14.16 -26.16
CA HIS D 63 1.18 15.29 -25.24
C HIS D 63 2.37 16.24 -25.37
N ARG D 64 2.64 16.67 -26.59
CA ARG D 64 3.81 17.47 -26.87
C ARG D 64 3.62 18.97 -26.67
N ILE D 65 2.37 19.42 -26.50
CA ILE D 65 2.13 20.87 -26.43
C ILE D 65 1.57 21.26 -25.07
N PRO D 66 2.29 22.14 -24.35
CA PRO D 66 1.82 22.56 -23.03
C PRO D 66 0.73 23.62 -23.19
N PRO D 67 -0.08 23.84 -22.14
CA PRO D 67 -1.24 24.74 -22.25
C PRO D 67 -0.90 26.14 -22.76
N HIS D 68 0.23 26.68 -22.35
CA HIS D 68 0.57 28.03 -22.76
C HIS D 68 0.95 28.16 -24.23
N LYS D 69 1.22 27.04 -24.89
CA LYS D 69 1.64 27.07 -26.30
C LYS D 69 0.58 26.52 -27.25
N ILE D 70 -0.57 26.10 -26.72
CA ILE D 70 -1.62 25.57 -27.58
C ILE D 70 -2.14 26.68 -28.52
N ASN D 71 -2.32 26.30 -29.79
CA ASN D 71 -2.83 27.24 -30.78
C ASN D 71 -4.35 27.21 -30.74
N TYR D 72 -4.90 27.87 -29.72
CA TYR D 72 -6.35 27.84 -29.49
C TYR D 72 -7.13 28.38 -30.69
N ARG D 73 -6.61 29.44 -31.30
CA ARG D 73 -7.30 30.03 -32.45
C ARG D 73 -7.34 29.06 -33.64
N ALA D 74 -6.22 28.39 -33.89
CA ALA D 74 -6.19 27.40 -34.98
C ALA D 74 -7.14 26.24 -34.70
N ASN D 75 -7.16 25.76 -33.45
CA ASN D 75 -8.03 24.64 -33.13
C ASN D 75 -9.50 24.96 -33.34
N ILE D 76 -9.95 26.11 -32.83
CA ILE D 76 -11.35 26.50 -32.97
C ILE D 76 -11.68 26.88 -34.42
N TRP D 77 -10.75 27.56 -35.10
CA TRP D 77 -10.99 27.88 -36.51
C TRP D 77 -11.18 26.59 -37.32
N ALA D 78 -10.33 25.60 -37.08
CA ALA D 78 -10.41 24.34 -37.82
C ALA D 78 -11.78 23.68 -37.63
N LEU D 79 -12.27 23.65 -36.40
CA LEU D 79 -13.58 23.07 -36.14
C LEU D 79 -14.69 23.88 -36.84
N LYS D 80 -14.56 25.20 -36.80
CA LYS D 80 -15.52 26.06 -37.50
C LYS D 80 -15.55 25.73 -39.00
N GLU D 81 -14.38 25.54 -39.60
CA GLU D 81 -14.29 25.24 -41.03
C GLU D 81 -14.98 23.93 -41.39
N LEU D 82 -15.00 23.00 -40.44
CA LEU D 82 -15.67 21.73 -40.62
C LEU D 82 -17.18 21.80 -40.41
N GLY D 83 -17.68 22.94 -39.95
CA GLY D 83 -19.11 23.11 -39.75
C GLY D 83 -19.57 22.68 -38.37
N VAL D 84 -18.64 22.62 -37.43
CA VAL D 84 -18.98 22.17 -36.08
C VAL D 84 -19.89 23.16 -35.36
N ARG D 85 -20.95 22.63 -34.77
CA ARG D 85 -21.92 23.44 -34.01
C ARG D 85 -21.84 23.19 -32.50
N TRP D 86 -21.52 21.95 -32.11
CA TRP D 86 -21.40 21.58 -30.71
C TRP D 86 -19.95 21.22 -30.44
N VAL D 87 -19.39 21.78 -29.36
CA VAL D 87 -18.03 21.42 -28.93
C VAL D 87 -18.06 20.87 -27.52
N ILE D 88 -17.63 19.63 -27.37
CA ILE D 88 -17.50 18.98 -26.07
C ILE D 88 -16.03 18.92 -25.70
N SER D 89 -15.63 19.65 -24.65
CA SER D 89 -14.29 19.57 -24.12
C SER D 89 -14.24 18.53 -22.99
N VAL D 90 -13.22 17.68 -23.00
CA VAL D 90 -13.00 16.76 -21.88
C VAL D 90 -11.65 17.11 -21.28
N SER D 91 -11.64 17.46 -19.99
N SER D 91 -11.62 17.50 -20.01
CA SER D 91 -10.43 17.99 -19.37
CA SER D 91 -10.38 17.99 -19.42
C SER D 91 -10.11 17.38 -18.02
C SER D 91 -10.12 17.56 -17.98
N ALA D 92 -8.84 17.42 -17.66
CA ALA D 92 -8.39 17.04 -16.33
C ALA D 92 -8.29 18.29 -15.47
N VAL D 93 -8.84 18.23 -14.27
CA VAL D 93 -8.78 19.38 -13.36
C VAL D 93 -8.40 18.98 -11.97
N GLY D 94 -7.85 19.95 -11.23
CA GLY D 94 -7.65 19.77 -9.81
C GLY D 94 -8.90 20.19 -9.06
N SER D 95 -9.15 19.57 -7.92
CA SER D 95 -10.23 19.99 -7.05
C SER D 95 -9.70 20.89 -5.95
N LEU D 96 -10.42 21.98 -5.71
CA LEU D 96 -10.09 22.90 -4.61
C LEU D 96 -10.97 22.67 -3.40
N ARG D 97 -11.77 21.61 -3.42
CA ARG D 97 -12.71 21.31 -2.33
C ARG D 97 -12.80 19.80 -2.08
N MET D 98 -12.74 19.41 -0.81
CA MET D 98 -12.63 18.00 -0.44
C MET D 98 -13.78 17.11 -0.91
N ASP D 99 -14.95 17.70 -1.16
CA ASP D 99 -16.10 16.91 -1.60
C ASP D 99 -16.16 16.68 -3.12
N TYR D 100 -15.30 17.38 -3.86
CA TYR D 100 -15.09 17.03 -5.28
C TYR D 100 -13.92 16.06 -5.33
N LYS D 101 -14.23 14.77 -5.40
CA LYS D 101 -13.25 13.72 -5.16
C LYS D 101 -12.60 13.18 -6.44
N LEU D 102 -11.44 12.54 -6.29
CA LEU D 102 -10.75 11.95 -7.44
C LEU D 102 -11.70 11.05 -8.22
N GLY D 103 -11.75 11.29 -9.52
CA GLY D 103 -12.58 10.48 -10.39
C GLY D 103 -13.99 11.00 -10.58
N ASP D 104 -14.38 11.98 -9.77
CA ASP D 104 -15.68 12.62 -9.94
C ASP D 104 -15.63 13.45 -11.22
N PHE D 105 -16.74 13.50 -11.95
CA PHE D 105 -16.88 14.44 -13.04
C PHE D 105 -17.51 15.73 -12.54
N VAL D 106 -17.19 16.83 -13.22
CA VAL D 106 -17.77 18.13 -12.92
C VAL D 106 -18.16 18.79 -14.24
N ILE D 107 -19.38 19.34 -14.29
CA ILE D 107 -19.84 20.09 -15.45
C ILE D 107 -19.88 21.56 -15.02
N PRO D 108 -18.76 22.26 -15.19
CA PRO D 108 -18.73 23.62 -14.62
C PRO D 108 -19.73 24.56 -15.30
N ASP D 109 -20.19 25.55 -14.55
CA ASP D 109 -21.07 26.57 -15.12
C ASP D 109 -20.47 27.98 -15.15
N GLN D 110 -19.29 28.15 -14.55
CA GLN D 110 -18.65 29.46 -14.51
C GLN D 110 -17.15 29.29 -14.64
N PHE D 111 -16.45 30.37 -14.95
CA PHE D 111 -14.99 30.38 -14.85
C PHE D 111 -14.44 31.71 -14.37
N ILE D 112 -13.19 31.67 -13.91
CA ILE D 112 -12.43 32.87 -13.58
C ILE D 112 -11.11 32.74 -14.33
N ASP D 113 -10.79 33.75 -15.14
CA ASP D 113 -9.60 33.72 -15.99
C ASP D 113 -8.38 34.33 -15.31
N MET D 114 -7.41 33.49 -14.91
CA MET D 114 -6.16 33.99 -14.36
C MET D 114 -4.98 33.73 -15.29
N THR D 115 -5.27 33.52 -16.57
CA THR D 115 -4.21 33.36 -17.55
C THR D 115 -3.50 34.67 -17.81
N LYS D 116 -2.33 34.59 -18.45
N LYS D 116 -2.39 34.59 -18.53
CA LYS D 116 -1.41 35.73 -18.52
CA LYS D 116 -1.59 35.76 -18.84
C LYS D 116 -1.00 36.09 -19.94
C LYS D 116 -1.07 35.58 -20.26
N ASN D 117 -0.52 35.12 -20.70
N ASN D 117 -1.08 36.66 -21.03
CA ASN D 117 -0.03 35.39 -22.05
CA ASN D 117 -0.37 36.70 -22.31
C ASN D 117 -0.65 34.52 -23.14
C ASN D 117 -0.75 35.68 -23.39
N ARG D 118 -1.94 34.74 -23.37
N ARG D 118 -1.97 35.16 -23.37
CA ARG D 118 -2.68 34.05 -24.41
CA ARG D 118 -2.43 34.32 -24.47
C ARG D 118 -3.19 35.07 -25.43
C ARG D 118 -3.20 35.16 -25.48
N GLU D 119 -3.61 34.58 -26.59
CA GLU D 119 -4.37 35.35 -27.58
C GLU D 119 -5.84 35.05 -27.35
N TYR D 120 -6.62 36.06 -26.99
CA TYR D 120 -7.95 35.86 -26.43
C TYR D 120 -9.11 35.91 -27.41
N SER D 121 -8.86 36.37 -28.62
CA SER D 121 -9.97 36.67 -29.54
C SER D 121 -9.61 36.42 -31.01
N PHE D 122 -10.65 36.18 -31.81
CA PHE D 122 -10.56 36.22 -33.26
C PHE D 122 -10.75 37.63 -33.82
N PHE D 123 -11.15 38.57 -32.98
CA PHE D 123 -11.53 39.90 -33.46
C PHE D 123 -10.54 40.97 -33.02
N ASP D 124 -9.55 41.21 -33.86
CA ASP D 124 -8.50 42.18 -33.56
C ASP D 124 -8.70 43.52 -34.28
N GLY D 125 -9.83 43.67 -34.97
CA GLY D 125 -10.11 44.83 -35.78
C GLY D 125 -10.00 44.52 -37.26
N PRO D 126 -10.77 45.20 -38.12
CA PRO D 126 -11.59 46.39 -37.85
C PRO D 126 -13.01 46.08 -37.41
N VAL D 127 -13.39 44.80 -37.42
CA VAL D 127 -14.70 44.41 -36.91
C VAL D 127 -14.54 44.06 -35.45
N VAL D 128 -14.99 44.96 -34.59
CA VAL D 128 -14.83 44.79 -33.15
C VAL D 128 -16.02 44.07 -32.55
N ALA D 129 -15.74 43.02 -31.79
CA ALA D 129 -16.78 42.24 -31.12
C ALA D 129 -16.43 42.06 -29.65
N HIS D 130 -17.44 42.23 -28.81
CA HIS D 130 -17.32 42.00 -27.38
C HIS D 130 -18.39 41.02 -26.97
N VAL D 131 -18.07 39.73 -26.98
N VAL D 131 -18.03 39.74 -26.90
CA VAL D 131 -19.08 38.73 -26.67
CA VAL D 131 -19.02 38.71 -26.57
C VAL D 131 -19.47 38.78 -25.19
C VAL D 131 -19.39 38.67 -25.08
N SER D 132 -20.71 38.43 -24.90
N SER D 132 -20.69 38.69 -24.81
CA SER D 132 -21.18 38.32 -23.54
CA SER D 132 -21.22 38.60 -23.46
C SER D 132 -20.84 36.92 -23.02
C SER D 132 -21.17 37.16 -22.96
N MET D 133 -20.24 36.87 -21.84
N MET D 133 -20.36 36.92 -21.92
CA MET D 133 -19.86 35.60 -21.24
CA MET D 133 -20.17 35.56 -21.43
C MET D 133 -20.39 35.46 -19.82
C MET D 133 -20.48 35.40 -19.94
N ALA D 134 -21.46 36.17 -19.48
CA ALA D 134 -21.99 36.09 -18.12
C ALA D 134 -22.23 34.63 -17.73
N ASP D 135 -22.84 33.88 -18.65
CA ASP D 135 -22.99 32.44 -18.49
C ASP D 135 -22.17 31.83 -19.62
N PRO D 136 -20.90 31.51 -19.33
CA PRO D 136 -19.93 31.28 -20.41
C PRO D 136 -20.08 29.97 -21.18
N PHE D 137 -20.75 28.98 -20.62
CA PHE D 137 -20.95 27.69 -21.29
C PHE D 137 -22.33 27.60 -21.89
N CYS D 138 -22.46 26.72 -22.88
CA CYS D 138 -23.75 26.51 -23.52
C CYS D 138 -24.71 25.75 -22.62
N ASN D 139 -25.82 26.39 -22.27
CA ASN D 139 -26.77 25.79 -21.34
C ASN D 139 -27.34 24.46 -21.86
N SER D 140 -27.71 24.43 -23.12
CA SER D 140 -28.32 23.23 -23.66
C SER D 140 -27.36 22.03 -23.59
N LEU D 141 -26.10 22.26 -23.92
CA LEU D 141 -25.11 21.18 -23.89
C LEU D 141 -24.78 20.75 -22.45
N ARG D 142 -24.63 21.71 -21.54
CA ARG D 142 -24.45 21.37 -20.13
C ARG D 142 -25.58 20.48 -19.63
N LYS D 143 -26.81 20.88 -19.93
CA LYS D 143 -27.97 20.10 -19.49
C LYS D 143 -27.95 18.67 -20.05
N LEU D 144 -27.60 18.52 -21.33
CA LEU D 144 -27.55 17.20 -21.94
C LEU D 144 -26.43 16.35 -21.32
N ALA D 145 -25.30 16.97 -21.00
CA ALA D 145 -24.22 16.26 -20.33
C ALA D 145 -24.67 15.77 -18.94
N ILE D 146 -25.31 16.65 -18.19
CA ILE D 146 -25.83 16.29 -16.89
C ILE D 146 -26.84 15.14 -16.96
N GLU D 147 -27.78 15.24 -17.90
CA GLU D 147 -28.76 14.17 -18.12
C GLU D 147 -28.08 12.85 -18.44
N THR D 148 -27.06 12.90 -19.29
CA THR D 148 -26.34 11.70 -19.69
C THR D 148 -25.66 11.03 -18.49
N ALA D 149 -24.99 11.83 -17.65
CA ALA D 149 -24.36 11.32 -16.45
C ALA D 149 -25.39 10.70 -15.49
N LYS D 150 -26.54 11.34 -15.36
CA LYS D 150 -27.60 10.78 -14.51
C LYS D 150 -28.10 9.44 -15.06
N GLU D 151 -28.29 9.39 -16.37
CA GLU D 151 -28.78 8.18 -17.02
C GLU D 151 -27.79 7.03 -16.87
N LEU D 152 -26.50 7.33 -16.91
N LEU D 152 -26.50 7.34 -16.92
CA LEU D 152 -25.48 6.30 -16.78
CA LEU D 152 -25.45 6.34 -16.80
C LEU D 152 -25.04 6.07 -15.34
C LEU D 152 -25.08 6.04 -15.35
N ASN D 153 -25.64 6.82 -14.42
CA ASN D 153 -25.31 6.69 -13.00
C ASN D 153 -23.82 6.93 -12.74
N ILE D 154 -23.28 7.95 -13.40
CA ILE D 154 -21.88 8.34 -13.21
C ILE D 154 -21.82 9.56 -12.31
N LYS D 155 -21.06 9.46 -11.22
CA LYS D 155 -20.98 10.51 -10.22
C LYS D 155 -20.44 11.81 -10.82
N THR D 156 -21.28 12.84 -10.79
CA THR D 156 -21.03 14.08 -11.50
C THR D 156 -21.60 15.27 -10.72
N HIS D 157 -20.77 16.28 -10.52
CA HIS D 157 -21.22 17.52 -9.88
C HIS D 157 -21.77 18.44 -10.98
N GLU D 158 -22.96 18.97 -10.77
CA GLU D 158 -23.72 19.62 -11.84
C GLU D 158 -23.49 21.13 -11.95
N SER D 159 -22.44 21.60 -11.29
CA SER D 159 -22.08 23.01 -11.38
C SER D 159 -20.68 23.18 -10.83
N GLY D 160 -20.11 24.37 -11.01
CA GLY D 160 -18.81 24.65 -10.47
C GLY D 160 -18.10 25.75 -11.20
N THR D 161 -17.20 26.42 -10.49
CA THR D 161 -16.39 27.49 -11.05
C THR D 161 -14.98 27.00 -11.31
N TYR D 162 -14.58 27.05 -12.57
CA TYR D 162 -13.26 26.64 -13.02
C TYR D 162 -12.36 27.87 -13.04
N ILE D 163 -11.28 27.81 -12.28
CA ILE D 163 -10.28 28.87 -12.37
C ILE D 163 -9.18 28.40 -13.32
N CYS D 164 -8.92 29.20 -14.34
CA CYS D 164 -7.90 28.84 -15.32
C CYS D 164 -6.62 29.62 -15.07
N ILE D 165 -5.53 28.90 -14.79
CA ILE D 165 -4.24 29.53 -14.55
C ILE D 165 -3.33 29.35 -15.76
N GLU D 166 -2.25 30.12 -15.78
CA GLU D 166 -1.39 30.17 -16.94
C GLU D 166 -0.53 28.92 -17.06
N GLY D 167 0.04 28.48 -15.95
CA GLY D 167 1.00 27.38 -16.01
C GLY D 167 2.29 27.77 -16.69
N PRO D 168 3.14 26.79 -16.98
CA PRO D 168 2.91 25.37 -16.71
C PRO D 168 3.10 24.92 -15.25
N ARG D 169 3.71 25.73 -14.39
CA ARG D 169 3.82 25.31 -12.99
C ARG D 169 2.44 25.22 -12.36
N PHE D 170 2.31 24.36 -11.37
CA PHE D 170 1.13 24.32 -10.53
C PHE D 170 1.15 25.47 -9.50
N SER D 171 0.02 25.71 -8.86
CA SER D 171 -0.14 26.82 -7.93
C SER D 171 0.63 26.67 -6.63
N THR D 172 1.05 27.79 -6.07
CA THR D 172 1.56 27.80 -4.69
C THR D 172 0.40 27.63 -3.70
N ARG D 173 0.72 27.30 -2.46
CA ARG D 173 -0.31 27.21 -1.42
C ARG D 173 -1.03 28.55 -1.23
N ALA D 174 -0.28 29.65 -1.26
CA ALA D 174 -0.90 30.95 -1.07
C ALA D 174 -1.85 31.26 -2.22
N GLU D 175 -1.47 30.89 -3.44
CA GLU D 175 -2.36 31.08 -4.58
C GLU D 175 -3.61 30.23 -4.43
N SER D 176 -3.45 28.96 -4.07
CA SER D 176 -4.61 28.07 -3.99
C SER D 176 -5.57 28.48 -2.88
N ARG D 177 -5.04 29.00 -1.78
CA ARG D 177 -5.91 29.53 -0.73
C ARG D 177 -6.73 30.68 -1.28
N THR D 178 -6.10 31.51 -2.09
CA THR D 178 -6.80 32.61 -2.75
C THR D 178 -7.89 32.11 -3.72
N TRP D 179 -7.54 31.13 -4.57
CA TRP D 179 -8.52 30.59 -5.50
C TRP D 179 -9.77 30.09 -4.76
N ARG D 180 -9.58 29.41 -3.65
N ARG D 180 -9.56 29.39 -3.65
CA ARG D 180 -10.70 28.82 -2.95
CA ARG D 180 -10.64 28.76 -2.93
C ARG D 180 -11.37 29.81 -1.99
C ARG D 180 -11.40 29.75 -2.05
N GLU D 181 -10.70 30.07 -0.86
N GLU D 181 -10.73 30.85 -1.69
CA GLU D 181 -11.25 30.85 0.23
CA GLU D 181 -11.28 31.81 -0.74
C GLU D 181 -11.83 32.21 -0.17
C GLU D 181 -11.62 33.18 -1.34
N VAL D 182 -11.21 32.86 -1.14
N VAL D 182 -10.80 33.63 -2.28
CA VAL D 182 -11.63 34.21 -1.52
CA VAL D 182 -11.03 34.93 -2.90
C VAL D 182 -12.47 34.23 -2.80
C VAL D 182 -11.94 34.82 -4.12
N TYR D 183 -11.94 33.67 -3.89
N TYR D 183 -11.66 33.84 -4.98
CA TYR D 183 -12.67 33.63 -5.15
CA TYR D 183 -12.39 33.68 -6.24
C TYR D 183 -13.81 32.60 -5.15
C TYR D 183 -13.55 32.70 -6.13
N LYS D 184 -13.69 31.59 -4.30
N LYS D 184 -13.65 32.00 -5.01
CA LYS D 184 -14.66 30.50 -4.24
CA LYS D 184 -14.74 31.04 -4.79
C LYS D 184 -14.67 29.61 -5.49
C LYS D 184 -14.72 29.98 -5.87
N ALA D 185 -13.54 29.49 -6.18
CA ALA D 185 -13.41 28.54 -7.28
C ALA D 185 -13.56 27.11 -6.73
N ASP D 186 -13.97 26.19 -7.60
CA ASP D 186 -14.19 24.80 -7.24
C ASP D 186 -13.17 23.83 -7.84
N ILE D 187 -12.79 24.10 -9.09
CA ILE D 187 -11.82 23.27 -9.80
C ILE D 187 -10.84 24.18 -10.53
N ILE D 188 -9.70 23.61 -10.92
CA ILE D 188 -8.62 24.40 -11.48
C ILE D 188 -7.98 23.67 -12.65
N GLY D 189 -7.65 24.41 -13.71
CA GLY D 189 -7.01 23.85 -14.88
C GLY D 189 -6.24 24.92 -15.62
N MET D 190 -5.66 24.56 -16.76
CA MET D 190 -4.80 25.47 -17.51
C MET D 190 -5.25 25.73 -18.94
N THR D 191 -6.34 25.09 -19.38
CA THR D 191 -6.64 25.05 -20.82
C THR D 191 -8.00 25.63 -21.22
N LEU D 192 -8.85 25.95 -20.26
CA LEU D 192 -10.20 26.36 -20.62
C LEU D 192 -10.21 27.67 -21.40
N VAL D 193 -9.39 28.62 -20.97
CA VAL D 193 -9.34 29.93 -21.58
C VAL D 193 -8.05 29.99 -22.40
N PRO D 194 -8.11 30.43 -23.66
CA PRO D 194 -9.24 31.10 -24.33
C PRO D 194 -10.10 30.19 -25.19
N GLU D 195 -9.96 28.87 -25.04
CA GLU D 195 -10.76 27.93 -25.83
C GLU D 195 -12.26 28.26 -25.78
N VAL D 196 -12.78 28.50 -24.58
CA VAL D 196 -14.21 28.75 -24.40
C VAL D 196 -14.62 30.10 -25.04
N ASN D 197 -13.77 31.13 -24.92
CA ASN D 197 -14.03 32.46 -25.51
C ASN D 197 -14.15 32.35 -27.01
N LEU D 198 -13.17 31.67 -27.58
CA LEU D 198 -13.07 31.56 -29.03
C LEU D 198 -14.23 30.76 -29.58
N ALA D 199 -14.63 29.70 -28.88
CA ALA D 199 -15.80 28.92 -29.31
C ALA D 199 -17.05 29.80 -29.33
N CYS D 200 -17.20 30.65 -28.32
CA CYS D 200 -18.33 31.56 -28.27
C CYS D 200 -18.31 32.53 -29.45
N GLU D 201 -17.14 33.15 -29.69
CA GLU D 201 -16.98 34.04 -30.84
C GLU D 201 -17.29 33.35 -32.17
N ALA D 202 -16.98 32.06 -32.25
CA ALA D 202 -17.27 31.26 -33.43
C ALA D 202 -18.72 30.77 -33.50
N GLN D 203 -19.54 31.21 -32.55
CA GLN D 203 -20.96 30.88 -32.51
C GLN D 203 -21.19 29.38 -32.37
N MET D 204 -20.35 28.76 -31.55
N MET D 204 -20.28 28.72 -31.67
CA MET D 204 -20.48 27.35 -31.20
CA MET D 204 -20.44 27.29 -31.42
C MET D 204 -21.13 27.17 -29.83
C MET D 204 -20.84 27.10 -29.97
N CYS D 205 -21.64 25.96 -29.61
N CYS D 205 -21.65 26.08 -29.72
CA CYS D 205 -22.22 25.56 -28.33
CA CYS D 205 -22.10 25.75 -28.37
C CYS D 205 -21.19 24.71 -27.57
C CYS D 205 -21.08 24.83 -27.71
N TYR D 206 -20.46 25.35 -26.65
CA TYR D 206 -19.31 24.72 -26.00
C TYR D 206 -19.62 24.38 -24.54
N ALA D 207 -19.25 23.18 -24.12
CA ALA D 207 -19.31 22.81 -22.70
C ALA D 207 -18.15 21.91 -22.32
N THR D 208 -17.75 21.98 -21.05
CA THR D 208 -16.67 21.18 -20.51
C THR D 208 -17.18 20.06 -19.62
N ILE D 209 -16.68 18.85 -19.88
CA ILE D 209 -16.79 17.75 -18.95
C ILE D 209 -15.42 17.61 -18.29
N ALA D 210 -15.35 17.98 -17.01
CA ALA D 210 -14.08 17.94 -16.30
C ALA D 210 -14.02 16.70 -15.43
N MET D 211 -12.84 16.10 -15.33
N MET D 211 -12.82 16.14 -15.31
CA MET D 211 -12.68 15.03 -14.36
CA MET D 211 -12.56 15.00 -14.43
C MET D 211 -11.61 15.40 -13.35
C MET D 211 -11.58 15.42 -13.35
N VAL D 212 -11.95 15.24 -12.09
CA VAL D 212 -11.05 15.55 -10.98
C VAL D 212 -9.92 14.53 -10.94
N THR D 213 -8.70 15.01 -11.13
CA THR D 213 -7.52 14.14 -11.17
C THR D 213 -6.60 14.32 -9.98
N ASP D 214 -6.88 15.32 -9.14
CA ASP D 214 -6.02 15.62 -8.00
C ASP D 214 -6.70 16.63 -7.11
N TYR D 215 -6.16 16.82 -5.90
CA TYR D 215 -6.67 17.80 -4.94
C TYR D 215 -5.78 19.05 -4.84
N ASP D 216 -5.09 19.38 -5.92
CA ASP D 216 -4.21 20.55 -5.95
C ASP D 216 -3.22 20.53 -4.77
N VAL D 217 -3.18 21.58 -3.98
CA VAL D 217 -2.23 21.61 -2.84
C VAL D 217 -2.78 21.00 -1.56
N PHE D 218 -4.01 20.49 -1.60
CA PHE D 218 -4.77 20.23 -0.37
C PHE D 218 -4.67 18.82 0.23
N ALA D 219 -4.17 17.86 -0.53
CA ALA D 219 -3.90 16.54 0.02
C ALA D 219 -2.53 16.51 0.70
N GLU D 220 -2.26 15.45 1.44
CA GLU D 220 -0.97 15.32 2.13
C GLU D 220 0.18 15.56 1.17
N ILE D 221 0.07 14.99 -0.03
CA ILE D 221 1.06 15.20 -1.07
C ILE D 221 0.46 16.06 -2.18
N PRO D 222 1.09 17.20 -2.48
CA PRO D 222 0.54 18.11 -3.50
C PRO D 222 0.51 17.48 -4.90
N VAL D 223 -0.36 18.01 -5.75
CA VAL D 223 -0.48 17.56 -7.12
C VAL D 223 0.87 17.48 -7.83
N THR D 224 1.03 16.42 -8.62
CA THR D 224 2.13 16.30 -9.57
C THR D 224 1.56 15.89 -10.92
N ALA D 225 2.33 16.10 -11.98
CA ALA D 225 1.89 15.70 -13.32
C ALA D 225 1.68 14.19 -13.38
N GLU D 226 2.55 13.44 -12.71
CA GLU D 226 2.43 12.00 -12.65
C GLU D 226 1.07 11.58 -12.11
N GLU D 227 0.61 12.27 -11.07
CA GLU D 227 -0.69 11.95 -10.47
C GLU D 227 -1.83 12.22 -11.43
N VAL D 228 -1.79 13.39 -12.07
CA VAL D 228 -2.83 13.74 -13.02
C VAL D 228 -2.96 12.65 -14.08
N THR D 229 -1.84 12.26 -14.65
N THR D 229 -1.85 12.22 -14.65
CA THR D 229 -1.80 11.22 -15.68
CA THR D 229 -1.90 11.23 -15.71
C THR D 229 -2.39 9.91 -15.16
C THR D 229 -2.33 9.83 -15.21
N ARG D 230 -1.87 9.45 -14.03
CA ARG D 230 -2.32 8.20 -13.42
C ARG D 230 -3.84 8.18 -13.15
N VAL D 231 -4.37 9.24 -12.55
CA VAL D 231 -5.78 9.25 -12.18
C VAL D 231 -6.68 9.34 -13.41
N MET D 232 -6.30 10.13 -14.40
N MET D 232 -6.27 10.13 -14.39
CA MET D 232 -7.08 10.19 -15.64
CA MET D 232 -7.00 10.23 -15.64
C MET D 232 -7.15 8.80 -16.27
C MET D 232 -7.12 8.84 -16.28
N ALA D 233 -6.02 8.10 -16.28
CA ALA D 233 -5.97 6.76 -16.88
C ALA D 233 -6.94 5.79 -16.21
N GLU D 234 -7.11 5.94 -14.91
CA GLU D 234 -7.99 5.05 -14.15
C GLU D 234 -9.46 5.28 -14.48
N ASN D 235 -9.75 6.41 -15.10
CA ASN D 235 -11.14 6.79 -15.33
C ASN D 235 -11.52 7.03 -16.79
N THR D 236 -10.63 6.67 -17.71
CA THR D 236 -10.88 6.94 -19.12
C THR D 236 -12.08 6.15 -19.65
N GLU D 237 -12.26 4.92 -19.15
CA GLU D 237 -13.39 4.10 -19.57
C GLU D 237 -14.71 4.78 -19.26
N LYS D 238 -14.85 5.28 -18.04
CA LYS D 238 -16.04 6.05 -17.66
C LYS D 238 -16.21 7.28 -18.55
N ALA D 239 -15.12 8.02 -18.77
CA ALA D 239 -15.17 9.19 -19.63
C ALA D 239 -15.67 8.83 -21.03
N LYS D 240 -15.17 7.73 -21.58
CA LYS D 240 -15.57 7.30 -22.93
C LYS D 240 -17.04 6.91 -23.00
N LYS D 241 -17.55 6.25 -21.97
CA LYS D 241 -18.97 5.89 -21.92
C LYS D 241 -19.86 7.13 -21.93
N LEU D 242 -19.47 8.12 -21.12
CA LEU D 242 -20.21 9.36 -21.03
C LEU D 242 -20.19 10.10 -22.38
N LEU D 243 -19.01 10.22 -22.96
CA LEU D 243 -18.82 10.87 -24.25
C LEU D 243 -19.66 10.21 -25.35
N TYR D 244 -19.57 8.88 -25.43
CA TYR D 244 -20.28 8.14 -26.46
C TYR D 244 -21.80 8.35 -26.36
N ALA D 245 -22.34 8.26 -25.14
CA ALA D 245 -23.77 8.47 -24.93
C ALA D 245 -24.19 9.89 -25.26
N LEU D 246 -23.40 10.87 -24.82
CA LEU D 246 -23.75 12.27 -25.03
C LEU D 246 -23.81 12.62 -26.52
N ILE D 247 -22.80 12.17 -27.26
CA ILE D 247 -22.74 12.40 -28.69
C ILE D 247 -24.03 11.89 -29.38
N GLN D 248 -24.48 10.70 -28.99
CA GLN D 248 -25.69 10.11 -29.58
C GLN D 248 -26.94 10.93 -29.28
N LYS D 249 -26.94 11.60 -28.13
CA LYS D 249 -28.10 12.31 -27.60
C LYS D 249 -28.32 13.70 -28.22
N LEU D 250 -27.25 14.31 -28.73
CA LEU D 250 -27.34 15.68 -29.23
C LEU D 250 -28.34 15.85 -30.38
N PRO D 251 -29.20 16.89 -30.29
CA PRO D 251 -30.03 17.28 -31.44
C PRO D 251 -29.15 17.71 -32.61
N GLU D 252 -29.74 17.86 -33.78
CA GLU D 252 -28.99 18.26 -34.97
C GLU D 252 -28.33 19.62 -34.79
N LYS D 253 -29.09 20.59 -34.28
CA LYS D 253 -28.57 21.92 -34.04
C LYS D 253 -29.00 22.43 -32.66
N PRO D 254 -28.14 23.23 -32.01
CA PRO D 254 -28.50 23.80 -30.71
C PRO D 254 -29.64 24.79 -30.85
N GLU D 255 -30.62 24.71 -29.96
CA GLU D 255 -31.70 25.68 -29.93
C GLU D 255 -31.14 27.04 -29.50
N GLU D 256 -31.42 28.07 -30.30
CA GLU D 256 -30.92 29.41 -30.01
C GLU D 256 -31.29 29.86 -28.59
N GLY D 257 -32.45 29.41 -28.12
CA GLY D 257 -32.93 29.78 -26.80
C GLY D 257 -32.15 29.16 -25.66
N SER D 258 -31.39 28.11 -25.96
CA SER D 258 -30.60 27.42 -24.93
C SER D 258 -29.10 27.50 -25.21
N CYS D 259 -28.72 28.37 -26.15
CA CYS D 259 -27.33 28.61 -26.49
C CYS D 259 -27.11 30.10 -26.68
N SER D 260 -26.54 30.75 -25.67
CA SER D 260 -26.38 32.21 -25.69
C SER D 260 -25.42 32.69 -26.77
N CYS D 261 -24.48 31.84 -27.17
CA CYS D 261 -23.48 32.20 -28.17
C CYS D 261 -23.96 31.97 -29.60
N CYS D 262 -24.90 31.07 -29.76
CA CYS D 262 -25.44 30.77 -31.08
C CYS D 262 -26.24 31.96 -31.62
N ASN D 263 -25.80 32.47 -32.77
CA ASN D 263 -26.50 33.56 -33.45
C ASN D 263 -26.64 34.83 -32.62
N SER D 264 -25.74 35.02 -31.66
CA SER D 264 -25.81 36.21 -30.81
C SER D 264 -24.69 37.22 -31.10
N LEU D 265 -23.88 36.91 -32.11
CA LEU D 265 -22.80 37.82 -32.49
C LEU D 265 -23.34 39.20 -32.81
N LYS D 266 -24.58 39.26 -33.30
CA LYS D 266 -25.20 40.51 -33.70
C LYS D 266 -25.10 41.61 -32.64
N THR D 267 -25.46 41.28 -31.41
CA THR D 267 -25.46 42.27 -30.33
C THR D 267 -24.07 42.49 -29.73
N ALA D 268 -23.10 41.68 -30.16
CA ALA D 268 -21.73 41.78 -29.65
C ALA D 268 -20.88 42.68 -30.54
N LEU D 269 -21.36 42.96 -31.75
CA LEU D 269 -20.58 43.73 -32.71
C LEU D 269 -20.82 45.21 -32.46
N VAL D 270 -19.75 45.98 -32.36
CA VAL D 270 -19.93 47.40 -32.06
C VAL D 270 -20.52 48.12 -33.27
N MET E 1 25.71 25.29 -26.88
CA MET E 1 26.49 25.09 -28.10
C MET E 1 27.99 25.29 -27.89
N ILE E 2 28.37 25.68 -26.68
CA ILE E 2 29.78 25.64 -26.33
C ILE E 2 29.96 25.00 -24.97
N GLU E 3 31.11 24.37 -24.77
CA GLU E 3 31.40 23.74 -23.50
C GLU E 3 31.76 24.81 -22.48
N GLN E 4 31.05 24.80 -21.35
CA GLN E 4 31.33 25.76 -20.29
C GLN E 4 32.38 25.19 -19.32
N ASN E 5 33.61 25.72 -19.40
N ASN E 5 33.60 25.74 -19.40
CA ASN E 5 34.71 25.26 -18.56
CA ASN E 5 34.72 25.28 -18.58
C ASN E 5 34.61 25.73 -17.11
C ASN E 5 34.66 25.76 -17.12
N GLU E 6 34.07 26.93 -16.91
CA GLU E 6 33.94 27.47 -15.56
C GLU E 6 32.89 26.70 -14.77
N LYS E 7 33.11 26.56 -13.47
CA LYS E 7 32.14 25.89 -12.61
C LYS E 7 31.92 26.64 -11.31
N ALA E 8 30.67 26.64 -10.84
CA ALA E 8 30.33 27.18 -9.52
C ALA E 8 29.13 26.39 -9.02
N SER E 9 29.13 26.08 -7.73
CA SER E 9 28.00 25.35 -7.15
C SER E 9 26.96 26.27 -6.53
N ILE E 10 27.35 27.52 -6.28
CA ILE E 10 26.46 28.49 -5.65
C ILE E 10 26.32 29.71 -6.55
N GLY E 11 25.08 30.16 -6.73
CA GLY E 11 24.78 31.35 -7.52
C GLY E 11 24.09 32.38 -6.67
N ILE E 12 24.48 33.63 -6.84
N ILE E 12 24.51 33.63 -6.81
CA ILE E 12 23.86 34.75 -6.13
CA ILE E 12 23.86 34.75 -6.16
C ILE E 12 23.28 35.71 -7.14
C ILE E 12 23.25 35.63 -7.24
N ILE E 13 21.98 35.98 -7.06
CA ILE E 13 21.34 36.93 -7.95
C ILE E 13 21.06 38.17 -7.13
N GLY E 14 21.74 39.26 -7.45
CA GLY E 14 21.62 40.50 -6.70
C GLY E 14 20.57 41.42 -7.29
N GLY E 15 19.79 42.03 -6.41
CA GLY E 15 18.73 42.94 -6.82
C GLY E 15 19.13 44.40 -6.71
N SER E 16 18.15 45.26 -6.46
CA SER E 16 18.38 46.69 -6.36
C SER E 16 19.43 47.00 -5.29
N GLY E 17 20.34 47.90 -5.64
CA GLY E 17 21.35 48.34 -4.69
C GLY E 17 22.47 47.34 -4.47
N LEU E 18 22.42 46.21 -5.17
CA LEU E 18 23.44 45.18 -4.96
C LEU E 18 24.22 44.81 -6.22
N TYR E 19 24.59 45.82 -7.00
CA TYR E 19 25.39 45.56 -8.18
C TYR E 19 26.72 44.93 -7.79
N ASP E 20 27.33 45.47 -6.74
CA ASP E 20 28.56 44.92 -6.20
C ASP E 20 28.25 44.24 -4.87
N PRO E 21 28.33 42.90 -4.85
CA PRO E 21 27.95 42.11 -3.67
C PRO E 21 28.93 42.24 -2.52
N GLY E 22 30.15 42.69 -2.80
CA GLY E 22 31.17 42.88 -1.77
C GLY E 22 31.43 41.63 -0.97
N ILE E 23 31.59 40.50 -1.65
CA ILE E 23 31.82 39.22 -1.00
C ILE E 23 33.07 38.53 -1.54
N PHE E 24 33.51 38.94 -2.74
CA PHE E 24 34.60 38.26 -3.41
C PHE E 24 35.97 38.75 -2.96
N SER E 25 36.91 37.82 -2.85
CA SER E 25 38.31 38.20 -2.63
C SER E 25 39.00 38.36 -3.99
N GLU E 26 38.95 37.31 -4.80
CA GLU E 26 39.46 37.35 -6.16
C GLU E 26 38.33 36.90 -7.07
N SER E 27 38.23 37.51 -8.25
CA SER E 27 37.12 37.18 -9.14
C SER E 27 37.42 37.64 -10.55
N LYS E 28 36.64 37.15 -11.49
CA LYS E 28 36.70 37.62 -12.87
C LYS E 28 35.31 37.59 -13.46
N GLU E 29 35.13 38.31 -14.56
CA GLU E 29 33.85 38.38 -15.24
C GLU E 29 33.91 37.55 -16.50
N ILE E 30 32.86 36.76 -16.73
CA ILE E 30 32.81 35.85 -17.86
C ILE E 30 31.51 36.00 -18.65
N LYS E 31 31.59 35.71 -19.95
CA LYS E 31 30.41 35.63 -20.81
C LYS E 31 29.95 34.19 -20.85
N VAL E 32 28.67 33.95 -20.61
CA VAL E 32 28.14 32.59 -20.62
C VAL E 32 27.10 32.43 -21.74
N TYR E 33 27.29 31.39 -22.55
CA TYR E 33 26.38 31.10 -23.66
C TYR E 33 24.99 30.71 -23.13
N THR E 34 23.94 31.27 -23.73
CA THR E 34 22.60 30.73 -23.51
C THR E 34 21.83 30.77 -24.82
N PRO E 35 20.88 29.84 -25.01
CA PRO E 35 20.05 29.85 -26.21
C PRO E 35 18.95 30.91 -26.14
N TYR E 36 18.91 31.66 -25.05
CA TYR E 36 17.93 32.71 -24.86
C TYR E 36 18.56 34.08 -24.99
N GLY E 37 19.82 34.12 -25.41
CA GLY E 37 20.48 35.40 -25.58
C GLY E 37 21.12 35.89 -24.28
N GLN E 38 21.08 37.19 -24.08
CA GLN E 38 21.91 37.88 -23.09
C GLN E 38 21.43 37.73 -21.65
N PRO E 39 22.28 37.16 -20.77
CA PRO E 39 22.02 37.40 -19.33
C PRO E 39 22.14 38.90 -19.01
N SER E 40 21.67 39.28 -17.83
CA SER E 40 21.66 40.69 -17.45
C SER E 40 23.01 41.37 -17.48
N ASP E 41 24.08 40.61 -17.26
CA ASP E 41 25.44 41.15 -17.24
C ASP E 41 26.37 39.98 -17.43
N PHE E 42 27.67 40.25 -17.51
N PHE E 42 27.65 40.32 -17.52
CA PHE E 42 28.60 39.13 -17.45
CA PHE E 42 28.72 39.36 -17.31
C PHE E 42 28.51 38.52 -16.05
C PHE E 42 28.46 38.74 -15.95
N ILE E 43 28.71 37.21 -15.94
N ILE E 43 28.87 37.49 -15.77
CA ILE E 43 28.69 36.54 -14.65
CA ILE E 43 28.79 36.84 -14.47
C ILE E 43 30.06 36.68 -13.98
C ILE E 43 30.11 37.04 -13.74
N THR E 44 30.05 37.12 -12.72
N THR E 44 30.02 37.41 -12.47
CA THR E 44 31.27 37.15 -11.93
CA THR E 44 31.20 37.54 -11.63
C THR E 44 31.45 35.81 -11.24
C THR E 44 31.46 36.19 -10.98
N ILE E 45 32.65 35.26 -11.29
N ILE E 45 32.57 35.57 -11.34
CA ILE E 45 32.93 34.00 -10.61
CA ILE E 45 32.90 34.28 -10.79
C ILE E 45 34.20 34.05 -9.78
C ILE E 45 34.21 34.35 -10.03
N GLY E 46 34.17 33.41 -8.61
N GLY E 46 34.25 33.73 -8.87
CA GLY E 46 35.32 33.40 -7.72
CA GLY E 46 35.44 33.75 -8.04
C GLY E 46 35.10 32.44 -6.56
C GLY E 46 35.21 33.27 -6.62
N LYS E 47 36.12 32.28 -5.72
N LYS E 47 36.14 33.59 -5.74
CA LYS E 47 36.00 31.37 -4.59
CA LYS E 47 36.09 33.10 -4.38
C LYS E 47 35.79 32.11 -3.28
C LYS E 47 35.41 34.09 -3.44
N ILE E 48 34.85 31.64 -2.49
N ILE E 48 34.43 33.58 -2.71
CA ILE E 48 34.62 32.16 -1.15
CA ILE E 48 33.90 34.27 -1.55
C ILE E 48 34.57 30.96 -0.22
C ILE E 48 34.28 33.40 -0.37
N GLY E 49 35.44 30.94 0.78
N GLY E 49 35.24 33.85 0.42
CA GLY E 49 35.63 29.74 1.56
CA GLY E 49 35.82 33.00 1.45
C GLY E 49 36.09 28.65 0.62
C GLY E 49 36.41 31.77 0.80
N ASN E 50 35.51 27.46 0.75
N ASN E 50 35.89 30.60 1.14
CA ASN E 50 35.85 26.34 -0.13
CA ASN E 50 36.42 29.34 0.61
C ASN E 50 34.91 26.23 -1.33
C ASN E 50 35.52 28.68 -0.43
N LYS E 51 34.15 27.30 -1.59
N LYS E 51 34.54 29.42 -0.91
CA LYS E 51 33.10 27.26 -2.61
CA LYS E 51 33.58 28.89 -1.88
C LYS E 51 33.44 28.06 -3.86
C LYS E 51 33.68 29.55 -3.25
N SER E 52 33.05 27.52 -5.01
N SER E 52 33.48 28.76 -4.30
CA SER E 52 33.07 28.30 -6.25
CA SER E 52 33.38 29.28 -5.66
C SER E 52 31.70 28.95 -6.40
C SER E 52 31.95 29.72 -5.92
N VAL E 53 31.69 30.27 -6.44
N VAL E 53 31.79 30.99 -6.30
CA VAL E 53 30.44 31.02 -6.41
CA VAL E 53 30.46 31.56 -6.44
C VAL E 53 30.33 31.92 -7.64
C VAL E 53 30.30 32.32 -7.73
N ALA E 54 29.12 32.01 -8.17
N ALA E 54 29.14 32.15 -8.35
CA ALA E 54 28.82 32.88 -9.29
CA ALA E 54 28.77 32.88 -9.56
C ALA E 54 27.88 34.00 -8.85
C ALA E 54 27.71 33.92 -9.20
N PHE E 55 28.03 35.18 -9.44
CA PHE E 55 27.15 36.30 -9.13
C PHE E 55 26.63 36.99 -10.37
N LEU E 56 25.37 37.42 -10.32
CA LEU E 56 24.72 38.09 -11.42
C LEU E 56 23.84 39.18 -10.85
N PRO E 57 24.03 40.44 -11.28
CA PRO E 57 23.09 41.50 -10.86
C PRO E 57 21.91 41.49 -11.83
N ARG E 58 20.70 41.19 -11.35
CA ARG E 58 19.61 40.99 -12.31
C ARG E 58 19.24 42.25 -13.12
N HIS E 59 19.50 43.44 -12.59
CA HIS E 59 19.21 44.66 -13.34
C HIS E 59 20.38 45.12 -14.20
N GLY E 60 21.48 44.38 -14.14
CA GLY E 60 22.67 44.71 -14.93
C GLY E 60 23.41 45.96 -14.47
N ARG E 61 24.48 46.27 -15.19
CA ARG E 61 25.29 47.46 -14.94
C ARG E 61 24.43 48.70 -14.91
N GLY E 62 24.65 49.56 -13.92
CA GLY E 62 23.94 50.81 -13.84
C GLY E 62 22.43 50.67 -13.65
N HIS E 63 21.99 49.51 -13.17
CA HIS E 63 20.54 49.25 -13.03
C HIS E 63 19.81 49.62 -14.32
N ARG E 64 20.30 49.09 -15.44
CA ARG E 64 19.79 49.47 -16.74
C ARG E 64 18.59 48.64 -17.22
N ILE E 65 18.27 47.55 -16.53
CA ILE E 65 17.20 46.66 -17.00
C ILE E 65 16.07 46.62 -15.98
N PRO E 66 14.86 47.05 -16.40
CA PRO E 66 13.71 47.01 -15.48
C PRO E 66 13.16 45.58 -15.37
N PRO E 67 12.36 45.30 -14.32
CA PRO E 67 11.91 43.94 -14.06
C PRO E 67 11.20 43.29 -15.23
N HIS E 68 10.39 44.05 -15.96
CA HIS E 68 9.64 43.47 -17.07
C HIS E 68 10.50 43.08 -18.27
N LYS E 69 11.74 43.55 -18.31
CA LYS E 69 12.63 43.27 -19.45
C LYS E 69 13.78 42.35 -19.07
N ILE E 70 13.85 41.90 -17.83
CA ILE E 70 14.94 41.01 -17.44
C ILE E 70 14.80 39.68 -18.21
N ASN E 71 15.94 39.18 -18.68
CA ASN E 71 15.98 37.91 -19.39
C ASN E 71 16.15 36.79 -18.38
N TYR E 72 15.06 36.47 -17.70
CA TYR E 72 15.08 35.49 -16.62
C TYR E 72 15.57 34.13 -17.11
N ARG E 73 15.13 33.74 -18.30
CA ARG E 73 15.55 32.44 -18.85
C ARG E 73 17.06 32.41 -19.09
N ALA E 74 17.61 33.48 -19.66
CA ALA E 74 19.05 33.51 -19.90
C ALA E 74 19.82 33.49 -18.58
N ASN E 75 19.33 34.23 -17.59
CA ASN E 75 20.03 34.26 -16.31
C ASN E 75 20.10 32.90 -15.65
N ILE E 76 18.96 32.20 -15.57
CA ILE E 76 18.93 30.89 -14.94
C ILE E 76 19.67 29.85 -15.78
N TRP E 77 19.52 29.92 -17.09
CA TRP E 77 20.27 29.00 -17.96
C TRP E 77 21.77 29.15 -17.75
N ALA E 78 22.25 30.39 -17.68
CA ALA E 78 23.67 30.65 -17.50
C ALA E 78 24.18 30.01 -16.21
N LEU E 79 23.42 30.18 -15.12
CA LEU E 79 23.79 29.57 -13.85
C LEU E 79 23.80 28.03 -13.95
N LYS E 80 22.82 27.46 -14.64
CA LYS E 80 22.76 26.02 -14.83
C LYS E 80 24.01 25.52 -15.56
N GLU E 81 24.42 26.25 -16.60
CA GLU E 81 25.59 25.88 -17.39
C GLU E 81 26.86 25.86 -16.53
N LEU E 82 26.89 26.71 -15.51
CA LEU E 82 28.02 26.74 -14.59
C LEU E 82 27.97 25.66 -13.53
N GLY E 83 26.88 24.89 -13.49
CA GLY E 83 26.74 23.81 -12.52
C GLY E 83 26.19 24.26 -11.18
N VAL E 84 25.52 25.40 -11.16
CA VAL E 84 25.00 25.95 -9.92
C VAL E 84 23.89 25.07 -9.35
N ARG E 85 23.97 24.77 -8.06
CA ARG E 85 22.96 23.96 -7.37
C ARG E 85 22.14 24.77 -6.38
N TRP E 86 22.75 25.79 -5.78
CA TRP E 86 22.06 26.67 -4.82
C TRP E 86 21.97 28.05 -5.42
N VAL E 87 20.78 28.66 -5.39
CA VAL E 87 20.62 30.05 -5.82
C VAL E 87 20.07 30.89 -4.69
N ILE E 88 20.83 31.91 -4.30
CA ILE E 88 20.41 32.86 -3.29
C ILE E 88 20.09 34.17 -3.98
N SER E 89 18.83 34.58 -3.91
CA SER E 89 18.38 35.86 -4.41
C SER E 89 18.37 36.89 -3.27
N VAL E 90 18.88 38.09 -3.51
CA VAL E 90 18.76 39.16 -2.54
C VAL E 90 17.96 40.26 -3.22
N SER E 91 16.87 40.67 -2.59
N SER E 91 16.84 40.65 -2.62
CA SER E 91 15.92 41.55 -3.23
CA SER E 91 15.95 41.60 -3.29
C SER E 91 15.44 42.67 -2.32
C SER E 91 15.25 42.58 -2.37
N ALA E 92 14.98 43.76 -2.92
CA ALA E 92 14.31 44.84 -2.22
C ALA E 92 12.82 44.64 -2.34
N VAL E 93 12.10 44.73 -1.23
CA VAL E 93 10.65 44.60 -1.24
C VAL E 93 9.95 45.67 -0.44
N GLY E 94 8.69 45.91 -0.78
CA GLY E 94 7.86 46.71 0.08
C GLY E 94 7.18 45.86 1.11
N SER E 95 6.92 46.44 2.28
CA SER E 95 6.13 45.79 3.30
C SER E 95 4.67 46.20 3.19
N LEU E 96 3.78 45.23 3.34
CA LEU E 96 2.35 45.48 3.37
C LEU E 96 1.77 45.36 4.77
N ARG E 97 2.64 45.27 5.78
CA ARG E 97 2.19 45.14 7.16
C ARG E 97 3.12 45.92 8.11
N MET E 98 2.52 46.57 9.10
CA MET E 98 3.26 47.52 9.94
C MET E 98 4.36 46.90 10.80
N ASP E 99 4.27 45.60 11.08
CA ASP E 99 5.30 44.91 11.88
C ASP E 99 6.48 44.38 11.05
N TYR E 100 6.39 44.44 9.72
CA TYR E 100 7.55 44.18 8.88
C TYR E 100 8.13 45.56 8.54
N LYS E 101 9.17 45.94 9.28
CA LYS E 101 9.65 47.33 9.29
C LYS E 101 10.82 47.57 8.35
N LEU E 102 11.06 48.83 8.02
CA LEU E 102 12.16 49.18 7.13
C LEU E 102 13.45 48.61 7.69
N GLY E 103 14.22 47.97 6.84
CA GLY E 103 15.49 47.37 7.22
C GLY E 103 15.40 45.94 7.73
N ASP E 104 14.18 45.47 8.02
CA ASP E 104 13.99 44.09 8.44
C ASP E 104 14.26 43.19 7.23
N PHE E 105 14.85 42.03 7.45
CA PHE E 105 14.87 41.01 6.42
C PHE E 105 13.66 40.11 6.54
N VAL E 106 13.29 39.48 5.42
CA VAL E 106 12.20 38.53 5.37
C VAL E 106 12.66 37.37 4.51
N ILE E 107 12.41 36.16 4.99
CA ILE E 107 12.71 34.96 4.22
C ILE E 107 11.36 34.39 3.81
N PRO E 108 10.84 34.81 2.64
CA PRO E 108 9.47 34.38 2.31
C PRO E 108 9.36 32.88 2.10
N ASP E 109 8.17 32.35 2.38
CA ASP E 109 7.90 30.94 2.15
C ASP E 109 6.82 30.70 1.08
N GLN E 110 6.16 31.77 0.64
CA GLN E 110 5.09 31.65 -0.36
C GLN E 110 5.14 32.82 -1.32
N PHE E 111 4.48 32.66 -2.46
CA PHE E 111 4.27 33.80 -3.34
C PHE E 111 2.93 33.77 -4.02
N ILE E 112 2.52 34.94 -4.52
CA ILE E 112 1.36 35.10 -5.37
C ILE E 112 1.82 35.84 -6.62
N ASP E 113 1.57 35.25 -7.77
CA ASP E 113 2.05 35.79 -9.05
C ASP E 113 1.00 36.67 -9.70
N MET E 114 1.24 37.99 -9.68
CA MET E 114 0.38 38.93 -10.39
C MET E 114 1.07 39.57 -11.58
N THR E 115 2.14 38.94 -12.08
CA THR E 115 2.81 39.41 -13.29
C THR E 115 1.93 39.18 -14.51
N LYS E 116 2.28 39.85 -15.61
N LYS E 116 2.32 39.81 -15.62
CA LYS E 116 1.38 39.95 -16.76
CA LYS E 116 1.59 39.70 -16.86
C LYS E 116 2.01 39.52 -18.09
C LYS E 116 2.61 39.59 -17.99
N ASN E 117 3.23 39.98 -18.36
N ASN E 117 2.34 38.70 -18.95
CA ASN E 117 3.85 39.68 -19.65
CA ASN E 117 3.11 38.65 -20.20
C ASN E 117 5.30 39.17 -19.56
C ASN E 117 4.62 38.45 -20.15
N ARG E 118 5.48 38.05 -18.88
N ARG E 118 5.11 37.77 -19.11
CA ARG E 118 6.77 37.39 -18.77
CA ARG E 118 6.52 37.38 -19.07
C ARG E 118 6.73 36.07 -19.55
C ARG E 118 6.68 35.96 -19.59
N GLU E 119 7.91 35.48 -19.74
CA GLU E 119 8.08 34.11 -20.23
C GLU E 119 8.32 33.21 -19.03
N TYR E 120 7.41 32.27 -18.79
CA TYR E 120 7.34 31.60 -17.48
C TYR E 120 8.09 30.28 -17.37
N SER E 121 8.54 29.71 -18.49
CA SER E 121 9.03 28.34 -18.46
C SER E 121 10.15 28.12 -19.47
N PHE E 122 10.99 27.12 -19.18
CA PHE E 122 11.94 26.56 -20.14
C PHE E 122 11.29 25.48 -21.00
N PHE E 123 10.07 25.05 -20.67
CA PHE E 123 9.48 23.89 -21.33
C PHE E 123 8.29 24.27 -22.20
N ASP E 124 8.57 24.53 -23.47
CA ASP E 124 7.54 24.96 -24.40
C ASP E 124 7.08 23.84 -25.34
N GLY E 125 7.55 22.62 -25.10
CA GLY E 125 7.25 21.50 -25.98
C GLY E 125 8.47 21.12 -26.79
N PRO E 126 8.65 19.84 -27.12
CA PRO E 126 7.70 18.74 -26.98
C PRO E 126 7.80 18.01 -25.65
N VAL E 127 8.76 18.37 -24.81
CA VAL E 127 8.86 17.78 -23.48
C VAL E 127 8.10 18.68 -22.51
N VAL E 128 6.93 18.23 -22.10
CA VAL E 128 6.06 19.06 -21.28
C VAL E 128 6.31 18.75 -19.81
N ALA E 129 6.53 19.82 -19.04
CA ALA E 129 6.80 19.70 -17.62
C ALA E 129 5.91 20.67 -16.85
N HIS E 130 5.33 20.17 -15.77
CA HIS E 130 4.50 20.98 -14.87
C HIS E 130 5.06 20.85 -13.46
N VAL E 131 5.97 21.74 -13.08
N VAL E 131 5.90 21.79 -13.06
CA VAL E 131 6.61 21.58 -11.78
CA VAL E 131 6.54 21.70 -11.75
C VAL E 131 5.64 21.87 -10.65
C VAL E 131 5.61 22.04 -10.59
N SER E 132 5.87 21.22 -9.51
N SER E 132 5.60 21.18 -9.57
CA SER E 132 5.06 21.47 -8.32
CA SER E 132 4.81 21.37 -8.36
C SER E 132 5.65 22.68 -7.62
C SER E 132 5.52 22.36 -7.44
N MET E 133 4.79 23.64 -7.27
N MET E 133 4.89 23.51 -7.21
CA MET E 133 5.27 24.82 -6.56
CA MET E 133 5.51 24.55 -6.40
C MET E 133 4.44 25.11 -5.31
C MET E 133 4.65 25.00 -5.22
N ALA E 134 3.83 24.08 -4.72
CA ALA E 134 3.04 24.28 -3.50
C ALA E 134 3.87 25.02 -2.45
N ASP E 135 5.10 24.55 -2.25
CA ASP E 135 6.08 25.22 -1.40
C ASP E 135 7.20 25.64 -2.32
N PRO E 136 7.12 26.89 -2.83
CA PRO E 136 7.90 27.29 -4.00
C PRO E 136 9.39 27.50 -3.76
N PHE E 137 9.81 27.70 -2.52
CA PHE E 137 11.22 27.93 -2.21
C PHE E 137 11.85 26.66 -1.65
N CYS E 138 13.17 26.59 -1.76
CA CYS E 138 13.88 25.45 -1.24
C CYS E 138 13.96 25.49 0.29
N ASN E 139 13.34 24.51 0.93
CA ASN E 139 13.26 24.49 2.39
C ASN E 139 14.63 24.48 3.05
N SER E 140 15.54 23.66 2.54
CA SER E 140 16.85 23.55 3.16
C SER E 140 17.59 24.89 3.14
N LEU E 141 17.52 25.60 2.01
CA LEU E 141 18.19 26.90 1.92
C LEU E 141 17.49 27.95 2.79
N ARG E 142 16.16 27.96 2.81
CA ARG E 142 15.45 28.88 3.70
C ARG E 142 15.90 28.66 5.15
N LYS E 143 15.96 27.42 5.58
CA LYS E 143 16.32 27.10 6.96
C LYS E 143 17.74 27.56 7.26
N LEU E 144 18.64 27.37 6.31
CA LEU E 144 20.02 27.82 6.50
C LEU E 144 20.10 29.33 6.60
N ALA E 145 19.33 30.04 5.77
CA ALA E 145 19.27 31.50 5.85
C ALA E 145 18.76 31.97 7.21
N ILE E 146 17.70 31.33 7.68
CA ILE E 146 17.13 31.68 8.96
C ILE E 146 18.13 31.45 10.09
N GLU E 147 18.79 30.29 10.06
CA GLU E 147 19.83 29.99 11.05
C GLU E 147 20.93 31.05 11.02
N THR E 148 21.35 31.45 9.81
CA THR E 148 22.40 32.45 9.69
C THR E 148 22.00 33.78 10.32
N ALA E 149 20.79 34.24 10.02
CA ALA E 149 20.28 35.48 10.58
C ALA E 149 20.23 35.41 12.11
N LYS E 150 19.78 34.28 12.65
CA LYS E 150 19.75 34.10 14.10
C LYS E 150 21.16 34.16 14.71
N GLU E 151 22.12 33.50 14.06
CA GLU E 151 23.50 33.46 14.54
C GLU E 151 24.14 34.86 14.54
N LEU E 152 23.78 35.67 13.56
N LEU E 152 23.78 35.67 13.56
CA LEU E 152 24.30 37.02 13.43
CA LEU E 152 24.31 37.03 13.43
C LEU E 152 23.51 38.04 14.23
C LEU E 152 23.44 38.08 14.12
N ASN E 153 22.37 37.63 14.76
CA ASN E 153 21.47 38.53 15.47
C ASN E 153 20.97 39.65 14.56
N ILE E 154 20.54 39.27 13.36
CA ILE E 154 20.00 40.21 12.40
C ILE E 154 18.50 40.03 12.34
N LYS E 155 17.74 41.09 12.58
CA LYS E 155 16.28 40.98 12.66
C LYS E 155 15.68 40.51 11.34
N THR E 156 14.99 39.37 11.39
CA THR E 156 14.54 38.65 10.22
C THR E 156 13.21 37.95 10.49
N HIS E 157 12.23 38.20 9.62
CA HIS E 157 10.97 37.46 9.68
C HIS E 157 11.10 36.15 8.93
N GLU E 158 10.70 35.06 9.57
CA GLU E 158 11.03 33.72 9.10
C GLU E 158 9.95 33.10 8.20
N SER E 159 9.05 33.93 7.72
CA SER E 159 8.03 33.50 6.77
C SER E 159 7.44 34.72 6.11
N GLY E 160 6.63 34.50 5.09
CA GLY E 160 5.93 35.59 4.46
C GLY E 160 5.56 35.28 3.03
N THR E 161 4.48 35.91 2.59
CA THR E 161 4.00 35.75 1.23
C THR E 161 4.39 36.97 0.40
N TYR E 162 5.16 36.73 -0.66
CA TYR E 162 5.62 37.76 -1.59
C TYR E 162 4.63 37.84 -2.75
N ILE E 163 4.02 38.99 -2.93
CA ILE E 163 3.21 39.20 -4.13
C ILE E 163 4.07 39.88 -5.19
N CYS E 164 4.13 39.27 -6.37
CA CYS E 164 4.97 39.79 -7.44
C CYS E 164 4.09 40.49 -8.47
N ILE E 165 4.30 41.79 -8.64
CA ILE E 165 3.55 42.56 -9.62
C ILE E 165 4.40 42.82 -10.86
N GLU E 166 3.72 43.25 -11.93
CA GLU E 166 4.36 43.40 -13.22
C GLU E 166 5.27 44.63 -13.27
N GLY E 167 4.81 45.76 -12.76
CA GLY E 167 5.58 46.97 -12.89
C GLY E 167 5.57 47.48 -14.33
N PRO E 168 6.39 48.50 -14.60
CA PRO E 168 7.30 49.13 -13.63
C PRO E 168 6.64 50.09 -12.66
N ARG E 169 5.42 50.53 -12.91
CA ARG E 169 4.76 51.40 -11.95
C ARG E 169 4.54 50.67 -10.62
N PHE E 170 4.52 51.45 -9.54
CA PHE E 170 4.10 50.93 -8.24
C PHE E 170 2.56 50.83 -8.16
N SER E 171 2.08 50.15 -7.14
CA SER E 171 0.65 49.87 -7.00
C SER E 171 -0.20 51.10 -6.66
N THR E 172 -1.45 51.08 -7.10
CA THR E 172 -2.42 52.06 -6.60
C THR E 172 -2.82 51.70 -5.17
N ARG E 173 -3.41 52.65 -4.46
CA ARG E 173 -3.91 52.35 -3.14
C ARG E 173 -4.94 51.22 -3.16
N ALA E 174 -5.82 51.20 -4.16
CA ALA E 174 -6.85 50.18 -4.23
C ALA E 174 -6.21 48.81 -4.44
N GLU E 175 -5.18 48.77 -5.29
CA GLU E 175 -4.44 47.53 -5.49
C GLU E 175 -3.78 47.03 -4.21
N SER E 176 -3.08 47.93 -3.52
CA SER E 176 -2.37 47.55 -2.31
C SER E 176 -3.30 47.08 -1.20
N ARG E 177 -4.47 47.71 -1.08
CA ARG E 177 -5.45 47.25 -0.11
C ARG E 177 -5.85 45.82 -0.48
N THR E 178 -6.00 45.58 -1.78
CA THR E 178 -6.30 44.24 -2.27
C THR E 178 -5.19 43.23 -1.95
N TRP E 179 -3.94 43.59 -2.20
CA TRP E 179 -2.82 42.66 -1.95
C TRP E 179 -2.82 42.21 -0.49
N ARG E 180 -3.08 43.15 0.41
CA ARG E 180 -3.00 42.84 1.83
C ARG E 180 -4.26 42.19 2.36
N GLU E 181 -5.40 42.85 2.18
N GLU E 181 -5.40 42.86 2.17
CA GLU E 181 -6.64 42.42 2.81
CA GLU E 181 -6.64 42.43 2.79
C GLU E 181 -7.26 41.21 2.10
C GLU E 181 -7.27 41.22 2.11
N VAL E 182 -7.06 41.13 0.80
CA VAL E 182 -7.62 40.04 -0.01
C VAL E 182 -6.67 38.84 -0.20
N TYR E 183 -5.48 39.09 -0.74
CA TYR E 183 -4.51 38.03 -1.04
C TYR E 183 -3.66 37.62 0.16
N LYS E 184 -3.76 38.39 1.25
CA LYS E 184 -3.00 38.12 2.47
C LYS E 184 -1.49 38.16 2.22
N ALA E 185 -1.04 39.01 1.32
CA ALA E 185 0.39 39.15 1.07
C ALA E 185 1.07 39.95 2.21
N ASP E 186 2.35 39.70 2.40
CA ASP E 186 3.14 40.37 3.44
C ASP E 186 4.15 41.36 2.86
N ILE E 187 4.74 40.99 1.71
CA ILE E 187 5.73 41.82 1.04
C ILE E 187 5.44 41.83 -0.45
N ILE E 188 6.00 42.81 -1.15
CA ILE E 188 5.70 43.02 -2.55
C ILE E 188 6.96 43.39 -3.34
N GLY E 189 7.08 42.83 -4.54
CA GLY E 189 8.21 43.13 -5.40
C GLY E 189 7.81 42.86 -6.85
N MET E 190 8.79 43.02 -7.74
CA MET E 190 8.55 42.89 -9.18
C MET E 190 9.38 41.83 -9.88
N THR E 191 10.28 41.16 -9.17
CA THR E 191 11.30 40.33 -9.84
C THR E 191 11.30 38.85 -9.49
N LEU E 192 10.51 38.44 -8.51
CA LEU E 192 10.59 37.05 -8.05
C LEU E 192 10.15 36.07 -9.13
N VAL E 193 9.07 36.40 -9.83
CA VAL E 193 8.51 35.52 -10.85
C VAL E 193 8.89 36.13 -12.20
N PRO E 194 9.43 35.33 -13.14
CA PRO E 194 9.53 33.87 -13.16
C PRO E 194 10.87 33.30 -12.70
N GLU E 195 11.72 34.12 -12.08
CA GLU E 195 13.01 33.65 -11.62
C GLU E 195 12.88 32.36 -10.78
N VAL E 196 11.97 32.37 -9.81
CA VAL E 196 11.80 31.21 -8.93
C VAL E 196 11.29 29.96 -9.68
N ASN E 197 10.37 30.15 -10.63
CA ASN E 197 9.82 29.04 -11.44
C ASN E 197 10.93 28.38 -12.22
N LEU E 198 11.72 29.23 -12.86
CA LEU E 198 12.76 28.76 -13.76
C LEU E 198 13.86 28.04 -12.99
N ALA E 199 14.20 28.55 -11.82
CA ALA E 199 15.19 27.87 -10.99
C ALA E 199 14.68 26.47 -10.61
N CYS E 200 13.40 26.36 -10.30
CA CYS E 200 12.83 25.07 -9.95
C CYS E 200 12.89 24.10 -11.14
N GLU E 201 12.49 24.58 -12.31
CA GLU E 201 12.59 23.77 -13.53
C GLU E 201 14.02 23.32 -13.82
N ALA E 202 15.00 24.16 -13.47
CA ALA E 202 16.41 23.85 -13.65
C ALA E 202 16.96 22.97 -12.52
N GLN E 203 16.08 22.53 -11.63
CA GLN E 203 16.45 21.64 -10.52
C GLN E 203 17.47 22.28 -9.60
N MET E 204 17.34 23.59 -9.40
N MET E 204 17.30 23.58 -9.38
CA MET E 204 18.24 24.32 -8.50
CA MET E 204 18.10 24.30 -8.41
C MET E 204 17.52 24.79 -7.23
C MET E 204 17.35 24.47 -7.10
N CYS E 205 18.19 24.67 -6.09
N CYS E 205 18.09 24.73 -6.04
CA CYS E 205 17.69 25.06 -4.78
CA CYS E 205 17.53 25.02 -4.74
C CYS E 205 17.66 26.58 -4.69
C CYS E 205 17.61 26.52 -4.51
N TYR E 206 16.47 27.17 -4.68
CA TYR E 206 16.35 28.63 -4.72
C TYR E 206 15.66 29.19 -3.48
N ALA E 207 16.22 30.26 -2.93
CA ALA E 207 15.55 30.97 -1.83
C ALA E 207 15.84 32.46 -1.94
N THR E 208 14.91 33.26 -1.45
CA THR E 208 15.00 34.72 -1.43
C THR E 208 15.27 35.26 -0.03
N ILE E 209 16.28 36.12 0.05
CA ILE E 209 16.49 36.98 1.20
C ILE E 209 16.00 38.37 0.79
N ALA E 210 14.87 38.77 1.36
CA ALA E 210 14.24 40.04 1.02
C ALA E 210 14.56 41.06 2.10
N MET E 211 14.81 42.30 1.68
N MET E 211 14.76 42.32 1.66
CA MET E 211 14.91 43.36 2.66
CA MET E 211 14.99 43.44 2.56
C MET E 211 13.85 44.40 2.41
C MET E 211 13.86 44.45 2.39
N VAL E 212 13.18 44.78 3.49
CA VAL E 212 12.09 45.75 3.43
C VAL E 212 12.68 47.13 3.22
N THR E 213 12.32 47.76 2.11
CA THR E 213 12.90 49.05 1.74
C THR E 213 11.86 50.15 1.76
N ASP E 214 10.60 49.81 2.00
CA ASP E 214 9.52 50.79 2.01
C ASP E 214 8.24 50.15 2.54
N TYR E 215 7.25 50.98 2.87
CA TYR E 215 5.93 50.51 3.32
C TYR E 215 4.88 50.61 2.23
N ASP E 216 5.31 50.48 0.98
CA ASP E 216 4.40 50.57 -0.15
C ASP E 216 3.56 51.87 -0.07
N VAL E 217 2.25 51.78 -0.20
CA VAL E 217 1.42 53.00 -0.15
C VAL E 217 1.00 53.39 1.27
N PHE E 218 1.48 52.66 2.28
CA PHE E 218 0.87 52.76 3.60
C PHE E 218 1.48 53.77 4.57
N ALA E 219 2.65 54.31 4.25
CA ALA E 219 3.23 55.38 5.04
C ALA E 219 2.65 56.73 4.60
N GLU E 220 2.95 57.78 5.36
CA GLU E 220 2.46 59.12 5.02
C GLU E 220 2.88 59.49 3.60
N ILE E 221 4.13 59.17 3.27
CA ILE E 221 4.63 59.37 1.91
C ILE E 221 4.76 58.02 1.22
N PRO E 222 3.98 57.79 0.15
CA PRO E 222 4.03 56.49 -0.52
C PRO E 222 5.39 56.20 -1.15
N VAL E 223 5.64 54.92 -1.38
CA VAL E 223 6.90 54.44 -1.94
C VAL E 223 7.28 55.16 -3.23
N THR E 224 8.57 55.48 -3.34
CA THR E 224 9.16 55.96 -4.58
C THR E 224 10.45 55.18 -4.84
N ALA E 225 10.93 55.23 -6.07
CA ALA E 225 12.18 54.57 -6.42
C ALA E 225 13.35 55.12 -5.60
N GLU E 226 13.30 56.43 -5.34
CA GLU E 226 14.32 57.08 -4.52
C GLU E 226 14.40 56.46 -3.14
N GLU E 227 13.24 56.20 -2.54
CA GLU E 227 13.22 55.59 -1.20
C GLU E 227 13.81 54.18 -1.23
N VAL E 228 13.41 53.39 -2.22
CA VAL E 228 13.90 52.03 -2.31
C VAL E 228 15.43 52.02 -2.34
N THR E 229 16.01 52.83 -3.20
N THR E 229 15.99 52.83 -3.22
CA THR E 229 17.47 52.86 -3.32
CA THR E 229 17.43 52.96 -3.36
C THR E 229 18.15 53.40 -2.05
C THR E 229 18.09 53.36 -2.04
N ARG E 230 17.56 54.42 -1.43
CA ARG E 230 18.11 54.97 -0.20
C ARG E 230 18.11 53.95 0.94
N VAL E 231 16.99 53.29 1.15
CA VAL E 231 16.87 52.36 2.27
C VAL E 231 17.72 51.11 2.04
N MET E 232 17.77 50.61 0.82
N MET E 232 17.76 50.64 0.80
CA MET E 232 18.66 49.48 0.53
CA MET E 232 18.61 49.51 0.44
C MET E 232 20.10 49.86 0.84
C MET E 232 20.07 49.85 0.77
N ALA E 233 20.51 51.04 0.40
CA ALA E 233 21.88 51.49 0.65
C ALA E 233 22.21 51.51 2.14
N GLU E 234 21.23 51.88 2.96
CA GLU E 234 21.45 51.95 4.40
C GLU E 234 21.69 50.59 5.03
N ASN E 235 21.31 49.53 4.31
CA ASN E 235 21.33 48.19 4.87
C ASN E 235 22.17 47.17 4.10
N THR E 236 22.97 47.66 3.15
N THR E 236 22.96 47.65 3.14
CA THR E 236 23.80 46.81 2.31
CA THR E 236 23.76 46.74 2.33
C THR E 236 24.86 46.07 3.12
C THR E 236 24.86 46.04 3.14
N GLU E 237 25.49 46.76 4.06
CA GLU E 237 26.52 46.16 4.91
C GLU E 237 25.96 44.94 5.65
N LYS E 238 24.79 45.12 6.24
CA LYS E 238 24.11 44.04 6.94
C LYS E 238 23.79 42.88 5.97
N ALA E 239 23.28 43.20 4.79
CA ALA E 239 23.01 42.16 3.78
C ALA E 239 24.25 41.39 3.37
N LYS E 240 25.37 42.09 3.23
CA LYS E 240 26.63 41.46 2.86
C LYS E 240 27.13 40.48 3.93
N LYS E 241 26.99 40.86 5.20
CA LYS E 241 27.40 39.99 6.30
C LYS E 241 26.57 38.71 6.28
N LEU E 242 25.27 38.87 6.08
CA LEU E 242 24.38 37.74 6.06
C LEU E 242 24.74 36.81 4.89
N LEU E 243 24.91 37.40 3.73
CA LEU E 243 25.26 36.67 2.52
C LEU E 243 26.58 35.90 2.66
N TYR E 244 27.60 36.58 3.15
CA TYR E 244 28.91 35.96 3.30
C TYR E 244 28.84 34.75 4.23
N ALA E 245 28.16 34.92 5.37
CA ALA E 245 28.03 33.83 6.34
C ALA E 245 27.26 32.65 5.75
N LEU E 246 26.15 32.95 5.08
CA LEU E 246 25.31 31.89 4.51
C LEU E 246 26.07 31.05 3.47
N ILE E 247 26.78 31.73 2.58
CA ILE E 247 27.57 31.05 1.57
C ILE E 247 28.55 30.05 2.20
N GLN E 248 29.23 30.45 3.27
N GLN E 248 29.22 30.47 3.27
CA GLN E 248 30.21 29.57 3.92
CA GLN E 248 30.20 29.63 3.97
C GLN E 248 29.55 28.34 4.51
C GLN E 248 29.57 28.38 4.57
N LYS E 249 28.29 28.47 4.89
CA LYS E 249 27.58 27.44 5.63
C LYS E 249 26.97 26.33 4.77
N LEU E 250 26.73 26.62 3.50
CA LEU E 250 26.07 25.66 2.61
C LEU E 250 26.83 24.35 2.46
N PRO E 251 26.11 23.22 2.56
CA PRO E 251 26.69 21.91 2.20
C PRO E 251 27.02 21.89 0.71
N GLU E 252 27.78 20.89 0.28
CA GLU E 252 28.18 20.78 -1.12
C GLU E 252 26.98 20.68 -2.06
N LYS E 253 26.01 19.84 -1.70
CA LYS E 253 24.83 19.64 -2.52
C LYS E 253 23.58 19.59 -1.65
N PRO E 254 22.50 20.25 -2.09
CA PRO E 254 21.26 20.21 -1.33
C PRO E 254 20.72 18.79 -1.26
N GLU E 255 20.03 18.45 -0.17
CA GLU E 255 19.46 17.12 -0.02
C GLU E 255 18.17 16.98 -0.83
N GLU E 256 17.95 15.80 -1.39
CA GLU E 256 16.73 15.54 -2.15
C GLU E 256 15.50 15.70 -1.25
N GLY E 257 15.66 15.32 0.01
CA GLY E 257 14.55 15.36 0.96
C GLY E 257 14.25 16.73 1.54
N SER E 258 15.15 17.68 1.32
CA SER E 258 14.97 19.03 1.84
C SER E 258 14.87 20.04 0.69
N CYS E 259 14.85 19.52 -0.54
CA CYS E 259 14.71 20.34 -1.73
C CYS E 259 13.70 19.66 -2.67
N SER E 260 12.54 20.28 -2.81
CA SER E 260 11.45 19.68 -3.60
C SER E 260 11.73 19.74 -5.10
N CYS E 261 12.54 20.71 -5.53
CA CYS E 261 12.84 20.88 -6.95
C CYS E 261 14.05 20.06 -7.39
N CYS E 262 14.92 19.72 -6.44
CA CYS E 262 16.10 18.93 -6.75
C CYS E 262 15.73 17.52 -7.16
N ASN E 263 16.06 17.16 -8.40
CA ASN E 263 15.83 15.82 -8.93
C ASN E 263 14.36 15.40 -8.99
N SER E 264 13.45 16.37 -8.89
CA SER E 264 12.02 16.06 -8.88
C SER E 264 11.34 16.27 -10.23
N LEU E 265 12.12 16.59 -11.26
CA LEU E 265 11.54 16.74 -12.59
C LEU E 265 10.81 15.48 -13.01
N LYS E 266 11.31 14.33 -12.56
CA LYS E 266 10.73 13.05 -12.91
C LYS E 266 9.20 13.08 -12.88
N THR E 267 8.63 13.49 -11.75
CA THR E 267 7.19 13.46 -11.57
C THR E 267 6.48 14.64 -12.23
N ALA E 268 7.24 15.62 -12.70
CA ALA E 268 6.68 16.80 -13.35
C ALA E 268 6.52 16.61 -14.85
N LEU E 269 7.20 15.60 -15.38
CA LEU E 269 7.18 15.36 -16.82
C LEU E 269 5.96 14.56 -17.21
N VAL E 270 5.21 15.05 -18.18
CA VAL E 270 4.01 14.33 -18.58
C VAL E 270 4.40 13.03 -19.29
N MET F 1 11.92 62.09 -34.43
CA MET F 1 12.69 62.24 -35.66
C MET F 1 12.09 63.35 -36.51
N ILE F 2 10.97 63.88 -36.04
CA ILE F 2 10.23 64.90 -36.73
C ILE F 2 10.05 66.08 -35.80
N GLU F 3 10.27 67.29 -36.29
CA GLU F 3 9.94 68.47 -35.51
C GLU F 3 8.43 68.69 -35.58
N GLN F 4 7.76 68.56 -34.44
CA GLN F 4 6.32 68.80 -34.39
C GLN F 4 6.02 70.28 -34.20
N ASN F 5 5.47 70.91 -35.22
CA ASN F 5 5.19 72.35 -35.22
C ASN F 5 3.86 72.69 -34.56
N GLU F 6 2.90 71.78 -34.65
CA GLU F 6 1.60 71.97 -34.02
C GLU F 6 1.73 71.87 -32.50
N LYS F 7 0.92 72.65 -31.79
CA LYS F 7 0.95 72.65 -30.34
C LYS F 7 -0.44 72.64 -29.76
N ALA F 8 -0.62 71.88 -28.67
CA ALA F 8 -1.86 71.90 -27.90
C ALA F 8 -1.50 71.67 -26.43
N SER F 9 -2.20 72.33 -25.52
CA SER F 9 -1.92 72.15 -24.10
C SER F 9 -2.86 71.15 -23.46
N ILE F 10 -3.97 70.87 -24.13
CA ILE F 10 -4.99 69.97 -23.60
C ILE F 10 -5.28 68.87 -24.62
N GLY F 11 -5.30 67.63 -24.16
CA GLY F 11 -5.65 66.51 -25.00
C GLY F 11 -6.90 65.83 -24.51
N ILE F 12 -7.76 65.43 -25.45
N ILE F 12 -7.78 65.48 -25.44
CA ILE F 12 -8.98 64.73 -25.12
CA ILE F 12 -8.97 64.71 -25.13
C ILE F 12 -8.98 63.37 -25.80
C ILE F 12 -8.88 63.35 -25.79
N ILE F 13 -9.08 62.30 -25.01
CA ILE F 13 -9.11 60.96 -25.57
C ILE F 13 -10.53 60.46 -25.46
N GLY F 14 -11.16 60.27 -26.62
CA GLY F 14 -12.55 59.87 -26.66
C GLY F 14 -12.73 58.37 -26.76
N GLY F 15 -13.66 57.85 -25.99
CA GLY F 15 -13.95 56.43 -25.97
C GLY F 15 -15.14 56.05 -26.83
N SER F 16 -15.83 54.98 -26.43
CA SER F 16 -16.97 54.49 -27.18
C SER F 16 -18.03 55.56 -27.37
N GLY F 17 -18.51 55.67 -28.61
CA GLY F 17 -19.59 56.58 -28.93
C GLY F 17 -19.18 58.04 -28.98
N LEU F 18 -17.89 58.31 -28.85
CA LEU F 18 -17.41 59.69 -28.90
C LEU F 18 -16.37 59.91 -29.99
N TYR F 19 -16.67 59.45 -31.20
CA TYR F 19 -15.77 59.71 -32.32
C TYR F 19 -15.75 61.19 -32.66
N ASP F 20 -16.93 61.82 -32.58
CA ASP F 20 -17.02 63.27 -32.74
C ASP F 20 -17.34 63.91 -31.40
N PRO F 21 -16.37 64.65 -30.85
CA PRO F 21 -16.47 65.25 -29.52
C PRO F 21 -17.43 66.44 -29.48
N GLY F 22 -17.73 66.99 -30.65
CA GLY F 22 -18.65 68.12 -30.76
C GLY F 22 -18.25 69.34 -29.98
N ILE F 23 -16.93 69.59 -29.87
CA ILE F 23 -16.44 70.71 -29.09
C ILE F 23 -15.69 71.75 -29.94
N PHE F 24 -15.36 71.39 -31.17
CA PHE F 24 -14.54 72.26 -32.01
C PHE F 24 -15.40 73.19 -32.88
N SER F 25 -14.84 74.36 -33.21
N SER F 25 -14.85 74.36 -33.17
CA SER F 25 -15.48 75.27 -34.15
CA SER F 25 -15.47 75.26 -34.14
C SER F 25 -14.75 75.24 -35.49
C SER F 25 -14.72 75.11 -35.46
N GLU F 26 -13.44 75.46 -35.45
CA GLU F 26 -12.58 75.28 -36.61
C GLU F 26 -11.46 74.32 -36.20
N SER F 27 -11.20 73.31 -37.02
CA SER F 27 -10.20 72.30 -36.67
C SER F 27 -9.60 71.68 -37.91
N LYS F 28 -8.51 70.94 -37.72
CA LYS F 28 -7.93 70.15 -38.80
C LYS F 28 -7.38 68.85 -38.25
N GLU F 29 -7.16 67.90 -39.14
CA GLU F 29 -6.61 66.61 -38.75
C GLU F 29 -5.16 66.54 -39.16
N ILE F 30 -4.33 66.06 -38.25
CA ILE F 30 -2.89 65.96 -38.48
C ILE F 30 -2.35 64.58 -38.18
N LYS F 31 -1.26 64.23 -38.86
CA LYS F 31 -0.52 63.01 -38.57
C LYS F 31 0.63 63.38 -37.65
N VAL F 32 0.82 62.61 -36.58
CA VAL F 32 1.87 62.91 -35.63
C VAL F 32 2.86 61.74 -35.57
N TYR F 33 4.14 62.06 -35.74
CA TYR F 33 5.19 61.03 -35.65
C TYR F 33 5.25 60.40 -34.25
N THR F 34 5.34 59.08 -34.19
CA THR F 34 5.78 58.41 -32.96
C THR F 34 6.71 57.26 -33.29
N PRO F 35 7.62 56.93 -32.37
CA PRO F 35 8.51 55.78 -32.57
C PRO F 35 7.83 54.45 -32.29
N TYR F 36 6.54 54.50 -31.95
CA TYR F 36 5.74 53.32 -31.69
C TYR F 36 4.74 53.06 -32.81
N GLY F 37 4.87 53.81 -33.88
CA GLY F 37 3.98 53.63 -35.02
C GLY F 37 2.70 54.43 -34.88
N GLN F 38 1.60 53.82 -35.30
CA GLN F 38 0.35 54.53 -35.55
C GLN F 38 -0.46 54.84 -34.31
N PRO F 39 -0.74 56.14 -34.05
CA PRO F 39 -1.84 56.42 -33.13
C PRO F 39 -3.18 55.90 -33.70
N SER F 40 -4.21 55.86 -32.85
CA SER F 40 -5.51 55.29 -33.26
C SER F 40 -6.13 55.97 -34.47
N ASP F 41 -5.81 57.25 -34.68
CA ASP F 41 -6.38 58.01 -35.80
C ASP F 41 -5.52 59.24 -35.96
N PHE F 42 -5.81 60.04 -36.99
N PHE F 42 -5.83 60.01 -37.00
CA PHE F 42 -5.22 61.35 -37.06
CA PHE F 42 -5.33 61.38 -37.11
C PHE F 42 -5.74 62.14 -35.87
C PHE F 42 -5.73 62.09 -35.83
N ILE F 43 -4.93 63.06 -35.39
N ILE F 43 -4.91 63.05 -35.41
CA ILE F 43 -5.31 63.87 -34.23
CA ILE F 43 -5.26 63.91 -34.29
C ILE F 43 -5.96 65.16 -34.69
C ILE F 43 -6.05 65.09 -34.84
N THR F 44 -7.15 65.43 -34.18
CA THR F 44 -7.89 66.64 -34.50
C THR F 44 -7.38 67.76 -33.60
N ILE F 45 -6.97 68.87 -34.19
CA ILE F 45 -6.47 70.01 -33.44
C ILE F 45 -7.23 71.29 -33.79
N GLY F 46 -7.58 72.07 -32.77
CA GLY F 46 -8.30 73.32 -32.97
C GLY F 46 -8.40 74.14 -31.69
N LYS F 47 -8.90 75.37 -31.80
CA LYS F 47 -8.97 76.25 -30.65
C LYS F 47 -10.35 76.23 -30.00
N ILE F 48 -10.36 76.15 -28.66
CA ILE F 48 -11.58 76.29 -27.88
C ILE F 48 -11.31 77.33 -26.81
N GLY F 49 -12.11 78.39 -26.78
CA GLY F 49 -11.80 79.52 -25.94
C GLY F 49 -10.39 79.96 -26.28
N ASN F 50 -9.56 80.15 -25.25
CA ASN F 50 -8.17 80.55 -25.48
C ASN F 50 -7.23 79.36 -25.50
N LYS F 51 -7.79 78.17 -25.67
CA LYS F 51 -7.04 76.93 -25.56
C LYS F 51 -6.83 76.23 -26.90
N SER F 52 -5.61 75.74 -27.14
CA SER F 52 -5.38 74.83 -28.26
C SER F 52 -5.58 73.41 -27.75
N VAL F 53 -6.49 72.69 -28.38
CA VAL F 53 -6.89 71.36 -27.91
C VAL F 53 -6.68 70.29 -28.99
N ALA F 54 -6.15 69.15 -28.56
CA ALA F 54 -5.97 67.99 -29.42
C ALA F 54 -6.95 66.90 -29.02
N PHE F 55 -7.53 66.24 -30.00
CA PHE F 55 -8.48 65.16 -29.76
C PHE F 55 -8.11 63.90 -30.51
N LEU F 56 -8.26 62.77 -29.84
CA LEU F 56 -7.94 61.48 -30.40
C LEU F 56 -9.03 60.49 -29.98
N PRO F 57 -9.68 59.83 -30.95
CA PRO F 57 -10.63 58.77 -30.59
C PRO F 57 -9.86 57.45 -30.41
N ARG F 58 -9.85 56.90 -29.19
CA ARG F 58 -8.94 55.78 -28.96
C ARG F 58 -9.24 54.53 -29.80
N HIS F 59 -10.50 54.36 -30.21
CA HIS F 59 -10.87 53.20 -31.04
C HIS F 59 -10.75 53.48 -32.53
N GLY F 60 -10.38 54.71 -32.88
CA GLY F 60 -10.22 55.08 -34.28
C GLY F 60 -11.52 55.25 -35.03
N ARG F 61 -11.40 55.60 -36.31
CA ARG F 61 -12.53 55.75 -37.20
C ARG F 61 -13.38 54.48 -37.23
N GLY F 62 -14.70 54.64 -37.15
CA GLY F 62 -15.61 53.51 -37.21
C GLY F 62 -15.43 52.52 -36.07
N HIS F 63 -14.83 52.96 -34.97
CA HIS F 63 -14.57 52.08 -33.83
C HIS F 63 -13.90 50.80 -34.33
N ARG F 64 -12.81 50.96 -35.08
CA ARG F 64 -12.15 49.82 -35.71
C ARG F 64 -11.14 49.11 -34.83
N ILE F 65 -10.74 49.68 -33.69
CA ILE F 65 -9.66 49.12 -32.89
C ILE F 65 -10.21 48.73 -31.52
N PRO F 66 -10.12 47.43 -31.18
CA PRO F 66 -10.58 46.97 -29.86
C PRO F 66 -9.54 47.29 -28.79
N PRO F 67 -9.93 47.28 -27.51
CA PRO F 67 -9.08 47.74 -26.42
C PRO F 67 -7.72 47.04 -26.35
N HIS F 68 -7.68 45.75 -26.66
CA HIS F 68 -6.43 45.01 -26.57
C HIS F 68 -5.44 45.32 -27.68
N LYS F 69 -5.91 46.00 -28.74
CA LYS F 69 -5.04 46.34 -29.87
C LYS F 69 -4.74 47.84 -29.97
N ILE F 70 -5.26 48.64 -29.06
CA ILE F 70 -4.97 50.06 -29.09
C ILE F 70 -3.47 50.31 -28.85
N ASN F 71 -2.90 51.20 -29.65
CA ASN F 71 -1.51 51.57 -29.53
C ASN F 71 -1.40 52.69 -28.49
N TYR F 72 -1.50 52.29 -27.22
CA TYR F 72 -1.51 53.26 -26.12
C TYR F 72 -0.24 54.11 -26.10
N ARG F 73 0.90 53.47 -26.36
CA ARG F 73 2.15 54.20 -26.38
C ARG F 73 2.19 55.27 -27.48
N ALA F 74 1.75 54.90 -28.69
CA ALA F 74 1.70 55.88 -29.77
C ALA F 74 0.75 57.03 -29.46
N ASN F 75 -0.39 56.71 -28.86
CA ASN F 75 -1.37 57.77 -28.57
C ASN F 75 -0.83 58.78 -27.58
N ILE F 76 -0.23 58.29 -26.48
CA ILE F 76 0.29 59.19 -25.47
C ILE F 76 1.54 59.91 -25.97
N TRP F 77 2.41 59.21 -26.70
CA TRP F 77 3.57 59.86 -27.28
C TRP F 77 3.16 61.01 -28.20
N ALA F 78 2.17 60.79 -29.06
CA ALA F 78 1.70 61.83 -29.96
C ALA F 78 1.24 63.07 -29.20
N LEU F 79 0.47 62.88 -28.13
CA LEU F 79 0.00 64.01 -27.33
C LEU F 79 1.19 64.73 -26.70
N LYS F 80 2.18 63.97 -26.22
CA LYS F 80 3.36 64.58 -25.63
C LYS F 80 4.10 65.44 -26.66
N GLU F 81 4.21 64.95 -27.88
CA GLU F 81 4.90 65.67 -28.94
C GLU F 81 4.22 67.01 -29.23
N LEU F 82 2.91 67.06 -29.02
CA LEU F 82 2.14 68.29 -29.23
C LEU F 82 2.25 69.25 -28.05
N GLY F 83 2.86 68.82 -26.95
CA GLY F 83 3.02 69.68 -25.79
C GLY F 83 1.85 69.60 -24.82
N VAL F 84 1.05 68.53 -24.91
CA VAL F 84 -0.11 68.39 -24.06
C VAL F 84 0.27 68.23 -22.58
N ARG F 85 -0.40 68.98 -21.72
CA ARG F 85 -0.16 68.95 -20.28
C ARG F 85 -1.33 68.32 -19.52
N TRP F 86 -2.54 68.54 -20.02
CA TRP F 86 -3.76 68.00 -19.42
C TRP F 86 -4.35 66.97 -20.36
N VAL F 87 -4.73 65.80 -19.84
CA VAL F 87 -5.39 64.80 -20.66
C VAL F 87 -6.71 64.41 -20.01
N ILE F 88 -7.79 64.65 -20.73
CA ILE F 88 -9.13 64.28 -20.28
C ILE F 88 -9.59 63.07 -21.06
N SER F 89 -9.79 61.95 -20.38
CA SER F 89 -10.33 60.77 -21.01
C SER F 89 -11.84 60.71 -20.78
N VAL F 90 -12.60 60.39 -21.83
CA VAL F 90 -14.02 60.15 -21.66
C VAL F 90 -14.27 58.70 -22.04
N SER F 91 -14.88 57.95 -21.14
N SER F 91 -14.82 57.91 -21.13
CA SER F 91 -15.02 56.51 -21.32
CA SER F 91 -14.98 56.47 -21.40
C SER F 91 -16.40 55.98 -21.00
C SER F 91 -16.26 55.85 -20.87
N ALA F 92 -16.72 54.82 -21.57
CA ALA F 92 -17.93 54.08 -21.25
C ALA F 92 -17.54 53.00 -20.26
N VAL F 93 -18.30 52.87 -19.18
CA VAL F 93 -18.01 51.87 -18.18
C VAL F 93 -19.26 51.12 -17.74
N GLY F 94 -19.07 49.91 -17.24
CA GLY F 94 -20.14 49.20 -16.56
C GLY F 94 -20.16 49.58 -15.10
N SER F 95 -21.36 49.56 -14.52
CA SER F 95 -21.48 49.76 -13.09
C SER F 95 -21.58 48.43 -12.36
N LEU F 96 -20.89 48.33 -11.23
CA LEU F 96 -20.93 47.12 -10.41
C LEU F 96 -21.75 47.36 -9.15
N ARG F 97 -22.44 48.49 -9.10
CA ARG F 97 -23.24 48.86 -7.93
C ARG F 97 -24.52 49.58 -8.37
N MET F 98 -25.65 49.19 -7.79
CA MET F 98 -26.95 49.64 -8.30
C MET F 98 -27.26 51.13 -8.09
N ASP F 99 -26.48 51.81 -7.26
CA ASP F 99 -26.65 53.26 -7.11
C ASP F 99 -25.82 54.09 -8.11
N TYR F 100 -24.89 53.45 -8.80
CA TYR F 100 -24.24 54.08 -9.95
C TYR F 100 -25.08 53.68 -11.16
N LYS F 101 -25.97 54.59 -11.58
CA LYS F 101 -27.05 54.27 -12.51
C LYS F 101 -26.73 54.62 -13.96
N LEU F 102 -27.45 54.02 -14.91
CA LEU F 102 -27.25 54.32 -16.32
C LEU F 102 -27.30 55.82 -16.58
N GLY F 103 -26.30 56.33 -17.28
CA GLY F 103 -26.24 57.74 -17.60
C GLY F 103 -25.57 58.61 -16.55
N ASP F 104 -25.31 58.06 -15.37
CA ASP F 104 -24.55 58.80 -14.36
C ASP F 104 -23.11 58.91 -14.82
N PHE F 105 -22.46 60.03 -14.53
CA PHE F 105 -21.02 60.14 -14.68
C PHE F 105 -20.32 59.73 -13.39
N VAL F 106 -19.09 59.26 -13.54
CA VAL F 106 -18.24 58.89 -12.41
C VAL F 106 -16.86 59.45 -12.66
N ILE F 107 -16.29 60.12 -11.67
CA ILE F 107 -14.91 60.58 -11.74
C ILE F 107 -14.07 59.67 -10.83
N PRO F 108 -13.56 58.56 -11.39
CA PRO F 108 -12.88 57.61 -10.51
C PRO F 108 -11.63 58.20 -9.85
N ASP F 109 -11.30 57.70 -8.67
CA ASP F 109 -10.07 58.10 -7.97
C ASP F 109 -9.07 56.97 -7.81
N GLN F 110 -9.45 55.74 -8.15
CA GLN F 110 -8.57 54.59 -8.00
C GLN F 110 -8.78 53.62 -9.14
N PHE F 111 -7.82 52.74 -9.36
CA PHE F 111 -8.05 51.63 -10.28
C PHE F 111 -7.41 50.34 -9.80
N ILE F 112 -7.89 49.23 -10.37
CA ILE F 112 -7.28 47.93 -10.19
C ILE F 112 -7.05 47.34 -11.58
N ASP F 113 -5.80 46.99 -11.87
CA ASP F 113 -5.41 46.52 -13.20
C ASP F 113 -5.51 45.00 -13.33
N MET F 114 -6.48 44.53 -14.09
CA MET F 114 -6.59 43.10 -14.38
C MET F 114 -6.34 42.80 -15.87
N THR F 115 -5.66 43.70 -16.57
CA THR F 115 -5.31 43.45 -17.96
C THR F 115 -4.22 42.38 -18.03
N LYS F 116 -4.01 41.86 -19.24
N LYS F 116 -3.98 41.91 -19.24
CA LYS F 116 -3.19 40.66 -19.41
CA LYS F 116 -2.97 40.89 -19.47
C LYS F 116 -2.04 40.84 -20.41
C LYS F 116 -2.23 41.23 -20.76
N ASN F 117 -2.36 41.29 -21.63
N ASN F 117 -0.91 41.08 -20.76
CA ASN F 117 -1.34 41.33 -22.68
CA ASN F 117 -0.12 41.10 -21.99
C ASN F 117 -1.12 42.70 -23.31
C ASN F 117 -0.11 42.38 -22.83
N ARG F 118 -0.70 43.66 -22.49
N ARG F 118 -0.40 43.53 -22.22
CA ARG F 118 -0.44 45.01 -22.96
CA ARG F 118 -0.26 44.80 -22.93
C ARG F 118 1.04 45.38 -22.76
C ARG F 118 1.10 45.42 -22.66
N GLU F 119 1.43 46.50 -23.34
CA GLU F 119 2.72 47.15 -23.12
C GLU F 119 2.52 48.30 -22.14
N TYR F 120 3.14 48.20 -20.97
CA TYR F 120 2.76 49.05 -19.85
C TYR F 120 3.58 50.31 -19.63
N SER F 121 4.69 50.47 -20.35
CA SER F 121 5.62 51.54 -20.02
C SER F 121 6.34 52.07 -21.25
N PHE F 122 6.80 53.31 -21.15
CA PHE F 122 7.75 53.91 -22.08
C PHE F 122 9.20 53.60 -21.71
N PHE F 123 9.42 53.06 -20.51
CA PHE F 123 10.77 52.89 -19.98
C PHE F 123 11.20 51.42 -19.93
N ASP F 124 11.82 50.97 -21.01
CA ASP F 124 12.23 49.58 -21.11
C ASP F 124 13.74 49.39 -20.87
N GLY F 125 14.43 50.45 -20.46
CA GLY F 125 15.87 50.43 -20.28
C GLY F 125 16.56 51.20 -21.40
N PRO F 126 17.70 51.83 -21.12
CA PRO F 126 18.51 51.72 -19.91
C PRO F 126 18.16 52.73 -18.83
N VAL F 127 17.23 53.63 -19.10
CA VAL F 127 16.76 54.57 -18.08
C VAL F 127 15.53 53.95 -17.44
N VAL F 128 15.71 53.44 -16.24
CA VAL F 128 14.65 52.72 -15.55
C VAL F 128 13.86 53.70 -14.69
N ALA F 129 12.54 53.64 -14.83
CA ALA F 129 11.65 54.49 -14.05
C ALA F 129 10.51 53.67 -13.48
N HIS F 130 10.23 53.94 -12.21
CA HIS F 130 9.13 53.29 -11.49
C HIS F 130 8.22 54.38 -10.95
N VAL F 131 7.20 54.77 -11.71
N VAL F 131 7.20 54.73 -11.71
CA VAL F 131 6.34 55.87 -11.26
CA VAL F 131 6.31 55.81 -11.30
C VAL F 131 5.41 55.49 -10.13
C VAL F 131 5.46 55.40 -10.11
N SER F 132 5.31 56.37 -9.15
N SER F 132 5.16 56.38 -9.25
CA SER F 132 4.33 56.23 -8.08
CA SER F 132 4.32 56.16 -8.08
C SER F 132 2.95 56.53 -8.63
C SER F 132 2.86 56.44 -8.43
N MET F 133 1.97 55.72 -8.25
N MET F 133 2.02 55.41 -8.39
CA MET F 133 0.61 55.95 -8.70
CA MET F 133 0.61 55.54 -8.77
C MET F 133 -0.41 55.56 -7.62
C MET F 133 -0.37 55.35 -7.60
N ALA F 134 0.04 55.66 -6.37
CA ALA F 134 -0.83 55.44 -5.22
C ALA F 134 -2.17 56.15 -5.44
N ASP F 135 -2.11 57.40 -5.88
CA ASP F 135 -3.30 58.13 -6.31
C ASP F 135 -3.13 58.35 -7.80
N PRO F 136 -3.70 57.43 -8.61
CA PRO F 136 -3.24 57.32 -10.00
C PRO F 136 -3.71 58.45 -10.92
N PHE F 137 -4.77 59.17 -10.55
CA PHE F 137 -5.27 60.26 -11.38
C PHE F 137 -4.80 61.61 -10.85
N CYS F 138 -4.80 62.60 -11.74
CA CYS F 138 -4.41 63.95 -11.36
C CYS F 138 -5.49 64.62 -10.50
N ASN F 139 -5.15 64.93 -9.26
CA ASN F 139 -6.10 65.50 -8.31
C ASN F 139 -6.70 66.82 -8.79
N SER F 140 -5.86 67.70 -9.33
CA SER F 140 -6.34 69.01 -9.74
C SER F 140 -7.36 68.89 -10.88
N LEU F 141 -7.11 67.99 -11.82
CA LEU F 141 -8.03 67.77 -12.92
C LEU F 141 -9.33 67.09 -12.45
N ARG F 142 -9.22 66.08 -11.60
CA ARG F 142 -10.43 65.49 -11.02
C ARG F 142 -11.29 66.55 -10.35
N LYS F 143 -10.67 67.39 -9.53
CA LYS F 143 -11.41 68.39 -8.79
C LYS F 143 -12.12 69.38 -9.71
N LEU F 144 -11.46 69.76 -10.79
CA LEU F 144 -12.06 70.66 -11.76
C LEU F 144 -13.21 70.00 -12.51
N ALA F 145 -13.09 68.72 -12.82
CA ALA F 145 -14.18 67.98 -13.46
C ALA F 145 -15.39 67.90 -12.54
N ILE F 146 -15.12 67.63 -11.27
CA ILE F 146 -16.20 67.60 -10.27
C ILE F 146 -16.90 68.96 -10.13
N GLU F 147 -16.11 70.03 -10.07
CA GLU F 147 -16.66 71.38 -10.00
C GLU F 147 -17.54 71.70 -11.21
N THR F 148 -17.07 71.29 -12.38
CA THR F 148 -17.80 71.53 -13.62
C THR F 148 -19.15 70.82 -13.61
N ALA F 149 -19.14 69.55 -13.22
CA ALA F 149 -20.39 68.79 -13.09
C ALA F 149 -21.36 69.42 -12.12
N LYS F 150 -20.86 69.89 -10.97
CA LYS F 150 -21.72 70.56 -10.00
C LYS F 150 -22.32 71.84 -10.57
N GLU F 151 -21.51 72.60 -11.29
CA GLU F 151 -21.93 73.86 -11.88
C GLU F 151 -23.00 73.66 -12.95
N LEU F 152 -22.88 72.57 -13.70
N LEU F 152 -22.88 72.57 -13.70
CA LEU F 152 -23.83 72.25 -14.76
CA LEU F 152 -23.84 72.26 -14.76
C LEU F 152 -25.03 71.46 -14.26
C LEU F 152 -24.98 71.37 -14.28
N ASN F 153 -24.99 71.06 -12.99
CA ASN F 153 -26.04 70.22 -12.40
C ASN F 153 -26.17 68.87 -13.12
N ILE F 154 -25.03 68.25 -13.41
CA ILE F 154 -25.00 66.96 -14.07
C ILE F 154 -24.67 65.88 -13.03
N LYS F 155 -25.54 64.90 -12.87
CA LYS F 155 -25.36 63.89 -11.83
C LYS F 155 -24.07 63.12 -12.03
N THR F 156 -23.22 63.20 -11.02
CA THR F 156 -21.85 62.70 -11.10
C THR F 156 -21.38 62.18 -9.76
N HIS F 157 -20.87 60.95 -9.74
CA HIS F 157 -20.28 60.39 -8.53
C HIS F 157 -18.82 60.81 -8.45
N GLU F 158 -18.41 61.30 -7.29
CA GLU F 158 -17.15 61.99 -7.15
C GLU F 158 -15.97 61.12 -6.73
N SER F 159 -16.17 59.81 -6.79
CA SER F 159 -15.08 58.87 -6.52
C SER F 159 -15.46 57.53 -7.09
N GLY F 160 -14.54 56.58 -7.04
CA GLY F 160 -14.84 55.25 -7.54
C GLY F 160 -13.60 54.52 -7.97
N THR F 161 -13.65 53.21 -7.82
CA THR F 161 -12.55 52.35 -8.25
C THR F 161 -12.92 51.66 -9.56
N TYR F 162 -12.08 51.88 -10.57
CA TYR F 162 -12.27 51.32 -11.90
C TYR F 162 -11.42 50.05 -12.01
N ILE F 163 -12.08 48.93 -12.24
CA ILE F 163 -11.35 47.70 -12.54
C ILE F 163 -11.22 47.57 -14.05
N CYS F 164 -9.98 47.45 -14.52
CA CYS F 164 -9.70 47.34 -15.95
C CYS F 164 -9.43 45.90 -16.32
N ILE F 165 -10.27 45.35 -17.18
CA ILE F 165 -10.09 43.99 -17.65
C ILE F 165 -9.56 43.97 -19.08
N GLU F 166 -9.10 42.80 -19.49
CA GLU F 166 -8.41 42.66 -20.76
C GLU F 166 -9.36 42.71 -21.96
N GLY F 167 -10.49 42.01 -21.85
CA GLY F 167 -11.40 41.90 -22.97
C GLY F 167 -10.79 41.08 -24.11
N PRO F 168 -11.42 41.10 -25.28
CA PRO F 168 -12.63 41.88 -25.58
C PRO F 168 -13.93 41.29 -25.01
N ARG F 169 -13.93 40.03 -24.60
CA ARG F 169 -15.14 39.50 -23.97
C ARG F 169 -15.48 40.25 -22.68
N PHE F 170 -16.77 40.29 -22.37
CA PHE F 170 -17.19 40.78 -21.07
C PHE F 170 -16.99 39.71 -19.99
N SER F 171 -17.09 40.13 -18.73
CA SER F 171 -16.84 39.24 -17.60
C SER F 171 -17.88 38.15 -17.41
N THR F 172 -17.44 37.02 -16.87
CA THR F 172 -18.39 36.02 -16.37
C THR F 172 -19.05 36.48 -15.05
N ARG F 173 -20.16 35.85 -14.69
CA ARG F 173 -20.78 36.17 -13.41
C ARG F 173 -19.82 35.94 -12.26
N ALA F 174 -19.06 34.85 -12.30
CA ALA F 174 -18.12 34.57 -11.22
C ALA F 174 -17.04 35.65 -11.13
N GLU F 175 -16.55 36.12 -12.27
CA GLU F 175 -15.59 37.21 -12.28
C GLU F 175 -16.20 38.49 -11.71
N SER F 176 -17.40 38.83 -12.17
CA SER F 176 -18.02 40.07 -11.72
C SER F 176 -18.34 40.07 -10.23
N ARG F 177 -18.72 38.91 -9.70
CA ARG F 177 -18.93 38.79 -8.26
C ARG F 177 -17.62 39.08 -7.53
N THR F 178 -16.52 38.60 -8.09
CA THR F 178 -15.21 38.86 -7.51
C THR F 178 -14.89 40.35 -7.56
N TRP F 179 -15.08 40.98 -8.71
CA TRP F 179 -14.79 42.40 -8.82
C TRP F 179 -15.53 43.23 -7.80
N ARG F 180 -16.81 42.90 -7.60
CA ARG F 180 -17.65 43.70 -6.73
C ARG F 180 -17.52 43.33 -5.26
N GLU F 181 -17.70 42.05 -4.93
CA GLU F 181 -17.77 41.62 -3.53
C GLU F 181 -16.40 41.52 -2.86
N VAL F 182 -15.38 41.17 -3.65
CA VAL F 182 -14.05 40.97 -3.12
C VAL F 182 -13.14 42.19 -3.31
N TYR F 183 -12.96 42.62 -4.56
CA TYR F 183 -12.12 43.79 -4.86
C TYR F 183 -12.76 45.10 -4.46
N LYS F 184 -14.09 45.10 -4.35
CA LYS F 184 -14.82 46.31 -4.01
C LYS F 184 -14.68 47.39 -5.08
N ALA F 185 -14.60 46.97 -6.35
CA ALA F 185 -14.60 47.89 -7.48
C ALA F 185 -16.01 48.45 -7.70
N ASP F 186 -16.05 49.63 -8.30
CA ASP F 186 -17.31 50.35 -8.52
C ASP F 186 -17.74 50.35 -9.97
N ILE F 187 -16.78 50.53 -10.87
CA ILE F 187 -17.04 50.55 -12.31
C ILE F 187 -16.00 49.69 -13.02
N ILE F 188 -16.32 49.30 -14.25
CA ILE F 188 -15.48 48.38 -15.01
C ILE F 188 -15.34 48.79 -16.47
N GLY F 189 -14.13 48.67 -17.00
CA GLY F 189 -13.88 48.99 -18.39
C GLY F 189 -12.68 48.23 -18.89
N MET F 190 -12.30 48.51 -20.14
CA MET F 190 -11.21 47.77 -20.79
C MET F 190 -10.06 48.65 -21.28
N THR F 191 -10.13 49.97 -21.13
CA THR F 191 -9.19 50.86 -21.80
C THR F 191 -8.34 51.76 -20.90
N LEU F 192 -8.63 51.79 -19.62
CA LEU F 192 -7.93 52.73 -18.74
C LEU F 192 -6.43 52.45 -18.66
N VAL F 193 -6.07 51.17 -18.54
CA VAL F 193 -4.69 50.77 -18.40
C VAL F 193 -4.26 50.15 -19.72
N PRO F 194 -3.09 50.55 -20.26
CA PRO F 194 -2.02 51.37 -19.68
C PRO F 194 -2.08 52.87 -20.01
N GLU F 195 -3.19 53.36 -20.55
CA GLU F 195 -3.29 54.76 -20.90
C GLU F 195 -2.90 55.67 -19.73
N VAL F 196 -3.45 55.39 -18.54
CA VAL F 196 -3.20 56.22 -17.37
C VAL F 196 -1.72 56.14 -16.91
N ASN F 197 -1.13 54.94 -16.97
CA ASN F 197 0.30 54.74 -16.60
C ASN F 197 1.19 55.59 -17.49
N LEU F 198 0.92 55.50 -18.78
CA LEU F 198 1.78 56.12 -19.77
C LEU F 198 1.66 57.63 -19.67
N ALA F 199 0.44 58.12 -19.45
CA ALA F 199 0.27 59.56 -19.24
C ALA F 199 1.08 60.05 -18.04
N CYS F 200 1.10 59.26 -16.96
CA CYS F 200 1.90 59.62 -15.79
C CYS F 200 3.40 59.67 -16.10
N GLU F 201 3.89 58.65 -16.81
CA GLU F 201 5.30 58.60 -17.22
C GLU F 201 5.66 59.77 -18.12
N ALA F 202 4.70 60.22 -18.93
CA ALA F 202 4.87 61.38 -19.79
C ALA F 202 4.71 62.71 -19.06
N GLN F 203 4.48 62.64 -17.74
CA GLN F 203 4.35 63.82 -16.88
C GLN F 203 3.15 64.67 -17.27
N MET F 204 2.06 63.99 -17.60
N MET F 204 2.10 64.02 -17.76
CA MET F 204 0.78 64.64 -17.88
CA MET F 204 0.88 64.72 -18.12
C MET F 204 -0.15 64.57 -16.68
C MET F 204 -0.18 64.46 -17.07
N CYS F 205 -1.12 65.47 -16.67
N CYS F 205 -0.95 65.48 -16.74
CA CYS F 205 -2.19 65.52 -15.68
CA CYS F 205 -2.02 65.36 -15.77
C CYS F 205 -3.43 64.84 -16.28
C CYS F 205 -3.24 64.73 -16.44
N TYR F 206 -3.62 63.56 -15.94
CA TYR F 206 -4.65 62.74 -16.58
C TYR F 206 -5.81 62.45 -15.63
N ALA F 207 -7.03 62.56 -16.15
CA ALA F 207 -8.21 62.15 -15.37
C ALA F 207 -9.26 61.57 -16.31
N THR F 208 -10.08 60.68 -15.77
CA THR F 208 -11.16 60.04 -16.50
C THR F 208 -12.52 60.56 -16.10
N ILE F 209 -13.33 60.89 -17.11
CA ILE F 209 -14.75 61.13 -16.93
C ILE F 209 -15.43 59.90 -17.49
N ALA F 210 -15.96 59.07 -16.61
CA ALA F 210 -16.61 57.84 -17.03
C ALA F 210 -18.12 58.00 -17.06
N MET F 211 -18.78 57.36 -18.02
N MET F 211 -18.76 57.33 -18.02
CA MET F 211 -20.23 57.35 -18.02
CA MET F 211 -20.21 57.31 -18.15
C MET F 211 -20.75 55.93 -17.99
C MET F 211 -20.67 55.88 -17.94
N VAL F 212 -21.64 55.68 -17.04
CA VAL F 212 -22.20 54.36 -16.84
C VAL F 212 -23.13 54.03 -17.99
N THR F 213 -22.79 52.96 -18.71
CA THR F 213 -23.53 52.55 -19.90
C THR F 213 -24.26 51.22 -19.73
N ASP F 214 -24.02 50.54 -18.61
CA ASP F 214 -24.63 49.24 -18.36
C ASP F 214 -24.36 48.83 -16.92
N TYR F 215 -25.07 47.79 -16.46
CA TYR F 215 -24.89 47.24 -15.12
C TYR F 215 -24.12 45.92 -15.15
N ASP F 216 -23.23 45.78 -16.12
CA ASP F 216 -22.44 44.55 -16.25
C ASP F 216 -23.34 43.30 -16.24
N VAL F 217 -23.06 42.33 -15.39
CA VAL F 217 -23.88 41.11 -15.33
C VAL F 217 -25.11 41.22 -14.41
N PHE F 218 -25.30 42.38 -13.79
CA PHE F 218 -26.20 42.49 -12.64
C PHE F 218 -27.66 42.87 -12.90
N ALA F 219 -27.98 43.28 -14.12
CA ALA F 219 -29.38 43.47 -14.51
C ALA F 219 -29.96 42.16 -15.02
N GLU F 220 -31.27 42.12 -15.21
CA GLU F 220 -31.93 40.91 -15.71
C GLU F 220 -31.28 40.46 -17.02
N ILE F 221 -30.93 41.42 -17.87
CA ILE F 221 -30.23 41.11 -19.10
C ILE F 221 -28.78 41.62 -19.02
N PRO F 222 -27.80 40.71 -19.14
CA PRO F 222 -26.39 41.09 -19.00
C PRO F 222 -25.96 42.07 -20.09
N VAL F 223 -24.95 42.87 -19.78
CA VAL F 223 -24.37 43.82 -20.72
C VAL F 223 -24.09 43.21 -22.10
N THR F 224 -24.40 43.98 -23.14
CA THR F 224 -24.01 43.64 -24.51
C THR F 224 -23.39 44.88 -25.14
N ALA F 225 -22.63 44.70 -26.22
CA ALA F 225 -22.03 45.84 -26.88
C ALA F 225 -23.09 46.77 -27.43
N GLU F 226 -24.21 46.20 -27.87
CA GLU F 226 -25.33 46.97 -28.37
C GLU F 226 -25.84 47.93 -27.31
N GLU F 227 -25.98 47.45 -26.08
CA GLU F 227 -26.44 48.31 -24.98
C GLU F 227 -25.47 49.45 -24.70
N VAL F 228 -24.18 49.13 -24.65
CA VAL F 228 -23.18 50.15 -24.38
C VAL F 228 -23.29 51.30 -25.38
N THR F 229 -23.34 50.94 -26.66
N THR F 229 -23.37 50.97 -26.66
CA THR F 229 -23.49 51.91 -27.74
CA THR F 229 -23.44 52.00 -27.70
C THR F 229 -24.72 52.76 -27.54
C THR F 229 -24.76 52.78 -27.64
N ARG F 230 -25.86 52.10 -27.33
CA ARG F 230 -27.14 52.76 -27.20
C ARG F 230 -27.15 53.77 -26.03
N VAL F 231 -26.68 53.33 -24.88
CA VAL F 231 -26.72 54.20 -23.70
C VAL F 231 -25.77 55.39 -23.86
N MET F 232 -24.60 55.17 -24.45
N MET F 232 -24.58 55.16 -24.42
CA MET F 232 -23.67 56.27 -24.67
CA MET F 232 -23.67 56.26 -24.71
C MET F 232 -24.25 57.31 -25.64
C MET F 232 -24.37 57.29 -25.57
N ALA F 233 -24.95 56.83 -26.68
CA ALA F 233 -25.59 57.73 -27.63
C ALA F 233 -26.64 58.62 -26.96
N GLU F 234 -27.36 58.05 -25.98
CA GLU F 234 -28.43 58.76 -25.30
C GLU F 234 -27.90 59.90 -24.44
N ASN F 235 -26.59 59.86 -24.16
CA ASN F 235 -26.00 60.78 -23.20
C ASN F 235 -24.83 61.61 -23.74
N THR F 236 -24.62 61.57 -25.06
CA THR F 236 -23.50 62.29 -25.67
C THR F 236 -23.61 63.79 -25.49
N GLU F 237 -24.83 64.32 -25.54
CA GLU F 237 -25.05 65.75 -25.36
C GLU F 237 -24.54 66.22 -23.99
N LYS F 238 -24.92 65.53 -22.93
CA LYS F 238 -24.42 65.83 -21.60
C LYS F 238 -22.89 65.77 -21.54
N ALA F 239 -22.32 64.74 -22.15
CA ALA F 239 -20.87 64.57 -22.14
C ALA F 239 -20.19 65.75 -22.81
N LYS F 240 -20.74 66.19 -23.94
CA LYS F 240 -20.18 67.33 -24.67
C LYS F 240 -20.25 68.64 -23.88
N LYS F 241 -21.37 68.87 -23.20
CA LYS F 241 -21.50 70.07 -22.37
C LYS F 241 -20.47 70.08 -21.25
N LEU F 242 -20.29 68.93 -20.60
CA LEU F 242 -19.33 68.81 -19.52
C LEU F 242 -17.92 69.08 -20.05
N LEU F 243 -17.60 68.42 -21.15
CA LEU F 243 -16.30 68.57 -21.79
C LEU F 243 -15.99 70.00 -22.19
N TYR F 244 -16.94 70.65 -22.87
CA TYR F 244 -16.74 72.01 -23.33
C TYR F 244 -16.48 72.94 -22.15
N ALA F 245 -17.27 72.80 -21.08
CA ALA F 245 -17.11 73.64 -19.92
C ALA F 245 -15.78 73.40 -19.21
N LEU F 246 -15.41 72.13 -19.05
CA LEU F 246 -14.19 71.79 -18.32
C LEU F 246 -12.96 72.31 -19.02
N ILE F 247 -12.91 72.13 -20.34
CA ILE F 247 -11.77 72.59 -21.12
C ILE F 247 -11.48 74.08 -20.87
N GLN F 248 -12.51 74.91 -20.89
CA GLN F 248 -12.29 76.33 -20.68
C GLN F 248 -11.96 76.70 -19.25
N LYS F 249 -12.30 75.81 -18.32
CA LYS F 249 -12.07 76.04 -16.90
C LYS F 249 -10.61 75.80 -16.53
N LEU F 250 -9.92 74.97 -17.30
CA LEU F 250 -8.55 74.59 -16.97
C LEU F 250 -7.59 75.78 -16.93
N PRO F 251 -6.76 75.86 -15.89
CA PRO F 251 -5.65 76.83 -15.87
C PRO F 251 -4.60 76.47 -16.93
N GLU F 252 -3.69 77.40 -17.20
CA GLU F 252 -2.68 77.21 -18.24
C GLU F 252 -1.83 75.96 -18.01
N LYS F 253 -1.38 75.77 -16.78
CA LYS F 253 -0.58 74.61 -16.44
C LYS F 253 -1.04 74.03 -15.10
N PRO F 254 -1.01 72.70 -14.97
CA PRO F 254 -1.41 72.04 -13.73
C PRO F 254 -0.56 72.49 -12.55
N GLU F 255 -1.17 72.56 -11.37
CA GLU F 255 -0.49 73.05 -10.17
C GLU F 255 0.63 72.12 -9.69
N GLU F 256 1.50 72.66 -8.84
CA GLU F 256 2.61 71.89 -8.29
C GLU F 256 2.14 70.77 -7.38
N GLY F 257 1.52 71.13 -6.26
CA GLY F 257 1.08 70.16 -5.28
C GLY F 257 -0.26 69.51 -5.59
N SER F 258 -0.75 69.70 -6.82
CA SER F 258 -2.05 69.16 -7.20
C SER F 258 -1.96 68.16 -8.36
N CYS F 259 -0.74 67.84 -8.77
CA CYS F 259 -0.51 66.85 -9.82
C CYS F 259 0.72 66.02 -9.47
N SER F 260 0.49 64.79 -9.03
CA SER F 260 1.57 63.94 -8.52
C SER F 260 2.51 63.47 -9.63
N CYS F 261 2.02 63.44 -10.87
CA CYS F 261 2.83 62.98 -11.99
C CYS F 261 3.61 64.11 -12.65
N CYS F 262 3.13 65.34 -12.49
CA CYS F 262 3.83 66.51 -13.04
C CYS F 262 5.14 66.75 -12.30
N ASN F 263 6.24 66.69 -13.04
CA ASN F 263 7.56 66.97 -12.49
C ASN F 263 7.97 66.03 -11.36
N SER F 264 7.41 64.82 -11.36
CA SER F 264 7.72 63.86 -10.30
C SER F 264 8.63 62.73 -10.77
N LEU F 265 9.01 62.77 -12.05
CA LEU F 265 9.88 61.74 -12.62
C LEU F 265 11.19 61.60 -11.85
N LYS F 266 11.69 62.70 -11.28
CA LYS F 266 12.97 62.69 -10.59
C LYS F 266 13.09 61.57 -9.55
N THR F 267 12.07 61.42 -8.71
CA THR F 267 12.09 60.41 -7.67
C THR F 267 11.73 59.01 -8.19
N ALA F 268 11.28 58.93 -9.43
CA ALA F 268 10.91 57.66 -10.05
C ALA F 268 12.07 57.02 -10.80
N LEU F 269 13.08 57.83 -11.13
CA LEU F 269 14.22 57.34 -11.90
C LEU F 269 15.21 56.66 -10.97
N VAL F 270 15.56 55.43 -11.27
CA VAL F 270 16.46 54.68 -10.40
C VAL F 270 17.85 55.32 -10.47
#